data_3GE4
#
_entry.id   3GE4
#
_cell.length_a   95.240
_cell.length_b   98.330
_cell.length_c   105.450
_cell.angle_alpha   90.00
_cell.angle_beta   89.98
_cell.angle_gamma   90.00
#
_symmetry.space_group_name_H-M   'P 1 21 1'
#
loop_
_entity.id
_entity.type
_entity.pdbx_description
1 polymer 'DNA PROTECTION DURING STARVATION PROTEIN'
2 non-polymer 'CALCIUM ION'
3 water water
#
_entity_poly.entity_id   1
_entity_poly.type   'polypeptide(L)'
_entity_poly.pdbx_seq_one_letter_code
;MAHHHHHHMPKKSMHATRNDLPSNTKTTMIALLNENLAATIDLALITKQAHWNLKGPQFIAVHEMLDGFRAELDDHVDTI
AERAVQIGGTAYGTTQVVVKESRLKPYPTDIYAVHDHLVALIERYGDVANLVRKSIKDADDAGDDDTADIFTAASRSLDK
ALWFLEAHVQESN
;
_entity_poly.pdbx_strand_id   A,B,C,D,E,F,G,H,I,J,K,L
#
# COMPACT_ATOMS: atom_id res chain seq x y z
N SER A 13 28.75 -29.53 16.56
CA SER A 13 27.92 -28.82 15.53
C SER A 13 26.41 -28.86 15.85
N MET A 14 26.08 -29.55 16.94
CA MET A 14 24.71 -29.76 17.33
C MET A 14 24.36 -28.97 18.60
N HIS A 15 23.07 -28.62 18.72
CA HIS A 15 22.52 -28.05 19.95
C HIS A 15 21.23 -28.75 20.32
N ALA A 16 20.96 -28.76 21.61
CA ALA A 16 19.83 -29.46 22.19
C ALA A 16 18.52 -28.78 21.80
N THR A 17 17.48 -29.57 21.60
CA THR A 17 16.15 -29.05 21.28
C THR A 17 15.07 -29.99 21.81
N ARG A 18 13.95 -29.41 22.22
CA ARG A 18 12.76 -30.19 22.62
C ARG A 18 12.10 -30.85 21.41
N ASN A 19 12.45 -30.42 20.20
CA ASN A 19 11.94 -31.04 18.98
C ASN A 19 12.25 -32.53 19.01
N ASP A 20 11.22 -33.37 18.97
CA ASP A 20 11.39 -34.81 19.24
C ASP A 20 11.46 -35.67 17.98
N LEU A 21 11.83 -35.07 16.86
CA LEU A 21 12.23 -35.90 15.73
C LEU A 21 13.35 -36.82 16.23
N PRO A 22 13.27 -38.11 15.88
CA PRO A 22 14.36 -39.02 16.27
C PRO A 22 15.76 -38.51 15.93
N SER A 23 16.74 -38.83 16.78
CA SER A 23 18.10 -38.32 16.60
C SER A 23 18.75 -38.74 15.29
N ASN A 24 18.53 -40.00 14.85
CA ASN A 24 18.99 -40.48 13.55
CA ASN A 24 19.10 -40.39 13.57
C ASN A 24 18.39 -39.64 12.43
N THR A 25 17.09 -39.45 12.51
CA THR A 25 16.35 -38.66 11.49
C THR A 25 16.98 -37.25 11.43
N LYS A 26 17.14 -36.63 12.59
CA LYS A 26 17.76 -35.30 12.64
C LYS A 26 19.08 -35.30 11.94
N THR A 27 19.95 -36.26 12.26
CA THR A 27 21.24 -36.31 11.64
C THR A 27 21.17 -36.43 10.12
N THR A 28 20.32 -37.34 9.63
CA THR A 28 20.24 -37.54 8.19
C THR A 28 19.65 -36.31 7.51
N MET A 29 18.64 -35.73 8.14
CA MET A 29 17.98 -34.55 7.56
C MET A 29 18.86 -33.30 7.60
N ILE A 30 19.63 -33.09 8.67
CA ILE A 30 20.59 -31.97 8.69
C ILE A 30 21.55 -32.04 7.50
N ALA A 31 22.10 -33.23 7.21
CA ALA A 31 22.97 -33.38 6.04
C ALA A 31 22.24 -33.10 4.74
N LEU A 32 21.02 -33.58 4.65
CA LEU A 32 20.25 -33.46 3.40
C LEU A 32 19.94 -31.98 3.15
N LEU A 33 19.55 -31.29 4.21
CA LEU A 33 19.27 -29.86 4.13
C LEU A 33 20.52 -29.11 3.73
N ASN A 34 21.65 -29.44 4.36
CA ASN A 34 22.88 -28.79 3.96
C ASN A 34 23.29 -29.05 2.54
N GLU A 35 23.04 -30.25 2.01
CA GLU A 35 23.34 -30.54 0.62
C GLU A 35 22.53 -29.63 -0.31
N ASN A 36 21.24 -29.53 -0.01
CA ASN A 36 20.33 -28.70 -0.81
C ASN A 36 20.62 -27.20 -0.64
N LEU A 37 21.03 -26.82 0.57
CA LEU A 37 21.39 -25.44 0.89
C LEU A 37 22.54 -25.00 0.00
N ALA A 38 23.57 -25.84 -0.10
CA ALA A 38 24.70 -25.53 -0.95
C ALA A 38 24.34 -25.35 -2.42
N ALA A 39 23.50 -26.27 -2.91
CA ALA A 39 23.07 -26.29 -4.27
C ALA A 39 22.26 -25.01 -4.57
N THR A 40 21.42 -24.62 -3.65
CA THR A 40 20.53 -23.48 -3.89
C THR A 40 21.24 -22.14 -3.71
N ILE A 41 22.17 -22.04 -2.76
CA ILE A 41 22.97 -20.85 -2.68
C ILE A 41 23.75 -20.65 -3.97
N ASP A 42 24.35 -21.72 -4.48
CA ASP A 42 25.15 -21.61 -5.68
C ASP A 42 24.29 -21.22 -6.87
N LEU A 43 23.09 -21.80 -6.93
CA LEU A 43 22.15 -21.50 -8.02
C LEU A 43 21.76 -20.02 -7.97
N ALA A 44 21.54 -19.50 -6.76
CA ALA A 44 21.27 -18.05 -6.57
C ALA A 44 22.39 -17.17 -7.13
N LEU A 45 23.64 -17.54 -6.85
CA LEU A 45 24.76 -16.76 -7.38
C LEU A 45 24.87 -16.87 -8.89
N ILE A 46 24.65 -18.08 -9.40
CA ILE A 46 24.66 -18.30 -10.83
C ILE A 46 23.59 -17.47 -11.52
N THR A 47 22.43 -17.42 -10.90
CA THR A 47 21.29 -16.72 -11.48
C THR A 47 21.61 -15.22 -11.73
N LYS A 48 22.24 -14.58 -10.75
CA LYS A 48 22.70 -13.19 -10.88
C LYS A 48 23.84 -13.04 -11.88
N GLN A 49 24.77 -13.99 -11.89
CA GLN A 49 25.84 -14.01 -12.89
C GLN A 49 25.26 -13.89 -14.27
N ALA A 50 24.24 -14.69 -14.60
CA ALA A 50 23.65 -14.63 -15.93
C ALA A 50 22.91 -13.28 -16.12
N HIS A 51 22.15 -12.90 -15.10
CA HIS A 51 21.35 -11.64 -15.12
C HIS A 51 22.19 -10.43 -15.48
N TRP A 52 23.39 -10.34 -14.91
CA TRP A 52 24.28 -9.22 -15.22
C TRP A 52 24.85 -9.22 -16.60
N ASN A 53 25.27 -10.41 -17.05
CA ASN A 53 26.09 -10.52 -18.26
C ASN A 53 25.36 -10.92 -19.55
N LEU A 54 24.05 -11.20 -19.51
CA LEU A 54 23.38 -11.56 -20.75
C LEU A 54 23.25 -10.38 -21.71
N LYS A 55 23.34 -10.68 -23.01
CA LYS A 55 23.21 -9.72 -24.08
C LYS A 55 22.55 -10.45 -25.24
N GLY A 56 21.77 -9.71 -26.00
CA GLY A 56 21.03 -10.25 -27.12
C GLY A 56 19.62 -9.71 -27.17
N PRO A 57 18.87 -10.09 -28.21
CA PRO A 57 17.56 -9.47 -28.47
C PRO A 57 16.49 -9.65 -27.36
N GLN A 58 16.62 -10.69 -26.55
CA GLN A 58 15.65 -10.95 -25.44
C GLN A 58 16.16 -10.41 -24.10
N PHE A 59 17.15 -9.50 -24.16
CA PHE A 59 17.83 -9.06 -22.94
C PHE A 59 16.88 -8.70 -21.79
N ILE A 60 16.03 -7.70 -22.00
CA ILE A 60 15.33 -7.16 -20.83
C ILE A 60 14.36 -8.17 -20.20
N ALA A 61 13.60 -8.90 -21.02
CA ALA A 61 12.60 -9.88 -20.49
C ALA A 61 13.31 -10.95 -19.62
N VAL A 62 14.40 -11.49 -20.17
CA VAL A 62 15.15 -12.52 -19.48
C VAL A 62 15.90 -11.95 -18.25
N HIS A 63 16.48 -10.77 -18.43
CA HIS A 63 17.15 -10.05 -17.33
C HIS A 63 16.19 -9.93 -16.12
N GLU A 64 15.00 -9.41 -16.37
CA GLU A 64 13.99 -9.28 -15.27
C GLU A 64 13.47 -10.61 -14.73
N MET A 65 13.27 -11.58 -15.63
CA MET A 65 12.85 -12.90 -15.21
C MET A 65 13.79 -13.51 -14.17
N LEU A 66 15.10 -13.35 -14.41
CA LEU A 66 16.14 -13.92 -13.54
C LEU A 66 16.14 -13.26 -12.15
N ASP A 67 15.79 -11.99 -12.07
CA ASP A 67 15.59 -11.39 -10.76
C ASP A 67 14.44 -12.04 -9.98
N GLY A 68 13.35 -12.36 -10.65
CA GLY A 68 12.27 -13.08 -10.00
C GLY A 68 12.71 -14.43 -9.46
N PHE A 69 13.49 -15.16 -10.27
CA PHE A 69 14.03 -16.44 -9.81
C PHE A 69 14.86 -16.27 -8.56
N ARG A 70 15.77 -15.30 -8.55
CA ARG A 70 16.66 -15.08 -7.41
C ARG A 70 15.86 -14.85 -6.13
N ALA A 71 14.84 -14.01 -6.21
CA ALA A 71 13.99 -13.69 -5.07
C ALA A 71 13.35 -14.95 -4.52
N GLU A 72 12.88 -15.84 -5.39
CA GLU A 72 12.27 -17.10 -4.91
C GLU A 72 13.33 -17.99 -4.27
N LEU A 73 14.48 -18.11 -4.94
CA LEU A 73 15.57 -18.97 -4.40
C LEU A 73 16.00 -18.47 -3.01
N ASP A 74 16.09 -17.16 -2.82
CA ASP A 74 16.49 -16.60 -1.54
C ASP A 74 15.59 -17.08 -0.42
N ASP A 75 14.29 -17.10 -0.67
CA ASP A 75 13.31 -17.49 0.32
C ASP A 75 13.50 -18.99 0.64
N HIS A 76 13.76 -19.80 -0.37
CA HIS A 76 13.98 -21.22 -0.11
C HIS A 76 15.31 -21.53 0.57
N VAL A 77 16.35 -20.77 0.22
CA VAL A 77 17.65 -20.86 0.90
C VAL A 77 17.43 -20.68 2.39
N ASP A 78 16.69 -19.61 2.76
CA ASP A 78 16.46 -19.30 4.17
CA ASP A 78 16.49 -19.29 4.15
C ASP A 78 15.69 -20.39 4.85
N THR A 79 14.64 -20.86 4.18
CA THR A 79 13.81 -21.89 4.77
C THR A 79 14.53 -23.22 5.01
N ILE A 80 15.34 -23.62 4.05
CA ILE A 80 16.16 -24.85 4.16
C ILE A 80 17.24 -24.69 5.27
N ALA A 81 17.95 -23.57 5.25
CA ALA A 81 18.95 -23.28 6.27
C ALA A 81 18.36 -23.30 7.65
N GLU A 82 17.25 -22.59 7.82
CA GLU A 82 16.66 -22.51 9.13
C GLU A 82 16.08 -23.82 9.59
N ARG A 83 15.67 -24.70 8.69
CA ARG A 83 15.17 -25.99 9.11
C ARG A 83 16.31 -26.84 9.72
N ALA A 84 17.47 -26.79 9.12
CA ALA A 84 18.65 -27.56 9.62
C ALA A 84 18.91 -27.11 11.06
N VAL A 85 18.77 -25.80 11.29
CA VAL A 85 19.06 -25.26 12.62
C VAL A 85 17.97 -25.61 13.62
N GLN A 86 16.71 -25.59 13.19
CA GLN A 86 15.56 -25.90 14.01
C GLN A 86 15.62 -27.28 14.62
N ILE A 87 16.15 -28.22 13.86
CA ILE A 87 16.18 -29.61 14.30
C ILE A 87 17.51 -29.92 15.00
N GLY A 88 18.29 -28.87 15.31
CA GLY A 88 19.48 -28.95 16.21
C GLY A 88 20.81 -28.95 15.51
N GLY A 89 20.83 -28.61 14.23
CA GLY A 89 22.04 -28.61 13.41
C GLY A 89 22.64 -27.25 13.19
N THR A 90 23.69 -27.26 12.37
CA THR A 90 24.33 -26.07 11.85
C THR A 90 24.03 -25.95 10.35
N ALA A 91 23.72 -24.73 9.90
CA ALA A 91 23.61 -24.44 8.48
C ALA A 91 24.94 -23.95 7.94
N TYR A 92 25.39 -24.58 6.85
CA TYR A 92 26.68 -24.30 6.24
C TYR A 92 26.47 -23.60 4.91
N GLY A 93 26.75 -22.29 4.88
CA GLY A 93 26.47 -21.47 3.72
C GLY A 93 27.53 -20.47 3.30
N THR A 94 28.78 -20.62 3.74
CA THR A 94 29.85 -19.74 3.34
C THR A 94 30.35 -20.10 1.95
N THR A 95 31.06 -19.17 1.34
CA THR A 95 31.67 -19.40 0.02
CA THR A 95 31.64 -19.39 0.02
C THR A 95 32.52 -20.66 0.04
N GLN A 96 33.34 -20.80 1.06
CA GLN A 96 34.28 -21.96 1.15
C GLN A 96 33.52 -23.29 1.18
N VAL A 97 32.42 -23.34 1.94
CA VAL A 97 31.56 -24.52 1.96
C VAL A 97 30.82 -24.72 0.62
N VAL A 98 30.25 -23.64 0.06
CA VAL A 98 29.40 -23.81 -1.13
C VAL A 98 30.20 -24.31 -2.33
N VAL A 99 31.42 -23.77 -2.50
CA VAL A 99 32.24 -24.13 -3.66
C VAL A 99 32.59 -25.63 -3.68
N LYS A 100 32.59 -26.25 -2.51
CA LYS A 100 32.90 -27.69 -2.36
C LYS A 100 31.68 -28.61 -2.39
N GLU A 101 30.57 -28.13 -1.80
CA GLU A 101 29.44 -28.96 -1.51
C GLU A 101 28.31 -28.76 -2.50
N SER A 102 28.35 -27.66 -3.25
CA SER A 102 27.44 -27.55 -4.36
C SER A 102 27.95 -28.50 -5.43
N ARG A 103 27.06 -29.34 -5.93
CA ARG A 103 27.45 -30.24 -7.02
C ARG A 103 27.21 -29.62 -8.39
N LEU A 104 26.82 -28.34 -8.44
CA LEU A 104 26.62 -27.70 -9.73
C LEU A 104 27.92 -27.49 -10.51
N LYS A 105 27.88 -27.78 -11.79
CA LYS A 105 28.99 -27.53 -12.65
C LYS A 105 29.35 -26.03 -12.61
N PRO A 106 30.63 -25.68 -12.42
CA PRO A 106 31.00 -24.26 -12.37
C PRO A 106 30.41 -23.48 -13.55
N TYR A 107 29.75 -22.34 -13.29
CA TYR A 107 29.09 -21.61 -14.37
C TYR A 107 30.06 -20.78 -15.20
N PRO A 108 29.97 -20.83 -16.54
CA PRO A 108 30.98 -20.11 -17.30
C PRO A 108 30.88 -18.59 -17.16
N THR A 109 32.01 -17.92 -17.09
CA THR A 109 32.03 -16.46 -16.96
C THR A 109 32.36 -15.78 -18.27
N ASP A 110 32.37 -16.53 -19.38
CA ASP A 110 32.75 -16.02 -20.67
C ASP A 110 31.67 -16.24 -21.72
N ILE A 111 30.41 -16.33 -21.27
CA ILE A 111 29.27 -16.36 -22.19
C ILE A 111 28.40 -15.13 -21.99
N TYR A 112 27.69 -14.78 -23.04
CA TYR A 112 26.96 -13.52 -23.14
C TYR A 112 25.64 -13.68 -23.84
N ALA A 113 25.65 -14.25 -25.03
CA ALA A 113 24.43 -14.50 -25.77
C ALA A 113 23.33 -15.06 -24.87
N VAL A 114 22.13 -14.54 -25.04
CA VAL A 114 21.02 -14.99 -24.18
C VAL A 114 20.82 -16.49 -24.35
N HIS A 115 20.95 -16.95 -25.59
CA HIS A 115 20.80 -18.37 -25.86
C HIS A 115 21.76 -19.18 -25.03
N ASP A 116 23.00 -18.70 -24.92
CA ASP A 116 24.01 -19.46 -24.21
C ASP A 116 23.77 -19.53 -22.69
N HIS A 117 23.34 -18.41 -22.12
CA HIS A 117 22.89 -18.38 -20.75
C HIS A 117 21.66 -19.26 -20.47
N LEU A 118 20.70 -19.25 -21.37
CA LEU A 118 19.50 -20.09 -21.23
C LEU A 118 19.93 -21.54 -21.17
N VAL A 119 20.78 -21.96 -22.12
CA VAL A 119 21.21 -23.35 -22.15
C VAL A 119 21.98 -23.73 -20.87
N ALA A 120 22.90 -22.87 -20.44
CA ALA A 120 23.65 -23.12 -19.21
C ALA A 120 22.78 -23.17 -17.97
N LEU A 121 21.81 -22.22 -17.90
CA LEU A 121 20.95 -22.13 -16.75
C LEU A 121 20.04 -23.34 -16.67
N ILE A 122 19.55 -23.79 -17.83
CA ILE A 122 18.70 -25.00 -17.88
C ILE A 122 19.45 -26.16 -17.26
N GLU A 123 20.74 -26.28 -17.55
CA GLU A 123 21.53 -27.35 -16.94
CA GLU A 123 21.51 -27.37 -16.95
C GLU A 123 21.55 -27.27 -15.43
N ARG A 124 21.84 -26.08 -14.92
CA ARG A 124 21.95 -25.87 -13.50
C ARG A 124 20.61 -25.98 -12.75
N TYR A 125 19.58 -25.33 -13.27
CA TYR A 125 18.22 -25.43 -12.67
C TYR A 125 17.70 -26.86 -12.69
N GLY A 126 17.94 -27.58 -13.79
CA GLY A 126 17.55 -28.99 -13.87
C GLY A 126 18.19 -29.79 -12.77
N ASP A 127 19.48 -29.52 -12.53
CA ASP A 127 20.21 -30.24 -11.51
C ASP A 127 19.64 -30.04 -10.14
N VAL A 128 19.39 -28.77 -9.78
CA VAL A 128 18.86 -28.48 -8.47
C VAL A 128 17.42 -28.92 -8.39
N ALA A 129 16.67 -28.73 -9.46
CA ALA A 129 15.26 -29.15 -9.43
C ALA A 129 15.18 -30.63 -9.11
N ASN A 130 16.02 -31.42 -9.77
CA ASN A 130 15.91 -32.87 -9.60
C ASN A 130 16.43 -33.33 -8.25
N LEU A 131 17.46 -32.64 -7.75
CA LEU A 131 17.92 -32.89 -6.39
C LEU A 131 16.84 -32.63 -5.37
N VAL A 132 16.21 -31.45 -5.44
CA VAL A 132 15.22 -31.10 -4.41
C VAL A 132 14.02 -32.02 -4.50
N ARG A 133 13.64 -32.38 -5.73
CA ARG A 133 12.46 -33.23 -5.90
C ARG A 133 12.65 -34.58 -5.24
N LYS A 134 13.81 -35.20 -5.46
CA LYS A 134 14.12 -36.47 -4.79
C LYS A 134 14.21 -36.30 -3.29
N SER A 135 14.78 -35.18 -2.84
CA SER A 135 14.94 -34.90 -1.41
C SER A 135 13.61 -34.87 -0.66
N ILE A 136 12.52 -34.49 -1.34
CA ILE A 136 11.18 -34.61 -0.74
C ILE A 136 11.01 -36.04 -0.22
N LYS A 137 11.35 -36.99 -1.09
CA LYS A 137 11.12 -38.41 -0.85
C LYS A 137 12.04 -38.95 0.25
N ASP A 138 13.31 -38.54 0.19
CA ASP A 138 14.27 -38.85 1.27
C ASP A 138 13.71 -38.41 2.62
N ALA A 139 13.20 -37.18 2.68
CA ALA A 139 12.65 -36.67 3.95
C ALA A 139 11.40 -37.41 4.37
N ASP A 140 10.50 -37.68 3.43
CA ASP A 140 9.24 -38.35 3.73
C ASP A 140 9.52 -39.77 4.26
N ASP A 141 10.43 -40.47 3.56
CA ASP A 141 10.83 -41.82 3.97
C ASP A 141 11.45 -41.82 5.38
N ALA A 142 12.25 -40.79 5.67
CA ALA A 142 12.85 -40.61 7.00
C ALA A 142 11.82 -40.27 8.08
N GLY A 143 10.61 -39.85 7.70
CA GLY A 143 9.56 -39.55 8.69
C GLY A 143 9.61 -38.08 9.17
N ASP A 144 10.26 -37.21 8.37
CA ASP A 144 10.33 -35.77 8.64
C ASP A 144 9.41 -35.01 7.64
N ASP A 145 8.14 -34.88 8.00
CA ASP A 145 7.11 -34.34 7.10
C ASP A 145 7.27 -32.85 6.84
N ASP A 146 7.77 -32.12 7.84
CA ASP A 146 8.02 -30.68 7.66
C ASP A 146 9.15 -30.44 6.67
N THR A 147 10.25 -31.18 6.80
CA THR A 147 11.34 -31.04 5.87
C THR A 147 10.91 -31.44 4.45
N ALA A 148 10.12 -32.52 4.35
CA ALA A 148 9.60 -32.95 3.06
C ALA A 148 8.75 -31.79 2.45
N ASP A 149 7.93 -31.13 3.27
CA ASP A 149 7.12 -30.02 2.78
C ASP A 149 7.96 -28.81 2.31
N ILE A 150 9.03 -28.51 3.04
CA ILE A 150 9.97 -27.47 2.68
C ILE A 150 10.57 -27.76 1.31
N PHE A 151 10.96 -29.02 1.09
CA PHE A 151 11.49 -29.38 -0.20
C PHE A 151 10.43 -29.35 -1.29
N THR A 152 9.18 -29.64 -0.93
CA THR A 152 8.06 -29.64 -1.90
C THR A 152 7.79 -28.22 -2.38
N ALA A 153 7.76 -27.26 -1.44
CA ALA A 153 7.67 -25.82 -1.83
C ALA A 153 8.80 -25.37 -2.73
N ALA A 154 10.03 -25.72 -2.35
CA ALA A 154 11.19 -25.37 -3.13
C ALA A 154 11.16 -26.07 -4.50
N SER A 155 10.75 -27.34 -4.54
CA SER A 155 10.65 -28.09 -5.77
C SER A 155 9.62 -27.49 -6.74
N ARG A 156 8.49 -27.13 -6.20
CA ARG A 156 7.49 -26.49 -7.05
C ARG A 156 8.05 -25.24 -7.69
N SER A 157 8.80 -24.43 -6.94
CA SER A 157 9.38 -23.19 -7.50
CA SER A 157 9.36 -23.22 -7.50
C SER A 157 10.41 -23.54 -8.57
N LEU A 158 11.26 -24.52 -8.27
CA LEU A 158 12.33 -24.91 -9.20
C LEU A 158 11.79 -25.49 -10.52
N ASP A 159 10.77 -26.33 -10.43
CA ASP A 159 10.16 -26.94 -11.63
C ASP A 159 9.50 -25.89 -12.48
N LYS A 160 8.90 -24.87 -11.84
CA LYS A 160 8.29 -23.78 -12.58
C LYS A 160 9.37 -22.90 -13.22
N ALA A 161 10.46 -22.64 -12.50
CA ALA A 161 11.55 -21.84 -13.07
C ALA A 161 12.21 -22.62 -14.23
N LEU A 162 12.41 -23.92 -14.04
CA LEU A 162 12.98 -24.76 -15.08
C LEU A 162 12.13 -24.65 -16.35
N TRP A 163 10.83 -24.78 -16.19
CA TRP A 163 9.91 -24.57 -17.30
C TRP A 163 10.04 -23.19 -17.95
N PHE A 164 10.01 -22.10 -17.19
CA PHE A 164 10.21 -20.78 -17.74
C PHE A 164 11.46 -20.70 -18.62
N LEU A 165 12.55 -21.36 -18.20
CA LEU A 165 13.79 -21.39 -18.99
C LEU A 165 13.63 -22.27 -20.21
N GLU A 166 13.23 -23.53 -19.98
CA GLU A 166 13.05 -24.49 -21.08
C GLU A 166 12.09 -24.02 -22.16
N ALA A 167 11.03 -23.34 -21.75
CA ALA A 167 10.04 -22.83 -22.70
C ALA A 167 10.63 -21.87 -23.71
N HIS A 168 11.75 -21.26 -23.39
CA HIS A 168 12.40 -20.35 -24.32
C HIS A 168 13.07 -21.07 -25.46
N VAL A 169 13.46 -22.32 -25.25
CA VAL A 169 14.27 -23.04 -26.23
C VAL A 169 13.54 -24.26 -26.83
N GLN A 170 12.33 -24.57 -26.34
CA GLN A 170 11.58 -25.79 -26.74
C GLN A 170 10.95 -25.66 -28.13
N GLU A 171 10.86 -24.43 -28.61
CA GLU A 171 10.49 -24.15 -30.00
C GLU A 171 11.44 -23.04 -30.39
N SER A 172 11.60 -22.80 -31.68
CA SER A 172 12.62 -21.84 -32.15
C SER A 172 12.05 -20.49 -32.62
N ASN A 173 10.72 -20.39 -32.74
CA ASN A 173 10.09 -19.10 -33.05
C ASN A 173 8.81 -18.95 -32.25
N SER B 13 36.13 -10.58 -23.14
CA SER B 13 35.39 -10.23 -21.88
C SER B 13 34.76 -8.83 -21.97
N MET B 14 34.97 -8.18 -23.11
CA MET B 14 34.54 -6.79 -23.33
C MET B 14 33.54 -6.70 -24.46
N HIS B 15 32.60 -5.78 -24.34
CA HIS B 15 31.72 -5.41 -25.41
C HIS B 15 31.81 -3.89 -25.51
N ALA B 16 31.72 -3.38 -26.72
CA ALA B 16 31.81 -1.96 -27.00
C ALA B 16 30.57 -1.17 -26.55
N THR B 17 30.81 0.01 -26.01
CA THR B 17 29.72 0.88 -25.56
C THR B 17 30.02 2.32 -25.99
N ARG B 18 28.95 3.06 -26.32
CA ARG B 18 29.02 4.49 -26.59
C ARG B 18 29.42 5.36 -25.37
N ASN B 19 29.39 4.76 -24.18
CA ASN B 19 29.91 5.41 -22.98
C ASN B 19 31.34 5.90 -23.29
N ASP B 20 31.60 7.20 -23.20
CA ASP B 20 32.86 7.76 -23.72
C ASP B 20 33.98 7.81 -22.70
N LEU B 21 33.81 7.17 -21.55
CA LEU B 21 34.94 7.02 -20.64
C LEU B 21 36.14 6.42 -21.43
N PRO B 22 37.37 6.95 -21.21
CA PRO B 22 38.51 6.40 -21.97
C PRO B 22 38.80 4.91 -21.66
N SER B 23 39.36 4.21 -22.66
N SER B 23 39.35 4.20 -22.65
CA SER B 23 39.66 2.79 -22.52
CA SER B 23 39.67 2.79 -22.52
C SER B 23 40.35 2.44 -21.20
C SER B 23 40.34 2.45 -21.18
N ASN B 24 41.37 3.21 -20.84
CA ASN B 24 42.16 2.93 -19.61
C ASN B 24 41.32 3.03 -18.33
N THR B 25 40.45 4.05 -18.30
CA THR B 25 39.51 4.23 -17.19
C THR B 25 38.54 3.06 -17.18
N LYS B 26 38.00 2.68 -18.34
CA LYS B 26 37.07 1.53 -18.37
C LYS B 26 37.75 0.29 -17.80
N THR B 27 38.95 -0.05 -18.28
N THR B 27 38.94 -0.03 -18.31
CA THR B 27 39.59 -1.28 -17.84
CA THR B 27 39.66 -1.22 -17.89
C THR B 27 39.98 -1.27 -16.35
C THR B 27 39.95 -1.24 -16.38
N THR B 28 40.47 -0.14 -15.86
CA THR B 28 40.82 -0.03 -14.46
CA THR B 28 40.83 -0.11 -14.44
C THR B 28 39.57 -0.09 -13.58
N MET B 29 38.52 0.58 -14.05
CA MET B 29 37.29 0.59 -13.22
C MET B 29 36.63 -0.78 -13.19
N ILE B 30 36.62 -1.50 -14.30
CA ILE B 30 36.02 -2.86 -14.35
C ILE B 30 36.74 -3.75 -13.32
N ALA B 31 38.07 -3.63 -13.26
CA ALA B 31 38.83 -4.45 -12.32
C ALA B 31 38.51 -4.06 -10.88
N LEU B 32 38.43 -2.76 -10.62
CA LEU B 32 38.11 -2.26 -9.27
C LEU B 32 36.70 -2.68 -8.81
N LEU B 33 35.73 -2.52 -9.72
CA LEU B 33 34.32 -2.97 -9.46
C LEU B 33 34.28 -4.47 -9.13
N ASN B 34 34.97 -5.28 -9.94
CA ASN B 34 35.02 -6.70 -9.67
C ASN B 34 35.69 -7.10 -8.36
N GLU B 35 36.70 -6.34 -7.96
CA GLU B 35 37.35 -6.58 -6.70
C GLU B 35 36.36 -6.37 -5.56
N ASN B 36 35.63 -5.25 -5.65
CA ASN B 36 34.64 -4.93 -4.64
C ASN B 36 33.40 -5.84 -4.71
N LEU B 37 33.04 -6.28 -5.91
CA LEU B 37 31.95 -7.26 -6.06
C LEU B 37 32.24 -8.57 -5.29
N ALA B 38 33.48 -9.08 -5.40
CA ALA B 38 33.82 -10.32 -4.77
C ALA B 38 33.76 -10.19 -3.26
N ALA B 39 34.22 -9.05 -2.75
CA ALA B 39 34.23 -8.78 -1.32
C ALA B 39 32.80 -8.68 -0.75
N THR B 40 31.94 -7.99 -1.47
CA THR B 40 30.54 -7.80 -1.03
C THR B 40 29.65 -9.01 -1.19
N ILE B 41 29.84 -9.81 -2.24
CA ILE B 41 29.10 -11.08 -2.31
C ILE B 41 29.53 -11.96 -1.15
N ASP B 42 30.84 -12.05 -0.91
CA ASP B 42 31.32 -12.92 0.16
C ASP B 42 30.70 -12.47 1.50
N LEU B 43 30.72 -11.16 1.73
CA LEU B 43 30.18 -10.58 2.92
C LEU B 43 28.67 -10.86 3.05
N ALA B 44 27.95 -10.82 1.93
CA ALA B 44 26.53 -11.19 1.90
C ALA B 44 26.31 -12.61 2.41
N LEU B 45 27.10 -13.55 1.89
CA LEU B 45 26.99 -14.93 2.34
C LEU B 45 27.34 -15.11 3.81
N ILE B 46 28.39 -14.43 4.24
CA ILE B 46 28.80 -14.43 5.65
C ILE B 46 27.70 -13.95 6.57
N THR B 47 27.02 -12.89 6.15
CA THR B 47 25.97 -12.25 6.95
C THR B 47 24.85 -13.27 7.23
N LYS B 48 24.42 -14.00 6.20
CA LYS B 48 23.38 -15.01 6.41
C LYS B 48 23.93 -16.21 7.21
N GLN B 49 25.22 -16.54 7.01
CA GLN B 49 25.81 -17.63 7.78
C GLN B 49 25.65 -17.38 9.28
N ALA B 50 25.96 -16.15 9.68
CA ALA B 50 25.81 -15.74 11.06
C ALA B 50 24.35 -15.67 11.49
N HIS B 51 23.50 -15.07 10.64
CA HIS B 51 22.05 -14.98 10.89
C HIS B 51 21.42 -16.32 11.28
N TRP B 52 21.74 -17.38 10.54
CA TRP B 52 21.14 -18.66 10.82
C TRP B 52 21.61 -19.31 12.11
N ASN B 53 22.89 -19.11 12.44
CA ASN B 53 23.54 -19.92 13.48
C ASN B 53 23.75 -19.24 14.81
N LEU B 54 23.35 -17.99 14.92
CA LEU B 54 23.60 -17.30 16.18
C LEU B 54 22.67 -17.80 17.27
N LYS B 55 23.20 -17.81 18.51
CA LYS B 55 22.46 -18.30 19.65
C LYS B 55 22.90 -17.49 20.85
N GLY B 56 21.97 -17.21 21.73
CA GLY B 56 22.26 -16.42 22.94
C GLY B 56 21.22 -15.36 23.20
N PRO B 57 21.37 -14.63 24.31
CA PRO B 57 20.26 -13.78 24.82
C PRO B 57 19.72 -12.67 23.89
N GLN B 58 20.53 -12.18 22.99
CA GLN B 58 20.12 -11.14 22.05
C GLN B 58 19.79 -11.76 20.68
N PHE B 59 19.48 -13.05 20.64
CA PHE B 59 19.24 -13.73 19.38
C PHE B 59 18.32 -12.98 18.39
N ILE B 60 17.09 -12.66 18.80
CA ILE B 60 16.10 -12.26 17.79
C ILE B 60 16.45 -10.88 17.19
N ALA B 61 16.87 -9.97 18.04
CA ALA B 61 17.23 -8.64 17.58
C ALA B 61 18.39 -8.65 16.59
N VAL B 62 19.43 -9.45 16.89
CA VAL B 62 20.58 -9.54 16.03
C VAL B 62 20.25 -10.31 14.77
N HIS B 63 19.51 -11.39 14.91
CA HIS B 63 19.06 -12.23 13.80
C HIS B 63 18.35 -11.36 12.74
N GLU B 64 17.40 -10.55 13.20
CA GLU B 64 16.70 -9.61 12.32
C GLU B 64 17.57 -8.50 11.75
N MET B 65 18.46 -7.95 12.56
CA MET B 65 19.34 -6.88 12.14
C MET B 65 20.17 -7.36 10.95
N LEU B 66 20.63 -8.61 11.00
CA LEU B 66 21.49 -9.16 9.93
C LEU B 66 20.73 -9.35 8.61
N ASP B 67 19.42 -9.65 8.66
CA ASP B 67 18.62 -9.61 7.42
C ASP B 67 18.53 -8.21 6.77
N GLY B 68 18.46 -7.17 7.59
CA GLY B 68 18.61 -5.80 7.11
C GLY B 68 19.91 -5.55 6.40
N PHE B 69 21.03 -5.98 6.99
CA PHE B 69 22.33 -5.84 6.34
C PHE B 69 22.37 -6.57 5.02
N ARG B 70 21.79 -7.76 4.97
CA ARG B 70 21.85 -8.56 3.75
C ARG B 70 21.08 -7.91 2.60
N ALA B 71 19.88 -7.41 2.91
CA ALA B 71 19.08 -6.65 1.94
C ALA B 71 19.85 -5.48 1.37
N GLU B 72 20.53 -4.71 2.24
CA GLU B 72 21.33 -3.58 1.77
CA GLU B 72 21.34 -3.58 1.76
C GLU B 72 22.50 -4.06 0.88
N LEU B 73 23.17 -5.12 1.32
CA LEU B 73 24.34 -5.63 0.56
C LEU B 73 23.94 -6.07 -0.85
N ASP B 74 22.79 -6.73 -0.94
CA ASP B 74 22.28 -7.22 -2.21
C ASP B 74 22.13 -6.08 -3.22
N ASP B 75 21.61 -4.96 -2.77
CA ASP B 75 21.39 -3.83 -3.64
C ASP B 75 22.73 -3.29 -4.12
N HIS B 76 23.71 -3.24 -3.22
CA HIS B 76 25.04 -2.70 -3.62
C HIS B 76 25.80 -3.66 -4.54
N VAL B 77 25.67 -4.94 -4.26
CA VAL B 77 26.21 -6.01 -5.11
C VAL B 77 25.71 -5.84 -6.53
N ASP B 78 24.39 -5.64 -6.69
CA ASP B 78 23.82 -5.46 -8.00
C ASP B 78 24.33 -4.20 -8.66
N THR B 79 24.41 -3.11 -7.91
CA THR B 79 24.81 -1.85 -8.49
C THR B 79 26.27 -1.86 -8.96
N ILE B 80 27.11 -2.51 -8.18
CA ILE B 80 28.54 -2.66 -8.48
C ILE B 80 28.75 -3.57 -9.70
N ALA B 81 28.09 -4.73 -9.71
CA ALA B 81 28.15 -5.62 -10.88
C ALA B 81 27.68 -4.97 -12.14
N GLU B 82 26.54 -4.29 -12.07
CA GLU B 82 25.99 -3.74 -13.27
C GLU B 82 26.80 -2.56 -13.79
N ARG B 83 27.46 -1.81 -12.92
CA ARG B 83 28.35 -0.75 -13.37
C ARG B 83 29.53 -1.31 -14.19
N ALA B 84 30.11 -2.44 -13.77
CA ALA B 84 31.20 -3.06 -14.55
C ALA B 84 30.72 -3.38 -15.97
N VAL B 85 29.47 -3.81 -16.09
CA VAL B 85 28.91 -4.18 -17.36
C VAL B 85 28.60 -2.96 -18.21
N GLN B 86 28.07 -1.91 -17.57
CA GLN B 86 27.70 -0.68 -18.27
C GLN B 86 28.89 -0.08 -18.98
N ILE B 87 30.06 -0.22 -18.37
CA ILE B 87 31.26 0.40 -18.94
C ILE B 87 32.03 -0.57 -19.87
N GLY B 88 31.35 -1.65 -20.25
CA GLY B 88 31.80 -2.52 -21.31
C GLY B 88 32.47 -3.80 -20.84
N GLY B 89 32.47 -4.05 -19.52
CA GLY B 89 33.08 -5.22 -18.94
C GLY B 89 32.17 -6.40 -18.61
N THR B 90 32.75 -7.41 -17.97
CA THR B 90 32.06 -8.59 -17.44
C THR B 90 32.06 -8.46 -15.95
N ALA B 91 30.92 -8.79 -15.32
CA ALA B 91 30.85 -8.97 -13.88
C ALA B 91 31.09 -10.41 -13.50
N TYR B 92 32.01 -10.62 -12.55
CA TYR B 92 32.37 -11.95 -12.06
C TYR B 92 31.88 -12.16 -10.65
N GLY B 93 30.83 -12.97 -10.52
CA GLY B 93 30.20 -13.19 -9.23
C GLY B 93 29.83 -14.61 -8.89
N THR B 94 30.44 -15.59 -9.58
CA THR B 94 30.21 -17.00 -9.22
C THR B 94 31.00 -17.38 -7.97
N THR B 95 30.56 -18.48 -7.35
CA THR B 95 31.21 -19.02 -6.14
CA THR B 95 31.20 -19.01 -6.13
C THR B 95 32.70 -19.25 -6.39
N GLN B 96 33.04 -19.72 -7.59
CA GLN B 96 34.44 -20.05 -7.90
C GLN B 96 35.29 -18.80 -7.97
N VAL B 97 34.72 -17.71 -8.54
CA VAL B 97 35.45 -16.46 -8.61
C VAL B 97 35.55 -15.81 -7.23
N VAL B 98 34.45 -15.82 -6.48
CA VAL B 98 34.40 -15.14 -5.20
C VAL B 98 35.38 -15.75 -4.21
N VAL B 99 35.43 -17.08 -4.15
CA VAL B 99 36.31 -17.75 -3.19
C VAL B 99 37.80 -17.43 -3.50
N LYS B 100 38.16 -17.25 -4.78
CA LYS B 100 39.53 -16.85 -5.17
C LYS B 100 39.81 -15.35 -5.00
N GLU B 101 38.79 -14.51 -5.15
CA GLU B 101 39.03 -13.06 -5.28
C GLU B 101 38.70 -12.27 -4.03
N SER B 102 37.92 -12.86 -3.13
CA SER B 102 37.66 -12.21 -1.89
C SER B 102 38.86 -12.39 -0.95
N ARG B 103 39.29 -11.32 -0.31
CA ARG B 103 40.38 -11.42 0.66
C ARG B 103 39.87 -11.61 2.07
N LEU B 104 38.56 -11.82 2.28
CA LEU B 104 38.03 -11.96 3.66
C LEU B 104 38.40 -13.29 4.23
N LYS B 105 38.82 -13.27 5.49
CA LYS B 105 39.18 -14.49 6.17
C LYS B 105 37.95 -15.41 6.21
N PRO B 106 38.10 -16.67 5.75
CA PRO B 106 37.02 -17.62 5.81
C PRO B 106 36.27 -17.57 7.13
N TYR B 107 34.97 -17.35 7.04
CA TYR B 107 34.15 -17.24 8.24
C TYR B 107 34.01 -18.57 8.93
N PRO B 108 34.16 -18.60 10.26
CA PRO B 108 34.11 -19.88 10.94
C PRO B 108 32.73 -20.45 10.97
N THR B 109 32.60 -21.76 10.71
CA THR B 109 31.28 -22.40 10.76
C THR B 109 31.01 -23.14 12.05
N ASP B 110 31.87 -22.94 13.04
CA ASP B 110 31.74 -23.61 14.33
C ASP B 110 31.57 -22.65 15.51
N ILE B 111 31.15 -21.41 15.23
CA ILE B 111 30.79 -20.46 16.30
C ILE B 111 29.27 -20.21 16.33
N TYR B 112 28.78 -19.90 17.52
CA TYR B 112 27.34 -19.84 17.79
C TYR B 112 26.98 -18.63 18.64
N ALA B 113 27.74 -18.39 19.71
CA ALA B 113 27.47 -17.29 20.65
C ALA B 113 27.32 -15.98 19.90
N VAL B 114 26.31 -15.22 20.28
CA VAL B 114 26.04 -13.98 19.58
C VAL B 114 27.29 -13.13 19.62
N HIS B 115 27.92 -13.07 20.78
CA HIS B 115 29.14 -12.32 20.93
C HIS B 115 30.22 -12.75 19.94
N ASP B 116 30.40 -14.06 19.75
CA ASP B 116 31.40 -14.53 18.80
C ASP B 116 31.11 -14.13 17.39
N HIS B 117 29.85 -14.26 16.96
CA HIS B 117 29.46 -13.73 15.65
C HIS B 117 29.65 -12.24 15.52
N LEU B 118 29.28 -11.46 16.53
CA LEU B 118 29.51 -10.02 16.46
C LEU B 118 30.99 -9.71 16.18
N VAL B 119 31.88 -10.33 16.96
CA VAL B 119 33.32 -10.06 16.79
C VAL B 119 33.82 -10.49 15.42
N ALA B 120 33.35 -11.63 14.95
CA ALA B 120 33.82 -12.17 13.65
C ALA B 120 33.28 -11.33 12.50
N LEU B 121 32.01 -10.90 12.63
CA LEU B 121 31.38 -10.01 11.64
C LEU B 121 32.05 -8.64 11.57
N ILE B 122 32.39 -8.09 12.73
CA ILE B 122 33.09 -6.78 12.77
C ILE B 122 34.41 -6.83 12.00
N GLU B 123 35.13 -7.95 12.11
CA GLU B 123 36.34 -8.08 11.34
C GLU B 123 36.08 -7.97 9.85
N ARG B 124 35.11 -8.75 9.34
CA ARG B 124 34.87 -8.75 7.90
C ARG B 124 34.17 -7.49 7.41
N TYR B 125 33.17 -7.00 8.16
CA TYR B 125 32.55 -5.72 7.84
C TYR B 125 33.56 -4.58 7.81
N GLY B 126 34.50 -4.60 8.75
CA GLY B 126 35.57 -3.60 8.75
C GLY B 126 36.40 -3.65 7.51
N ASP B 127 36.84 -4.84 7.13
CA ASP B 127 37.62 -5.05 5.92
C ASP B 127 36.91 -4.53 4.68
N VAL B 128 35.65 -4.95 4.49
CA VAL B 128 34.91 -4.50 3.29
C VAL B 128 34.65 -2.99 3.33
N ALA B 129 34.26 -2.48 4.48
CA ALA B 129 34.02 -1.03 4.64
C ALA B 129 35.23 -0.23 4.22
N ASN B 130 36.39 -0.64 4.70
CA ASN B 130 37.62 0.09 4.40
C ASN B 130 38.03 -0.04 2.94
N LEU B 131 37.81 -1.23 2.37
CA LEU B 131 38.02 -1.43 0.94
C LEU B 131 37.15 -0.53 0.08
N VAL B 132 35.84 -0.52 0.36
CA VAL B 132 34.90 0.26 -0.46
C VAL B 132 35.18 1.75 -0.30
N ARG B 133 35.50 2.18 0.90
CA ARG B 133 35.79 3.62 1.15
C ARG B 133 36.99 4.12 0.36
N LYS B 134 38.06 3.32 0.32
CA LYS B 134 39.25 3.61 -0.48
C LYS B 134 38.93 3.61 -1.97
N SER B 135 38.05 2.69 -2.38
CA SER B 135 37.70 2.56 -3.76
C SER B 135 36.97 3.80 -4.28
N ILE B 136 36.26 4.53 -3.41
CA ILE B 136 35.67 5.80 -3.83
C ILE B 136 36.76 6.69 -4.42
N LYS B 137 37.89 6.77 -3.71
CA LYS B 137 38.99 7.69 -4.10
C LYS B 137 39.68 7.21 -5.36
N ASP B 138 39.92 5.91 -5.43
CA ASP B 138 40.47 5.33 -6.64
C ASP B 138 39.62 5.63 -7.88
N ALA B 139 38.29 5.59 -7.75
CA ALA B 139 37.43 5.87 -8.89
C ALA B 139 37.46 7.33 -9.24
N ASP B 140 37.39 8.17 -8.21
CA ASP B 140 37.46 9.60 -8.40
CA ASP B 140 37.44 9.61 -8.41
C ASP B 140 38.76 9.97 -9.11
N ASP B 141 39.85 9.38 -8.65
CA ASP B 141 41.16 9.64 -9.29
C ASP B 141 41.21 9.21 -10.75
N ALA B 142 40.46 8.14 -11.10
CA ALA B 142 40.42 7.62 -12.48
C ALA B 142 39.49 8.41 -13.38
N GLY B 143 38.78 9.36 -12.79
CA GLY B 143 37.87 10.23 -13.50
C GLY B 143 36.53 9.57 -13.78
N ASP B 144 36.13 8.64 -12.91
CA ASP B 144 34.85 7.92 -13.07
C ASP B 144 33.96 8.28 -11.87
N ASP B 145 33.30 9.42 -12.00
CA ASP B 145 32.44 9.96 -10.94
C ASP B 145 31.23 9.06 -10.58
N ASP B 146 30.61 8.43 -11.58
CA ASP B 146 29.49 7.53 -11.28
C ASP B 146 29.93 6.31 -10.44
N THR B 147 31.04 5.68 -10.81
CA THR B 147 31.55 4.59 -10.02
C THR B 147 31.94 5.04 -8.60
N ALA B 148 32.55 6.22 -8.48
CA ALA B 148 32.85 6.77 -7.16
C ALA B 148 31.58 6.91 -6.33
N ASP B 149 30.52 7.41 -6.94
CA ASP B 149 29.23 7.60 -6.24
C ASP B 149 28.61 6.26 -5.81
N ILE B 150 28.71 5.26 -6.68
CA ILE B 150 28.24 3.94 -6.37
C ILE B 150 28.95 3.41 -5.14
N PHE B 151 30.26 3.62 -5.10
CA PHE B 151 31.03 3.17 -3.94
C PHE B 151 30.71 4.01 -2.70
N THR B 152 30.39 5.30 -2.90
CA THR B 152 30.05 6.15 -1.77
C THR B 152 28.77 5.66 -1.14
N ALA B 153 27.77 5.32 -1.97
CA ALA B 153 26.50 4.79 -1.41
C ALA B 153 26.73 3.47 -0.66
N ALA B 154 27.51 2.57 -1.25
CA ALA B 154 27.84 1.31 -0.60
C ALA B 154 28.61 1.55 0.69
N SER B 155 29.55 2.50 0.66
CA SER B 155 30.37 2.84 1.83
C SER B 155 29.53 3.42 2.96
N ARG B 156 28.58 4.28 2.63
CA ARG B 156 27.66 4.76 3.65
C ARG B 156 26.91 3.61 4.29
N SER B 157 26.40 2.65 3.50
CA SER B 157 25.71 1.49 4.09
CA SER B 157 25.72 1.50 4.08
C SER B 157 26.64 0.67 4.97
N LEU B 158 27.86 0.44 4.48
CA LEU B 158 28.83 -0.38 5.20
C LEU B 158 29.27 0.23 6.54
N ASP B 159 29.58 1.53 6.50
CA ASP B 159 30.01 2.24 7.70
C ASP B 159 28.88 2.25 8.74
N LYS B 160 27.63 2.43 8.31
CA LYS B 160 26.50 2.32 9.24
C LYS B 160 26.31 0.92 9.81
N ALA B 161 26.44 -0.12 9.00
CA ALA B 161 26.34 -1.48 9.49
C ALA B 161 27.48 -1.82 10.45
N LEU B 162 28.69 -1.40 10.11
CA LEU B 162 29.86 -1.60 11.00
C LEU B 162 29.59 -0.98 12.38
N TRP B 163 29.04 0.23 12.38
CA TRP B 163 28.62 0.87 13.61
C TRP B 163 27.57 0.05 14.35
N PHE B 164 26.52 -0.40 13.66
CA PHE B 164 25.49 -1.20 14.33
C PHE B 164 26.14 -2.40 15.05
N LEU B 165 27.09 -3.04 14.38
CA LEU B 165 27.81 -4.18 14.98
C LEU B 165 28.67 -3.73 16.15
N GLU B 166 29.55 -2.76 15.90
CA GLU B 166 30.48 -2.34 16.94
C GLU B 166 29.76 -1.78 18.15
N ALA B 167 28.64 -1.09 17.91
CA ALA B 167 27.90 -0.52 19.03
C ALA B 167 27.43 -1.57 20.02
N HIS B 168 27.32 -2.83 19.60
CA HIS B 168 26.94 -3.89 20.51
C HIS B 168 28.07 -4.29 21.45
N VAL B 169 29.32 -4.04 21.04
CA VAL B 169 30.46 -4.48 21.85
C VAL B 169 31.28 -3.33 22.44
N GLN B 170 31.01 -2.10 22.03
CA GLN B 170 31.74 -0.88 22.51
C GLN B 170 31.51 -0.56 24.00
N GLU B 171 30.41 -1.05 24.58
CA GLU B 171 30.17 -1.03 26.04
C GLU B 171 29.62 -2.42 26.40
N SER B 172 29.69 -2.82 27.67
CA SER B 172 29.35 -4.19 28.12
CA SER B 172 29.33 -4.19 28.09
C SER B 172 27.97 -4.29 28.76
N ASN B 173 27.28 -3.17 28.94
CA ASN B 173 25.95 -3.16 29.57
C ASN B 173 25.08 -2.02 29.03
N SER C 13 -23.87 -33.38 17.01
CA SER C 13 -22.63 -32.55 16.80
C SER C 13 -22.14 -32.59 15.36
N MET C 14 -22.83 -33.36 14.53
CA MET C 14 -22.43 -33.53 13.15
C MET C 14 -23.48 -32.94 12.23
N HIS C 15 -23.03 -32.54 11.05
CA HIS C 15 -23.91 -32.04 10.01
C HIS C 15 -23.50 -32.71 8.69
N ALA C 16 -24.49 -32.89 7.82
CA ALA C 16 -24.28 -33.60 6.56
C ALA C 16 -23.40 -32.75 5.65
N THR C 17 -22.45 -33.39 4.98
CA THR C 17 -21.64 -32.76 3.95
C THR C 17 -21.40 -33.66 2.77
N ARG C 18 -21.28 -33.07 1.57
CA ARG C 18 -20.84 -33.76 0.37
C ARG C 18 -19.39 -34.24 0.41
N ASN C 19 -18.60 -33.72 1.35
CA ASN C 19 -17.21 -34.11 1.48
C ASN C 19 -17.20 -35.62 1.69
N ASP C 20 -16.48 -36.36 0.85
CA ASP C 20 -16.62 -37.84 0.85
C ASP C 20 -15.57 -38.60 1.65
N LEU C 21 -14.91 -37.93 2.58
CA LEU C 21 -14.03 -38.66 3.49
C LEU C 21 -14.89 -39.68 4.23
N PRO C 22 -14.39 -40.90 4.40
CA PRO C 22 -15.19 -41.93 5.05
C PRO C 22 -15.64 -41.52 6.44
N SER C 23 -16.79 -42.03 6.87
CA SER C 23 -17.37 -41.68 8.17
CA SER C 23 -17.37 -41.68 8.16
C SER C 23 -16.39 -41.83 9.33
N ASN C 24 -15.65 -42.95 9.38
CA ASN C 24 -14.71 -43.17 10.48
C ASN C 24 -13.54 -42.20 10.41
N THR C 25 -13.11 -41.87 9.20
CA THR C 25 -12.07 -40.90 9.02
C THR C 25 -12.52 -39.52 9.55
N LYS C 26 -13.75 -39.15 9.22
CA LYS C 26 -14.32 -37.89 9.71
C LYS C 26 -14.30 -37.85 11.23
N THR C 27 -14.90 -38.86 11.86
CA THR C 27 -14.97 -38.92 13.32
C THR C 27 -13.59 -38.84 14.00
N THR C 28 -12.63 -39.60 13.51
CA THR C 28 -11.31 -39.62 14.13
C THR C 28 -10.54 -38.31 13.89
N MET C 29 -10.68 -37.74 12.68
CA MET C 29 -10.02 -36.48 12.38
C MET C 29 -10.67 -35.31 13.15
N ILE C 30 -11.98 -35.32 13.31
CA ILE C 30 -12.64 -34.24 14.06
C ILE C 30 -12.07 -34.27 15.48
N ALA C 31 -11.93 -35.49 16.03
CA ALA C 31 -11.33 -35.62 17.38
C ALA C 31 -9.90 -35.10 17.43
N LEU C 32 -9.10 -35.45 16.44
CA LEU C 32 -7.69 -35.07 16.42
C LEU C 32 -7.59 -33.55 16.26
N LEU C 33 -8.43 -33.00 15.38
CA LEU C 33 -8.43 -31.53 15.16
C LEU C 33 -8.81 -30.80 16.44
N ASN C 34 -9.82 -31.27 17.13
CA ASN C 34 -10.21 -30.67 18.41
C ASN C 34 -9.16 -30.77 19.50
N GLU C 35 -8.43 -31.88 19.51
CA GLU C 35 -7.32 -32.06 20.45
C GLU C 35 -6.26 -31.01 20.20
N ASN C 36 -5.91 -30.83 18.92
CA ASN C 36 -4.89 -29.86 18.52
C ASN C 36 -5.38 -28.42 18.68
N LEU C 37 -6.68 -28.23 18.51
CA LEU C 37 -7.31 -26.91 18.66
C LEU C 37 -7.20 -26.44 20.13
N ALA C 38 -7.49 -27.34 21.07
CA ALA C 38 -7.40 -27.00 22.48
C ALA C 38 -5.96 -26.61 22.86
N ALA C 39 -4.97 -27.38 22.37
CA ALA C 39 -3.59 -27.12 22.69
C ALA C 39 -3.12 -25.78 22.14
N THR C 40 -3.55 -25.47 20.91
CA THR C 40 -3.09 -24.26 20.23
C THR C 40 -3.78 -22.99 20.74
N ILE C 41 -5.07 -23.06 21.05
CA ILE C 41 -5.73 -21.93 21.73
C ILE C 41 -5.08 -21.66 23.09
N ASP C 42 -4.83 -22.71 23.87
CA ASP C 42 -4.18 -22.54 25.16
C ASP C 42 -2.81 -21.91 24.96
N LEU C 43 -2.06 -22.39 23.97
CA LEU C 43 -0.73 -21.85 23.71
C LEU C 43 -0.79 -20.38 23.28
N ALA C 44 -1.82 -20.03 22.52
CA ALA C 44 -2.05 -18.61 22.14
C ALA C 44 -2.21 -17.70 23.37
N LEU C 45 -3.04 -18.14 24.31
CA LEU C 45 -3.26 -17.39 25.54
C LEU C 45 -1.97 -17.27 26.35
N ILE C 46 -1.24 -18.38 26.45
CA ILE C 46 0.05 -18.44 27.13
C ILE C 46 1.05 -17.47 26.55
N THR C 47 1.07 -17.37 25.22
CA THR C 47 1.98 -16.53 24.54
C THR C 47 1.76 -15.07 24.92
N LYS C 48 0.50 -14.64 24.95
CA LYS C 48 0.19 -13.23 25.33
C LYS C 48 0.49 -13.01 26.83
N GLN C 49 0.20 -14.03 27.64
CA GLN C 49 0.50 -13.95 29.06
C GLN C 49 1.97 -13.56 29.26
N ALA C 50 2.88 -14.27 28.59
CA ALA C 50 4.30 -13.99 28.64
C ALA C 50 4.63 -12.61 28.07
N HIS C 51 4.05 -12.32 26.91
CA HIS C 51 4.23 -11.04 26.21
C HIS C 51 3.99 -9.84 27.14
N TRP C 52 2.90 -9.89 27.90
CA TRP C 52 2.53 -8.74 28.75
C TRP C 52 3.48 -8.57 29.95
N ASN C 53 3.91 -9.69 30.52
CA ASN C 53 4.52 -9.67 31.86
C ASN C 53 6.01 -9.87 31.86
N LEU C 54 6.63 -10.03 30.70
CA LEU C 54 8.07 -10.16 30.70
C LEU C 54 8.79 -8.84 31.01
N LYS C 55 9.96 -8.98 31.66
CA LYS C 55 10.77 -7.86 32.11
C LYS C 55 12.20 -8.32 32.15
N GLY C 56 13.13 -7.40 31.94
CA GLY C 56 14.54 -7.71 31.89
C GLY C 56 15.17 -7.12 30.64
N PRO C 57 16.49 -7.22 30.52
CA PRO C 57 17.24 -6.46 29.54
C PRO C 57 16.89 -6.75 28.09
N GLN C 58 16.35 -7.95 27.83
CA GLN C 58 15.92 -8.33 26.47
C GLN C 58 14.44 -8.01 26.20
N PHE C 59 13.80 -7.22 27.08
CA PHE C 59 12.35 -7.04 27.03
C PHE C 59 11.79 -6.77 25.62
N ILE C 60 12.25 -5.71 24.97
CA ILE C 60 11.47 -5.21 23.79
C ILE C 60 11.49 -6.20 22.63
N ALA C 61 12.67 -6.74 22.36
CA ALA C 61 12.76 -7.70 21.22
C ALA C 61 11.94 -8.97 21.47
N VAL C 62 11.93 -9.49 22.69
CA VAL C 62 11.22 -10.74 22.98
C VAL C 62 9.72 -10.43 23.03
N HIS C 63 9.38 -9.28 23.60
CA HIS C 63 7.99 -8.79 23.65
C HIS C 63 7.39 -8.79 22.25
N GLU C 64 8.09 -8.20 21.30
CA GLU C 64 7.62 -8.13 19.92
C GLU C 64 7.59 -9.47 19.25
N MET C 65 8.64 -10.26 19.49
CA MET C 65 8.73 -11.61 18.92
C MET C 65 7.49 -12.43 19.24
N LEU C 66 7.04 -12.34 20.48
CA LEU C 66 5.92 -13.10 20.97
C LEU C 66 4.60 -12.65 20.33
N ASP C 67 4.49 -11.40 19.92
CA ASP C 67 3.31 -11.01 19.15
C ASP C 67 3.32 -11.68 17.79
N GLY C 68 4.51 -11.81 17.19
CA GLY C 68 4.61 -12.55 15.91
C GLY C 68 4.11 -13.99 16.06
N PHE C 69 4.51 -14.65 17.16
CA PHE C 69 4.06 -16.04 17.43
C PHE C 69 2.54 -16.09 17.57
N ARG C 70 1.97 -15.16 18.33
CA ARG C 70 0.52 -15.17 18.54
C ARG C 70 -0.25 -15.02 17.21
N ALA C 71 0.25 -14.17 16.32
CA ALA C 71 -0.39 -13.94 15.01
C ALA C 71 -0.39 -15.23 14.21
N GLU C 72 0.72 -15.93 14.26
CA GLU C 72 0.83 -17.23 13.58
C GLU C 72 -0.07 -18.28 14.17
N LEU C 73 -0.07 -18.41 15.49
CA LEU C 73 -0.97 -19.33 16.16
C LEU C 73 -2.42 -19.03 15.81
N ASP C 74 -2.80 -17.75 15.76
CA ASP C 74 -4.18 -17.41 15.47
C ASP C 74 -4.60 -18.01 14.13
N ASP C 75 -3.74 -17.87 13.13
CA ASP C 75 -4.07 -18.38 11.82
C ASP C 75 -4.21 -19.91 11.84
N HIS C 76 -3.32 -20.58 12.58
CA HIS C 76 -3.39 -22.06 12.67
C HIS C 76 -4.58 -22.54 13.47
N VAL C 77 -4.94 -21.80 14.53
CA VAL C 77 -6.15 -22.07 15.28
C VAL C 77 -7.39 -22.06 14.36
N ASP C 78 -7.51 -21.02 13.53
CA ASP C 78 -8.66 -20.91 12.63
CA ASP C 78 -8.67 -20.90 12.66
C ASP C 78 -8.69 -22.04 11.64
N THR C 79 -7.55 -22.35 11.07
CA THR C 79 -7.50 -23.36 10.02
C THR C 79 -7.89 -24.71 10.56
N ILE C 80 -7.40 -25.00 11.74
CA ILE C 80 -7.70 -26.28 12.39
C ILE C 80 -9.17 -26.38 12.77
N ALA C 81 -9.72 -25.36 13.43
CA ALA C 81 -11.12 -25.34 13.82
C ALA C 81 -12.02 -25.52 12.58
N GLU C 82 -11.73 -24.75 11.54
CA GLU C 82 -12.57 -24.78 10.36
C GLU C 82 -12.49 -26.12 9.60
N ARG C 83 -11.36 -26.79 9.70
CA ARG C 83 -11.23 -28.09 9.10
C ARG C 83 -12.17 -29.08 9.75
N ALA C 84 -12.28 -29.02 11.08
CA ALA C 84 -13.20 -29.89 11.81
C ALA C 84 -14.62 -29.64 11.35
N VAL C 85 -14.96 -28.38 11.12
CA VAL C 85 -16.29 -28.04 10.66
C VAL C 85 -16.55 -28.49 9.23
N GLN C 86 -15.56 -28.29 8.37
CA GLN C 86 -15.65 -28.64 6.95
C GLN C 86 -15.98 -30.10 6.75
N ILE C 87 -15.43 -30.95 7.60
CA ILE C 87 -15.63 -32.40 7.44
C ILE C 87 -16.86 -32.90 8.19
N GLY C 88 -17.70 -31.97 8.64
CA GLY C 88 -19.00 -32.27 9.21
C GLY C 88 -19.09 -32.19 10.72
N GLY C 89 -18.00 -31.77 11.38
CA GLY C 89 -17.91 -31.72 12.84
C GLY C 89 -18.18 -30.38 13.50
N THR C 90 -18.00 -30.38 14.82
CA THR C 90 -18.06 -29.18 15.64
C THR C 90 -16.62 -28.85 16.07
N ALA C 91 -16.30 -27.56 16.05
CA ALA C 91 -15.07 -27.04 16.63
C ALA C 91 -15.35 -26.59 18.06
N TYR C 92 -14.52 -27.07 18.99
CA TYR C 92 -14.73 -26.79 20.44
C TYR C 92 -13.57 -25.95 20.92
N GLY C 93 -13.83 -24.66 21.16
CA GLY C 93 -12.78 -23.70 21.49
C GLY C 93 -13.13 -22.70 22.59
N THR C 94 -14.13 -23.02 23.41
CA THR C 94 -14.50 -22.16 24.53
C THR C 94 -13.50 -22.32 25.67
N THR C 95 -13.49 -21.38 26.60
CA THR C 95 -12.60 -21.44 27.74
CA THR C 95 -12.55 -21.48 27.70
C THR C 95 -12.79 -22.76 28.49
N GLN C 96 -14.04 -23.16 28.62
CA GLN C 96 -14.37 -24.35 29.43
C GLN C 96 -13.80 -25.62 28.80
N VAL C 97 -13.85 -25.68 27.47
CA VAL C 97 -13.31 -26.83 26.74
C VAL C 97 -11.82 -26.81 26.79
N VAL C 98 -11.23 -25.65 26.55
CA VAL C 98 -9.80 -25.59 26.42
C VAL C 98 -9.11 -25.97 27.76
N VAL C 99 -9.68 -25.50 28.86
CA VAL C 99 -9.08 -25.72 30.18
C VAL C 99 -9.14 -27.21 30.52
N LYS C 100 -10.17 -27.90 30.03
CA LYS C 100 -10.30 -29.36 30.20
C LYS C 100 -9.44 -30.18 29.24
N GLU C 101 -9.30 -29.74 27.99
CA GLU C 101 -8.78 -30.57 26.93
C GLU C 101 -7.34 -30.28 26.57
N SER C 102 -6.83 -29.12 26.96
CA SER C 102 -5.42 -28.86 26.83
C SER C 102 -4.65 -29.62 27.94
N ARG C 103 -3.53 -30.23 27.56
CA ARG C 103 -2.64 -30.94 28.50
C ARG C 103 -1.46 -30.07 28.87
N LEU C 104 -1.41 -28.82 28.40
CA LEU C 104 -0.29 -27.95 28.77
C LEU C 104 -0.33 -27.61 30.25
N LYS C 105 0.82 -27.75 30.90
CA LYS C 105 0.90 -27.40 32.30
C LYS C 105 0.52 -25.93 32.51
N PRO C 106 -0.39 -25.63 33.45
CA PRO C 106 -0.81 -24.25 33.69
C PRO C 106 0.36 -23.30 33.78
N TYR C 107 0.27 -22.19 33.04
CA TYR C 107 1.41 -21.31 32.90
C TYR C 107 1.53 -20.45 34.13
N PRO C 108 2.74 -20.27 34.64
CA PRO C 108 2.87 -19.55 35.90
C PRO C 108 2.58 -18.07 35.73
N THR C 109 1.78 -17.50 36.63
CA THR C 109 1.41 -16.07 36.53
C THR C 109 2.27 -15.18 37.44
N ASP C 110 3.32 -15.75 38.04
CA ASP C 110 4.20 -15.05 38.98
C ASP C 110 5.65 -15.06 38.54
N ILE C 111 5.91 -15.21 37.26
CA ILE C 111 7.25 -15.04 36.72
C ILE C 111 7.33 -13.81 35.82
N TYR C 112 8.55 -13.29 35.66
CA TYR C 112 8.74 -11.99 35.02
C TYR C 112 9.98 -11.97 34.18
N ALA C 113 11.11 -12.41 34.76
CA ALA C 113 12.36 -12.32 34.10
C ALA C 113 12.24 -12.98 32.72
N VAL C 114 12.87 -12.38 31.73
CA VAL C 114 12.79 -12.91 30.36
C VAL C 114 13.23 -14.35 30.36
N HIS C 115 14.34 -14.67 31.03
CA HIS C 115 14.81 -16.04 31.08
C HIS C 115 13.75 -17.02 31.58
N ASP C 116 13.01 -16.66 32.62
CA ASP C 116 12.00 -17.57 33.17
C ASP C 116 10.85 -17.77 32.21
N HIS C 117 10.38 -16.70 31.58
CA HIS C 117 9.39 -16.90 30.51
C HIS C 117 9.91 -17.74 29.35
N LEU C 118 11.15 -17.52 28.92
CA LEU C 118 11.71 -18.32 27.81
C LEU C 118 11.71 -19.81 28.13
N VAL C 119 12.12 -20.16 29.34
CA VAL C 119 12.13 -21.55 29.78
C VAL C 119 10.73 -22.14 29.85
N ALA C 120 9.78 -21.39 30.40
CA ALA C 120 8.41 -21.85 30.55
C ALA C 120 7.74 -21.97 29.19
N LEU C 121 8.05 -21.04 28.29
CA LEU C 121 7.52 -21.11 26.91
C LEU C 121 8.07 -22.29 26.14
N ILE C 122 9.39 -22.53 26.25
CA ILE C 122 10.04 -23.69 25.60
C ILE C 122 9.33 -24.99 25.95
N GLU C 123 8.95 -25.15 27.22
CA GLU C 123 8.26 -26.34 27.66
C GLU C 123 6.97 -26.49 26.89
N ARG C 124 6.20 -25.40 26.85
CA ARG C 124 4.86 -25.48 26.26
C ARG C 124 4.85 -25.51 24.75
N TYR C 125 5.69 -24.69 24.10
CA TYR C 125 5.90 -24.76 22.65
C TYR C 125 6.45 -26.12 22.23
N GLY C 126 7.33 -26.70 23.03
CA GLY C 126 7.81 -28.05 22.73
C GLY C 126 6.71 -29.08 22.74
N ASP C 127 5.86 -29.03 23.76
CA ASP C 127 4.75 -29.97 23.89
C ASP C 127 3.80 -29.84 22.70
N VAL C 128 3.44 -28.59 22.35
CA VAL C 128 2.54 -28.38 21.22
C VAL C 128 3.19 -28.73 19.89
N ALA C 129 4.43 -28.33 19.69
CA ALA C 129 5.17 -28.64 18.47
C ALA C 129 5.19 -30.16 18.27
N ASN C 130 5.43 -30.90 19.34
CA ASN C 130 5.52 -32.36 19.19
C ASN C 130 4.17 -33.02 18.97
N LEU C 131 3.12 -32.50 19.59
CA LEU C 131 1.77 -32.98 19.36
C LEU C 131 1.39 -32.76 17.90
N VAL C 132 1.63 -31.56 17.38
CA VAL C 132 1.19 -31.25 16.03
C VAL C 132 1.92 -32.07 15.01
N ARG C 133 3.24 -32.23 15.23
CA ARG C 133 4.08 -32.99 14.31
C ARG C 133 3.58 -34.43 14.22
N LYS C 134 3.21 -35.04 15.36
CA LYS C 134 2.74 -36.42 15.37
C LYS C 134 1.36 -36.52 14.67
N SER C 135 0.55 -35.49 14.87
CA SER C 135 -0.76 -35.42 14.29
C SER C 135 -0.75 -35.37 12.75
N ILE C 136 0.31 -34.86 12.14
CA ILE C 136 0.48 -34.94 10.66
C ILE C 136 0.37 -36.40 10.25
N LYS C 137 1.15 -37.23 10.93
CA LYS C 137 1.22 -38.64 10.63
C LYS C 137 -0.09 -39.34 10.92
N ASP C 138 -0.73 -39.03 12.04
CA ASP C 138 -2.05 -39.60 12.38
C ASP C 138 -3.10 -39.31 11.29
N ALA C 139 -3.07 -38.07 10.78
CA ALA C 139 -3.96 -37.66 9.72
C ALA C 139 -3.61 -38.40 8.42
N ASP C 140 -2.32 -38.47 8.08
CA ASP C 140 -1.89 -39.19 6.88
CA ASP C 140 -1.90 -39.18 6.88
C ASP C 140 -2.30 -40.65 6.94
N ASP C 141 -2.11 -41.28 8.09
CA ASP C 141 -2.46 -42.68 8.25
C ASP C 141 -3.96 -42.89 8.11
N ALA C 142 -4.77 -41.92 8.53
CA ALA C 142 -6.22 -42.01 8.40
C ALA C 142 -6.71 -41.73 6.97
N GLY C 143 -5.82 -41.27 6.10
CA GLY C 143 -6.19 -40.99 4.69
C GLY C 143 -6.74 -39.58 4.47
N ASP C 144 -6.45 -38.66 5.40
CA ASP C 144 -6.93 -37.27 5.31
C ASP C 144 -5.76 -36.35 4.99
N ASP C 145 -5.52 -36.19 3.70
CA ASP C 145 -4.34 -35.50 3.25
C ASP C 145 -4.41 -33.98 3.51
N ASP C 146 -5.59 -33.43 3.39
CA ASP C 146 -5.75 -31.97 3.66
C ASP C 146 -5.49 -31.67 5.13
N THR C 147 -6.05 -32.48 6.01
CA THR C 147 -5.81 -32.31 7.46
C THR C 147 -4.33 -32.48 7.79
N ALA C 148 -3.69 -33.47 7.18
CA ALA C 148 -2.26 -33.66 7.37
C ALA C 148 -1.46 -32.45 6.95
N ASP C 149 -1.84 -31.85 5.84
CA ASP C 149 -1.20 -30.62 5.34
C ASP C 149 -1.43 -29.42 6.27
N ILE C 150 -2.63 -29.29 6.77
CA ILE C 150 -2.95 -28.26 7.78
C ILE C 150 -2.02 -28.38 8.99
N PHE C 151 -1.83 -29.60 9.48
CA PHE C 151 -0.93 -29.82 10.62
C PHE C 151 0.52 -29.60 10.22
N THR C 152 0.86 -29.86 8.96
CA THR C 152 2.21 -29.61 8.50
C THR C 152 2.55 -28.09 8.55
N ALA C 153 1.61 -27.28 8.11
CA ALA C 153 1.83 -25.83 8.10
C ALA C 153 1.96 -25.38 9.53
N ALA C 154 1.10 -25.89 10.39
CA ALA C 154 1.09 -25.51 11.80
C ALA C 154 2.37 -26.00 12.47
N SER C 155 2.78 -27.22 12.13
CA SER C 155 4.05 -27.74 12.64
C SER C 155 5.27 -26.95 12.19
N ARG C 156 5.34 -26.56 10.91
CA ARG C 156 6.41 -25.70 10.48
C ARG C 156 6.53 -24.42 11.30
N SER C 157 5.40 -23.77 11.53
CA SER C 157 5.39 -22.54 12.34
CA SER C 157 5.38 -22.55 12.32
C SER C 157 5.84 -22.81 13.76
N LEU C 158 5.35 -23.91 14.33
CA LEU C 158 5.70 -24.25 15.70
C LEU C 158 7.15 -24.62 15.87
N ASP C 159 7.73 -25.36 14.93
CA ASP C 159 9.14 -25.72 15.06
C ASP C 159 10.03 -24.52 14.87
N LYS C 160 9.61 -23.56 14.06
CA LYS C 160 10.39 -22.32 13.87
C LYS C 160 10.32 -21.47 15.12
N ALA C 161 9.14 -21.38 15.72
CA ALA C 161 8.95 -20.64 16.96
C ALA C 161 9.77 -21.26 18.10
N LEU C 162 9.70 -22.58 18.22
CA LEU C 162 10.46 -23.29 19.25
C LEU C 162 11.93 -22.97 19.12
N TRP C 163 12.44 -22.95 17.88
CA TRP C 163 13.83 -22.58 17.66
C TRP C 163 14.11 -21.13 18.09
N PHE C 164 13.23 -20.20 17.70
CA PHE C 164 13.45 -18.80 18.10
C PHE C 164 13.57 -18.68 19.63
N LEU C 165 12.77 -19.45 20.37
CA LEU C 165 12.84 -19.45 21.84
C LEU C 165 14.11 -20.12 22.29
N GLU C 166 14.34 -21.35 21.81
CA GLU C 166 15.55 -22.11 22.22
C GLU C 166 16.87 -21.43 21.88
N ALA C 167 16.92 -20.73 20.74
CA ALA C 167 18.11 -20.03 20.31
C ALA C 167 18.54 -18.96 21.30
N HIS C 168 17.64 -18.46 22.15
CA HIS C 168 18.00 -17.49 23.17
C HIS C 168 18.74 -18.10 24.35
N VAL C 169 18.56 -19.39 24.60
CA VAL C 169 19.14 -20.07 25.79
C VAL C 169 20.17 -21.16 25.43
N GLN C 170 20.38 -21.43 24.15
CA GLN C 170 21.29 -22.50 23.70
C GLN C 170 22.75 -22.09 23.87
N GLU C 171 22.97 -20.80 24.02
CA GLU C 171 24.25 -20.21 24.44
C GLU C 171 23.90 -19.13 25.47
N SER C 172 24.89 -18.67 26.22
CA SER C 172 24.67 -17.67 27.30
C SER C 172 25.29 -16.28 27.04
N ASN C 173 25.99 -16.13 25.92
CA ASN C 173 26.43 -14.80 25.46
C ASN C 173 26.36 -14.73 23.94
N SER D 13 16.05 37.68 -16.04
CA SER D 13 15.99 36.20 -15.97
C SER D 13 16.43 35.65 -14.59
N MET D 14 16.96 36.54 -13.74
CA MET D 14 17.55 36.14 -12.47
C MET D 14 16.72 36.70 -11.35
N HIS D 15 16.66 35.98 -10.23
CA HIS D 15 16.01 36.47 -9.01
C HIS D 15 16.96 36.32 -7.84
N ALA D 16 16.87 37.24 -6.90
CA ALA D 16 17.75 37.23 -5.74
C ALA D 16 17.48 35.97 -4.89
N THR D 17 18.55 35.36 -4.38
CA THR D 17 18.48 34.31 -3.39
C THR D 17 19.59 34.48 -2.36
N ARG D 18 19.32 34.16 -1.09
CA ARG D 18 20.32 34.08 -0.03
C ARG D 18 21.29 32.91 -0.21
N ASN D 19 21.04 32.06 -1.19
CA ASN D 19 21.99 30.98 -1.46
C ASN D 19 23.31 31.63 -1.83
N ASP D 20 24.38 31.29 -1.12
CA ASP D 20 25.61 32.05 -1.28
C ASP D 20 26.65 31.40 -2.17
N LEU D 21 26.21 30.48 -3.03
CA LEU D 21 27.09 30.08 -4.12
C LEU D 21 27.56 31.35 -4.82
N PRO D 22 28.85 31.40 -5.19
CA PRO D 22 29.33 32.63 -5.84
C PRO D 22 28.56 32.99 -7.09
N SER D 23 28.39 34.28 -7.29
CA SER D 23 27.70 34.81 -8.44
C SER D 23 28.13 34.20 -9.77
N ASN D 24 29.43 34.10 -10.06
CA ASN D 24 29.85 33.59 -11.38
CA ASN D 24 29.83 33.62 -11.37
C ASN D 24 29.54 32.13 -11.52
N THR D 25 29.59 31.43 -10.39
CA THR D 25 29.23 29.99 -10.35
C THR D 25 27.72 29.84 -10.63
N LYS D 26 26.87 30.69 -10.04
CA LYS D 26 25.44 30.62 -10.32
C LYS D 26 25.20 30.80 -11.83
N THR D 27 25.80 31.82 -12.41
CA THR D 27 25.63 32.11 -13.86
CA THR D 27 25.55 32.09 -13.83
C THR D 27 26.03 30.92 -14.73
N THR D 28 27.24 30.38 -14.49
CA THR D 28 27.73 29.29 -15.35
CA THR D 28 27.81 29.27 -15.26
C THR D 28 26.97 28.00 -15.12
N MET D 29 26.59 27.71 -13.89
CA MET D 29 25.74 26.54 -13.63
C MET D 29 24.35 26.65 -14.18
N ILE D 30 23.72 27.82 -14.12
CA ILE D 30 22.40 28.01 -14.75
C ILE D 30 22.50 27.66 -16.22
N ALA D 31 23.56 28.13 -16.88
CA ALA D 31 23.71 27.82 -18.28
C ALA D 31 23.89 26.33 -18.50
N LEU D 32 24.74 25.70 -17.70
CA LEU D 32 25.03 24.28 -17.85
C LEU D 32 23.77 23.46 -17.57
N LEU D 33 23.01 23.87 -16.56
CA LEU D 33 21.75 23.18 -16.23
C LEU D 33 20.76 23.26 -17.39
N ASN D 34 20.59 24.43 -17.95
CA ASN D 34 19.71 24.60 -19.08
C ASN D 34 20.11 23.82 -20.32
N GLU D 35 21.40 23.69 -20.56
CA GLU D 35 21.90 22.90 -21.68
C GLU D 35 21.49 21.43 -21.49
N ASN D 36 21.67 20.95 -20.26
CA ASN D 36 21.31 19.58 -19.91
C ASN D 36 19.80 19.39 -19.89
N LEU D 37 19.09 20.42 -19.48
CA LEU D 37 17.64 20.37 -19.45
C LEU D 37 17.07 20.21 -20.85
N ALA D 38 17.56 20.97 -21.81
CA ALA D 38 17.13 20.83 -23.19
C ALA D 38 17.34 19.41 -23.74
N ALA D 39 18.52 18.83 -23.49
CA ALA D 39 18.87 17.50 -23.95
C ALA D 39 17.99 16.43 -23.32
N THR D 40 17.76 16.54 -22.00
CA THR D 40 16.97 15.53 -21.29
C THR D 40 15.46 15.64 -21.65
N ILE D 41 14.91 16.84 -21.81
CA ILE D 41 13.52 16.94 -22.24
C ILE D 41 13.35 16.33 -23.63
N ASP D 42 14.31 16.61 -24.51
CA ASP D 42 14.24 16.10 -25.87
C ASP D 42 14.32 14.57 -25.81
N LEU D 43 15.22 14.03 -25.00
CA LEU D 43 15.35 12.61 -24.88
C LEU D 43 14.07 11.98 -24.34
N ALA D 44 13.40 12.70 -23.44
CA ALA D 44 12.15 12.19 -22.88
C ALA D 44 11.09 12.01 -23.97
N LEU D 45 10.96 13.02 -24.81
CA LEU D 45 10.02 12.95 -25.94
C LEU D 45 10.40 11.84 -26.94
N ILE D 46 11.69 11.73 -27.21
CA ILE D 46 12.20 10.72 -28.11
C ILE D 46 11.87 9.30 -27.61
N THR D 47 12.00 9.12 -26.29
CA THR D 47 11.80 7.83 -25.68
C THR D 47 10.35 7.39 -25.90
N LYS D 48 9.39 8.30 -25.69
CA LYS D 48 7.97 7.96 -25.93
C LYS D 48 7.66 7.74 -27.43
N GLN D 49 8.30 8.55 -28.29
CA GLN D 49 8.21 8.40 -29.76
C GLN D 49 8.53 6.95 -30.13
N ALA D 50 9.60 6.41 -29.58
CA ALA D 50 10.00 5.02 -29.85
C ALA D 50 9.00 4.01 -29.28
N HIS D 51 8.66 4.24 -28.01
CA HIS D 51 7.68 3.43 -27.26
C HIS D 51 6.37 3.21 -28.02
N TRP D 52 5.83 4.24 -28.63
CA TRP D 52 4.56 4.12 -29.35
C TRP D 52 4.69 3.35 -30.64
N ASN D 53 5.80 3.58 -31.35
CA ASN D 53 5.90 3.14 -32.74
C ASN D 53 6.70 1.89 -33.00
N LEU D 54 7.29 1.29 -32.00
CA LEU D 54 8.07 0.09 -32.29
C LEU D 54 7.19 -1.11 -32.57
N LYS D 55 7.75 -2.00 -33.38
CA LYS D 55 7.08 -3.19 -33.88
C LYS D 55 8.11 -4.28 -34.13
N GLY D 56 7.73 -5.52 -33.86
CA GLY D 56 8.64 -6.64 -33.97
C GLY D 56 8.62 -7.60 -32.80
N PRO D 57 9.37 -8.70 -32.92
CA PRO D 57 9.29 -9.82 -31.99
C PRO D 57 9.47 -9.49 -30.53
N GLN D 58 10.25 -8.43 -30.24
CA GLN D 58 10.53 -8.01 -28.87
C GLN D 58 9.64 -6.83 -28.42
N PHE D 59 8.51 -6.63 -29.10
CA PHE D 59 7.66 -5.48 -28.85
C PHE D 59 7.37 -5.22 -27.36
N ILE D 60 6.72 -6.16 -26.67
CA ILE D 60 6.14 -5.77 -25.39
C ILE D 60 7.23 -5.48 -24.36
N ALA D 61 8.27 -6.32 -24.33
CA ALA D 61 9.33 -6.10 -23.36
C ALA D 61 10.05 -4.75 -23.56
N VAL D 62 10.30 -4.39 -24.81
CA VAL D 62 11.01 -3.13 -25.08
C VAL D 62 10.08 -1.95 -24.87
N HIS D 63 8.81 -2.11 -25.29
CA HIS D 63 7.76 -1.08 -25.05
C HIS D 63 7.71 -0.69 -23.58
N GLU D 64 7.68 -1.70 -22.72
CA GLU D 64 7.56 -1.45 -21.28
C GLU D 64 8.85 -0.90 -20.70
N MET D 65 10.00 -1.42 -21.15
CA MET D 65 11.29 -0.90 -20.68
C MET D 65 11.37 0.61 -20.91
N LEU D 66 10.91 1.07 -22.07
CA LEU D 66 11.05 2.49 -22.44
C LEU D 66 10.18 3.38 -21.55
N ASP D 67 9.07 2.85 -21.05
CA ASP D 67 8.27 3.62 -20.06
C ASP D 67 9.03 3.82 -18.74
N GLY D 68 9.80 2.81 -18.34
CA GLY D 68 10.71 2.88 -17.20
C GLY D 68 11.71 4.01 -17.42
N PHE D 69 12.30 4.04 -18.62
CA PHE D 69 13.27 5.10 -18.95
C PHE D 69 12.64 6.47 -18.82
N ARG D 70 11.46 6.62 -19.40
CA ARG D 70 10.82 7.91 -19.41
C ARG D 70 10.53 8.43 -18.00
N ALA D 71 10.10 7.51 -17.12
CA ALA D 71 9.78 7.89 -15.74
C ALA D 71 11.05 8.39 -15.01
N GLU D 72 12.18 7.71 -15.22
CA GLU D 72 13.49 8.16 -14.69
C GLU D 72 13.90 9.51 -15.27
N LEU D 73 13.80 9.67 -16.59
CA LEU D 73 14.11 10.92 -17.22
C LEU D 73 13.30 12.08 -16.66
N ASP D 74 11.98 11.84 -16.44
CA ASP D 74 11.10 12.90 -15.92
C ASP D 74 11.62 13.45 -14.59
N ASP D 75 12.07 12.55 -13.71
CA ASP D 75 12.56 12.96 -12.37
C ASP D 75 13.84 13.76 -12.53
N HIS D 76 14.72 13.32 -13.41
CA HIS D 76 15.96 14.12 -13.62
C HIS D 76 15.74 15.46 -14.29
N VAL D 77 14.83 15.52 -15.26
CA VAL D 77 14.43 16.79 -15.84
C VAL D 77 14.00 17.78 -14.75
N ASP D 78 13.11 17.34 -13.90
CA ASP D 78 12.60 18.18 -12.82
CA ASP D 78 12.59 18.21 -12.87
C ASP D 78 13.71 18.63 -11.91
N THR D 79 14.58 17.71 -11.53
CA THR D 79 15.66 18.03 -10.61
C THR D 79 16.66 19.06 -11.19
N ILE D 80 16.99 18.89 -12.47
CA ILE D 80 17.89 19.82 -13.20
C ILE D 80 17.24 21.20 -13.35
N ALA D 81 15.98 21.25 -13.81
CA ALA D 81 15.27 22.54 -13.94
C ALA D 81 15.18 23.28 -12.61
N GLU D 82 14.81 22.54 -11.56
CA GLU D 82 14.61 23.17 -10.27
C GLU D 82 15.93 23.66 -9.67
N ARG D 83 17.02 22.99 -9.99
CA ARG D 83 18.31 23.47 -9.52
C ARG D 83 18.63 24.80 -10.17
N ALA D 84 18.34 24.96 -11.47
CA ALA D 84 18.64 26.20 -12.14
C ALA D 84 17.86 27.35 -11.45
N VAL D 85 16.65 27.06 -11.07
CA VAL D 85 15.80 28.03 -10.39
C VAL D 85 16.28 28.36 -8.98
N GLN D 86 16.61 27.34 -8.23
CA GLN D 86 17.10 27.48 -6.84
C GLN D 86 18.25 28.43 -6.68
N ILE D 87 19.14 28.42 -7.66
CA ILE D 87 20.36 29.24 -7.58
C ILE D 87 20.18 30.59 -8.28
N GLY D 88 18.92 30.93 -8.56
CA GLY D 88 18.51 32.24 -8.99
C GLY D 88 18.23 32.44 -10.46
N GLY D 89 18.14 31.36 -11.25
CA GLY D 89 17.95 31.49 -12.67
C GLY D 89 16.56 31.09 -13.15
N THR D 90 16.44 31.03 -14.46
CA THR D 90 15.23 30.60 -15.13
C THR D 90 15.48 29.22 -15.74
N ALA D 91 14.49 28.34 -15.66
CA ALA D 91 14.53 27.06 -16.35
C ALA D 91 13.83 27.25 -17.65
N TYR D 92 14.49 26.83 -18.73
CA TYR D 92 13.99 26.97 -20.09
C TYR D 92 13.66 25.60 -20.66
N GLY D 93 12.36 25.28 -20.75
CA GLY D 93 11.94 23.95 -21.15
C GLY D 93 10.77 23.88 -22.11
N THR D 94 10.48 24.95 -22.80
CA THR D 94 9.37 24.98 -23.77
C THR D 94 9.81 24.29 -25.07
N THR D 95 8.85 23.91 -25.91
CA THR D 95 9.21 23.23 -27.16
CA THR D 95 9.17 23.25 -27.18
C THR D 95 10.13 24.11 -28.01
N GLN D 96 9.86 25.42 -28.06
CA GLN D 96 10.68 26.35 -28.87
C GLN D 96 12.13 26.42 -28.39
N VAL D 97 12.33 26.42 -27.08
CA VAL D 97 13.68 26.37 -26.51
C VAL D 97 14.36 25.03 -26.81
N VAL D 98 13.66 23.94 -26.52
CA VAL D 98 14.21 22.62 -26.68
C VAL D 98 14.63 22.35 -28.13
N VAL D 99 13.81 22.75 -29.09
CA VAL D 99 14.11 22.46 -30.48
C VAL D 99 15.38 23.23 -30.92
N LYS D 100 15.64 24.38 -30.29
CA LYS D 100 16.84 25.17 -30.59
C LYS D 100 18.08 24.75 -29.79
N GLU D 101 17.93 24.41 -28.50
CA GLU D 101 19.08 24.15 -27.61
C GLU D 101 19.49 22.70 -27.44
N SER D 102 18.63 21.78 -27.84
CA SER D 102 19.02 20.39 -27.85
C SER D 102 19.91 20.18 -29.07
N ARG D 103 20.96 19.40 -28.90
CA ARG D 103 21.82 19.01 -30.03
C ARG D 103 21.56 17.58 -30.47
N LEU D 104 20.44 17.00 -30.02
CA LEU D 104 20.17 15.64 -30.40
C LEU D 104 19.63 15.68 -31.80
N LYS D 105 20.10 14.76 -32.62
CA LYS D 105 19.61 14.64 -33.98
C LYS D 105 18.07 14.38 -33.97
N PRO D 106 17.31 15.09 -34.80
CA PRO D 106 15.86 14.82 -34.83
C PRO D 106 15.59 13.33 -34.99
N TYR D 107 14.66 12.82 -34.19
CA TYR D 107 14.37 11.36 -34.21
C TYR D 107 13.55 11.00 -35.44
N PRO D 108 13.93 9.91 -36.12
CA PRO D 108 13.17 9.53 -37.32
C PRO D 108 11.78 9.09 -36.92
N THR D 109 10.81 9.55 -37.69
CA THR D 109 9.40 9.16 -37.52
C THR D 109 8.93 8.11 -38.55
N ASP D 110 9.89 7.50 -39.29
CA ASP D 110 9.60 6.52 -40.33
C ASP D 110 10.25 5.16 -40.11
N ILE D 111 10.63 4.90 -38.86
CA ILE D 111 11.16 3.62 -38.45
C ILE D 111 10.21 2.96 -37.47
N TYR D 112 10.28 1.63 -37.47
CA TYR D 112 9.31 0.77 -36.77
C TYR D 112 9.99 -0.43 -36.15
N ALA D 113 10.85 -1.13 -36.89
CA ALA D 113 11.47 -2.32 -36.37
C ALA D 113 12.10 -2.04 -35.01
N VAL D 114 11.98 -2.99 -34.10
CA VAL D 114 12.53 -2.79 -32.77
C VAL D 114 14.03 -2.51 -32.90
N HIS D 115 14.71 -3.32 -33.72
CA HIS D 115 16.14 -3.13 -33.93
C HIS D 115 16.46 -1.69 -34.36
N ASP D 116 15.65 -1.12 -35.24
CA ASP D 116 15.87 0.25 -35.75
C ASP D 116 15.72 1.30 -34.65
N HIS D 117 14.65 1.18 -33.84
CA HIS D 117 14.50 2.05 -32.65
C HIS D 117 15.61 1.84 -31.63
N LEU D 118 16.08 0.61 -31.43
CA LEU D 118 17.16 0.40 -30.42
C LEU D 118 18.44 1.18 -30.83
N VAL D 119 18.81 1.08 -32.10
CA VAL D 119 20.02 1.73 -32.59
C VAL D 119 19.87 3.26 -32.61
N ALA D 120 18.69 3.74 -32.97
CA ALA D 120 18.36 5.17 -32.94
C ALA D 120 18.42 5.73 -31.52
N LEU D 121 17.84 4.97 -30.58
CA LEU D 121 17.86 5.35 -29.17
C LEU D 121 19.26 5.27 -28.57
N ILE D 122 20.03 4.25 -28.95
CA ILE D 122 21.44 4.18 -28.51
C ILE D 122 22.20 5.44 -28.91
N GLU D 123 21.98 5.95 -30.11
CA GLU D 123 22.65 7.17 -30.57
C GLU D 123 22.36 8.31 -29.58
N ARG D 124 21.09 8.51 -29.29
CA ARG D 124 20.68 9.69 -28.55
C ARG D 124 20.91 9.54 -27.07
N TYR D 125 20.66 8.35 -26.53
CA TYR D 125 21.00 8.05 -25.12
C TYR D 125 22.50 8.19 -24.87
N GLY D 126 23.30 7.71 -25.82
CA GLY D 126 24.73 7.91 -25.70
C GLY D 126 25.14 9.38 -25.68
N ASP D 127 24.59 10.16 -26.60
CA ASP D 127 24.88 11.60 -26.66
C ASP D 127 24.54 12.26 -25.31
N VAL D 128 23.39 11.91 -24.74
CA VAL D 128 22.97 12.56 -23.50
C VAL D 128 23.77 12.06 -22.33
N ALA D 129 23.99 10.75 -22.27
CA ALA D 129 24.78 10.16 -21.20
C ALA D 129 26.17 10.79 -21.13
N ASN D 130 26.78 11.02 -22.30
CA ASN D 130 28.13 11.60 -22.33
C ASN D 130 28.13 13.09 -21.96
N LEU D 131 27.12 13.82 -22.39
CA LEU D 131 26.98 15.20 -21.97
C LEU D 131 26.80 15.34 -20.47
N VAL D 132 25.90 14.55 -19.91
CA VAL D 132 25.63 14.68 -18.48
C VAL D 132 26.86 14.29 -17.70
N ARG D 133 27.57 13.25 -18.17
CA ARG D 133 28.73 12.77 -17.42
C ARG D 133 29.79 13.87 -17.36
N LYS D 134 30.05 14.51 -18.50
CA LYS D 134 31.01 15.61 -18.58
C LYS D 134 30.56 16.76 -17.67
N SER D 135 29.26 16.99 -17.65
CA SER D 135 28.70 18.09 -16.86
C SER D 135 28.91 17.93 -15.34
N ILE D 136 29.03 16.69 -14.83
CA ILE D 136 29.41 16.43 -13.43
C ILE D 136 30.72 17.19 -13.13
N LYS D 137 31.69 16.96 -14.00
CA LYS D 137 33.04 17.50 -13.82
C LYS D 137 33.04 19.01 -13.95
N ASP D 138 32.30 19.51 -14.94
CA ASP D 138 32.18 20.94 -15.16
C ASP D 138 31.60 21.61 -13.90
N ALA D 139 30.57 21.01 -13.31
CA ALA D 139 29.98 21.53 -12.07
C ALA D 139 30.91 21.44 -10.88
N ASP D 140 31.59 20.29 -10.70
CA ASP D 140 32.59 20.10 -9.65
CA ASP D 140 32.56 20.13 -9.64
C ASP D 140 33.72 21.13 -9.75
N ASP D 141 34.24 21.30 -10.97
CA ASP D 141 35.29 22.31 -11.23
C ASP D 141 34.79 23.74 -10.91
N ALA D 142 33.51 24.04 -11.18
CA ALA D 142 32.93 25.33 -10.85
C ALA D 142 32.69 25.52 -9.35
N GLY D 143 32.80 24.45 -8.56
CA GLY D 143 32.57 24.53 -7.12
C GLY D 143 31.12 24.38 -6.68
N ASP D 144 30.30 23.79 -7.55
CA ASP D 144 28.85 23.51 -7.27
C ASP D 144 28.64 22.00 -7.08
N ASP D 145 28.81 21.56 -5.84
CA ASP D 145 28.80 20.16 -5.51
C ASP D 145 27.37 19.55 -5.62
N ASP D 146 26.35 20.36 -5.30
CA ASP D 146 24.96 19.87 -5.38
C ASP D 146 24.59 19.64 -6.86
N THR D 147 24.97 20.59 -7.73
CA THR D 147 24.72 20.47 -9.14
C THR D 147 25.50 19.27 -9.67
N ALA D 148 26.74 19.08 -9.20
CA ALA D 148 27.48 17.91 -9.67
C ALA D 148 26.78 16.62 -9.29
N ASP D 149 26.24 16.57 -8.08
CA ASP D 149 25.55 15.40 -7.57
C ASP D 149 24.26 15.12 -8.33
N ILE D 150 23.54 16.17 -8.65
CA ILE D 150 22.35 16.07 -9.49
C ILE D 150 22.72 15.46 -10.86
N PHE D 151 23.81 15.94 -11.46
CA PHE D 151 24.27 15.33 -12.71
C PHE D 151 24.76 13.91 -12.52
N THR D 152 25.35 13.59 -11.38
CA THR D 152 25.78 12.23 -11.06
C THR D 152 24.60 11.24 -11.01
N ALA D 153 23.51 11.66 -10.37
CA ALA D 153 22.33 10.82 -10.30
C ALA D 153 21.74 10.59 -11.70
N ALA D 154 21.67 11.65 -12.49
CA ALA D 154 21.14 11.58 -13.87
C ALA D 154 22.04 10.72 -14.73
N SER D 155 23.35 10.85 -14.50
CA SER D 155 24.34 10.09 -15.27
C SER D 155 24.29 8.60 -14.96
N ARG D 156 24.11 8.22 -13.70
CA ARG D 156 23.96 6.82 -13.36
C ARG D 156 22.75 6.22 -14.03
N SER D 157 21.64 6.98 -14.05
CA SER D 157 20.43 6.51 -14.75
CA SER D 157 20.43 6.51 -14.73
C SER D 157 20.66 6.38 -16.25
N LEU D 158 21.28 7.39 -16.83
CA LEU D 158 21.54 7.38 -18.25
C LEU D 158 22.48 6.23 -18.67
N ASP D 159 23.54 6.01 -17.90
CA ASP D 159 24.53 4.95 -18.25
C ASP D 159 23.88 3.57 -18.14
N LYS D 160 22.96 3.42 -17.19
CA LYS D 160 22.24 2.15 -17.00
C LYS D 160 21.25 1.93 -18.15
N ALA D 161 20.51 2.97 -18.53
CA ALA D 161 19.57 2.89 -19.65
C ALA D 161 20.34 2.61 -20.93
N LEU D 162 21.47 3.29 -21.08
CA LEU D 162 22.31 3.08 -22.28
C LEU D 162 22.74 1.61 -22.38
N TRP D 163 23.14 1.02 -21.26
CA TRP D 163 23.46 -0.40 -21.18
C TRP D 163 22.27 -1.28 -21.56
N PHE D 164 21.11 -1.02 -20.94
CA PHE D 164 19.90 -1.79 -21.27
C PHE D 164 19.66 -1.81 -22.75
N LEU D 165 19.87 -0.67 -23.42
CA LEU D 165 19.68 -0.58 -24.84
C LEU D 165 20.77 -1.36 -25.58
N GLU D 166 22.04 -1.08 -25.24
CA GLU D 166 23.16 -1.67 -25.97
C GLU D 166 23.23 -3.17 -25.78
N ALA D 167 22.89 -3.65 -24.58
CA ALA D 167 22.85 -5.07 -24.31
C ALA D 167 21.96 -5.86 -25.32
N HIS D 168 20.90 -5.22 -25.84
CA HIS D 168 20.04 -5.85 -26.86
C HIS D 168 20.75 -6.13 -28.20
N VAL D 169 21.77 -5.33 -28.51
CA VAL D 169 22.44 -5.40 -29.83
C VAL D 169 23.89 -5.86 -29.81
N GLN D 170 24.47 -5.99 -28.61
CA GLN D 170 25.87 -6.43 -28.46
C GLN D 170 26.09 -7.90 -28.80
N GLU D 171 25.01 -8.67 -28.82
CA GLU D 171 25.03 -10.04 -29.34
C GLU D 171 23.74 -10.19 -30.14
N SER D 172 23.68 -11.19 -31.01
CA SER D 172 22.58 -11.31 -31.93
C SER D 172 21.65 -12.46 -31.55
N ASN D 173 22.01 -13.23 -30.54
CA ASN D 173 21.15 -14.28 -30.06
C ASN D 173 21.22 -14.47 -28.55
N SER E 13 2.30 -33.69 -28.65
CA SER E 13 1.73 -32.96 -27.46
C SER E 13 2.75 -32.77 -26.33
N MET E 14 3.92 -33.39 -26.51
CA MET E 14 4.96 -33.39 -25.47
C MET E 14 6.14 -32.57 -25.92
N HIS E 15 6.86 -32.04 -24.94
CA HIS E 15 8.14 -31.35 -25.16
C HIS E 15 9.16 -31.86 -24.15
N ALA E 16 10.44 -31.90 -24.55
CA ALA E 16 11.50 -32.45 -23.72
C ALA E 16 11.79 -31.54 -22.54
N THR E 17 12.07 -32.14 -21.41
CA THR E 17 12.45 -31.39 -20.22
C THR E 17 13.50 -32.15 -19.44
N ARG E 18 14.37 -31.41 -18.77
CA ARG E 18 15.34 -31.97 -17.86
C ARG E 18 14.73 -32.51 -16.56
N ASN E 19 13.49 -32.12 -16.26
CA ASN E 19 12.75 -32.64 -15.12
C ASN E 19 12.80 -34.17 -15.19
N ASP E 20 13.33 -34.82 -14.16
CA ASP E 20 13.54 -36.27 -14.28
C ASP E 20 12.48 -37.14 -13.64
N LEU E 21 11.31 -36.58 -13.38
CA LEU E 21 10.16 -37.41 -12.96
C LEU E 21 10.09 -38.54 -13.99
N PRO E 22 9.91 -39.79 -13.53
CA PRO E 22 9.88 -40.91 -14.50
C PRO E 22 8.89 -40.68 -15.61
N SER E 23 9.30 -41.07 -16.80
CA SER E 23 8.55 -40.88 -18.02
C SER E 23 7.09 -41.33 -17.95
N ASN E 24 6.86 -42.55 -17.47
CA ASN E 24 5.49 -43.08 -17.34
C ASN E 24 4.67 -42.25 -16.36
N THR E 25 5.34 -41.71 -15.34
CA THR E 25 4.68 -40.91 -14.30
C THR E 25 4.28 -39.54 -14.89
N LYS E 26 5.14 -38.97 -15.73
CA LYS E 26 4.77 -37.75 -16.45
C LYS E 26 3.49 -37.95 -17.24
N THR E 27 3.43 -39.05 -17.98
CA THR E 27 2.27 -39.34 -18.80
C THR E 27 0.99 -39.41 -18.01
N THR E 28 0.99 -40.19 -16.94
CA THR E 28 -0.21 -40.36 -16.11
CA THR E 28 -0.20 -40.38 -16.11
C THR E 28 -0.57 -39.04 -15.42
N MET E 29 0.45 -38.32 -14.95
CA MET E 29 0.20 -37.04 -14.27
C MET E 29 -0.34 -35.95 -15.20
N ILE E 30 0.17 -35.89 -16.42
CA ILE E 30 -0.38 -34.95 -17.40
C ILE E 30 -1.87 -35.22 -17.63
N ALA E 31 -2.23 -36.49 -17.79
CA ALA E 31 -3.64 -36.85 -17.94
C ALA E 31 -4.47 -36.43 -16.71
N LEU E 32 -3.97 -36.72 -15.50
CA LEU E 32 -4.68 -36.42 -14.26
C LEU E 32 -4.88 -34.89 -14.08
N LEU E 33 -3.82 -34.16 -14.37
CA LEU E 33 -3.84 -32.68 -14.26
C LEU E 33 -4.86 -32.11 -15.23
N ASN E 34 -4.89 -32.60 -16.45
CA ASN E 34 -5.89 -32.17 -17.43
C ASN E 34 -7.32 -32.54 -17.08
N GLU E 35 -7.51 -33.68 -16.42
CA GLU E 35 -8.83 -34.07 -15.99
C GLU E 35 -9.32 -33.05 -14.96
N ASN E 36 -8.46 -32.74 -14.00
CA ASN E 36 -8.78 -31.76 -12.95
C ASN E 36 -8.89 -30.31 -13.49
N LEU E 37 -8.09 -29.99 -14.52
CA LEU E 37 -8.13 -28.65 -15.15
C LEU E 37 -9.52 -28.41 -15.78
N ALA E 38 -10.04 -29.43 -16.46
CA ALA E 38 -11.33 -29.33 -17.13
C ALA E 38 -12.41 -29.06 -16.10
N ALA E 39 -12.36 -29.80 -14.99
CA ALA E 39 -13.32 -29.67 -13.92
C ALA E 39 -13.26 -28.29 -13.26
N THR E 40 -12.06 -27.79 -13.02
CA THR E 40 -11.89 -26.54 -12.26
C THR E 40 -12.21 -25.33 -13.13
N ILE E 41 -11.88 -25.40 -14.42
CA ILE E 41 -12.29 -24.30 -15.33
C ILE E 41 -13.81 -24.25 -15.43
N ASP E 42 -14.45 -25.41 -15.61
CA ASP E 42 -15.90 -25.49 -15.69
C ASP E 42 -16.50 -24.93 -14.39
N LEU E 43 -15.97 -25.31 -13.23
CA LEU E 43 -16.49 -24.82 -11.96
C LEU E 43 -16.32 -23.27 -11.85
N ALA E 44 -15.23 -22.76 -12.38
CA ALA E 44 -14.99 -21.30 -12.42
C ALA E 44 -16.09 -20.60 -13.20
N LEU E 45 -16.40 -21.08 -14.40
CA LEU E 45 -17.50 -20.50 -15.16
C LEU E 45 -18.85 -20.59 -14.47
N ILE E 46 -19.11 -21.74 -13.86
CA ILE E 46 -20.36 -21.98 -13.12
C ILE E 46 -20.49 -21.00 -11.98
N THR E 47 -19.36 -20.72 -11.32
CA THR E 47 -19.37 -19.85 -10.12
C THR E 47 -19.81 -18.43 -10.51
N LYS E 48 -19.30 -17.92 -11.63
CA LYS E 48 -19.73 -16.63 -12.14
C LYS E 48 -21.18 -16.63 -12.65
N GLN E 49 -21.61 -17.72 -13.27
CA GLN E 49 -22.99 -17.86 -13.75
C GLN E 49 -23.97 -17.66 -12.62
N ALA E 50 -23.67 -18.28 -11.48
CA ALA E 50 -24.49 -18.12 -10.31
C ALA E 50 -24.39 -16.69 -9.74
N HIS E 51 -23.16 -16.16 -9.66
CA HIS E 51 -22.87 -14.80 -9.17
C HIS E 51 -23.76 -13.74 -9.87
N TRP E 52 -23.85 -13.83 -11.18
CA TRP E 52 -24.59 -12.80 -11.94
C TRP E 52 -26.10 -12.93 -11.73
N ASN E 53 -26.60 -14.15 -11.64
CA ASN E 53 -28.05 -14.38 -11.77
C ASN E 53 -28.79 -14.66 -10.45
N LEU E 54 -28.08 -14.65 -9.32
CA LEU E 54 -28.75 -14.90 -8.06
C LEU E 54 -29.67 -13.76 -7.64
N LYS E 55 -30.80 -14.13 -7.02
CA LYS E 55 -31.79 -13.18 -6.55
C LYS E 55 -32.42 -13.69 -5.27
N GLY E 56 -32.66 -12.81 -4.34
CA GLY E 56 -33.32 -13.17 -3.10
C GLY E 56 -32.67 -12.50 -1.91
N PRO E 57 -33.22 -12.71 -0.74
CA PRO E 57 -32.81 -11.95 0.47
C PRO E 57 -31.34 -11.92 0.84
N GLN E 58 -30.62 -12.99 0.54
CA GLN E 58 -29.18 -13.05 0.82
C GLN E 58 -28.33 -12.62 -0.40
N PHE E 59 -28.93 -11.90 -1.36
CA PHE E 59 -28.21 -11.54 -2.60
C PHE E 59 -26.77 -11.07 -2.39
N ILE E 60 -26.58 -9.98 -1.65
CA ILE E 60 -25.29 -9.32 -1.76
C ILE E 60 -24.15 -10.13 -1.11
N ALA E 61 -24.45 -10.78 0.01
CA ALA E 61 -23.41 -11.53 0.72
C ALA E 61 -22.97 -12.73 -0.12
N VAL E 62 -23.94 -13.41 -0.72
CA VAL E 62 -23.65 -14.58 -1.51
C VAL E 62 -22.96 -14.19 -2.83
N HIS E 63 -23.43 -13.10 -3.45
CA HIS E 63 -22.84 -12.54 -4.68
C HIS E 63 -21.35 -12.29 -4.46
N GLU E 64 -21.02 -11.60 -3.38
CA GLU E 64 -19.63 -11.28 -3.08
C GLU E 64 -18.83 -12.54 -2.73
N MET E 65 -19.42 -13.43 -1.95
CA MET E 65 -18.74 -14.70 -1.61
C MET E 65 -18.28 -15.49 -2.84
N LEU E 66 -19.14 -15.53 -3.85
CA LEU E 66 -18.83 -16.27 -5.06
C LEU E 66 -17.67 -15.63 -5.82
N ASP E 67 -17.52 -14.32 -5.73
CA ASP E 67 -16.33 -13.74 -6.37
C ASP E 67 -15.06 -14.21 -5.70
N GLY E 68 -15.11 -14.39 -4.39
CA GLY E 68 -13.96 -14.88 -3.64
C GLY E 68 -13.61 -16.27 -4.11
N PHE E 69 -14.63 -17.11 -4.27
CA PHE E 69 -14.43 -18.46 -4.76
C PHE E 69 -13.78 -18.44 -6.16
N ARG E 70 -14.28 -17.59 -7.05
CA ARG E 70 -13.75 -17.54 -8.41
C ARG E 70 -12.28 -17.17 -8.42
N ALA E 71 -11.87 -16.22 -7.60
CA ALA E 71 -10.46 -15.78 -7.52
C ALA E 71 -9.56 -16.93 -7.04
N GLU E 72 -10.02 -17.70 -6.08
CA GLU E 72 -9.24 -18.89 -5.66
C GLU E 72 -9.18 -19.98 -6.72
N LEU E 73 -10.31 -20.28 -7.35
CA LEU E 73 -10.31 -21.26 -8.47
C LEU E 73 -9.35 -20.82 -9.57
N ASP E 74 -9.34 -19.52 -9.89
CA ASP E 74 -8.48 -19.06 -10.98
C ASP E 74 -7.03 -19.40 -10.66
N ASP E 75 -6.63 -19.22 -9.41
CA ASP E 75 -5.25 -19.49 -9.04
C ASP E 75 -4.94 -20.99 -9.13
N HIS E 76 -5.88 -21.85 -8.73
CA HIS E 76 -5.65 -23.32 -8.79
C HIS E 76 -5.70 -23.81 -10.24
N VAL E 77 -6.56 -23.25 -11.06
CA VAL E 77 -6.57 -23.56 -12.51
C VAL E 77 -5.18 -23.32 -13.14
N ASP E 78 -4.57 -22.17 -12.83
CA ASP E 78 -3.29 -21.79 -13.42
CA ASP E 78 -3.27 -21.80 -13.36
C ASP E 78 -2.20 -22.76 -12.92
N THR E 79 -2.23 -23.06 -11.64
CA THR E 79 -1.27 -23.95 -11.02
C THR E 79 -1.32 -25.36 -11.61
N ILE E 80 -2.53 -25.86 -11.82
CA ILE E 80 -2.76 -27.20 -12.36
C ILE E 80 -2.29 -27.22 -13.81
N ALA E 81 -2.73 -26.24 -14.60
CA ALA E 81 -2.37 -26.18 -16.01
C ALA E 81 -0.85 -26.11 -16.20
N GLU E 82 -0.21 -25.26 -15.43
CA GLU E 82 1.21 -25.06 -15.61
C GLU E 82 2.01 -26.27 -15.18
N ARG E 83 1.49 -26.99 -14.21
CA ARG E 83 2.15 -28.22 -13.75
C ARG E 83 2.19 -29.24 -14.90
N ALA E 84 1.11 -29.35 -15.65
CA ALA E 84 1.05 -30.24 -16.80
C ALA E 84 2.13 -29.85 -17.80
N VAL E 85 2.34 -28.55 -17.98
CA VAL E 85 3.28 -28.08 -18.96
C VAL E 85 4.73 -28.29 -18.47
N GLN E 86 4.97 -28.04 -17.20
CA GLN E 86 6.29 -28.20 -16.57
C GLN E 86 6.85 -29.58 -16.74
N ILE E 87 5.99 -30.59 -16.70
CA ILE E 87 6.48 -31.95 -16.79
C ILE E 87 6.45 -32.46 -18.24
N GLY E 88 6.35 -31.52 -19.18
CA GLY E 88 6.50 -31.81 -20.60
C GLY E 88 5.25 -31.97 -21.43
N GLY E 89 4.07 -31.71 -20.87
CA GLY E 89 2.82 -31.88 -21.55
C GLY E 89 2.16 -30.60 -22.01
N THR E 90 0.93 -30.76 -22.49
CA THR E 90 0.09 -29.70 -22.98
C THR E 90 -1.05 -29.54 -21.98
N ALA E 91 -1.40 -28.28 -21.67
CA ALA E 91 -2.58 -27.97 -20.89
C ALA E 91 -3.72 -27.73 -21.86
N TYR E 92 -4.84 -28.40 -21.61
CA TYR E 92 -6.01 -28.32 -22.49
C TYR E 92 -7.14 -27.59 -21.75
N GLY E 93 -7.39 -26.34 -22.11
CA GLY E 93 -8.34 -25.54 -21.34
C GLY E 93 -9.27 -24.69 -22.21
N THR E 94 -9.43 -25.02 -23.48
CA THR E 94 -10.34 -24.28 -24.33
C THR E 94 -11.77 -24.68 -24.02
N THR E 95 -12.74 -23.88 -24.45
CA THR E 95 -14.16 -24.21 -24.29
CA THR E 95 -14.15 -24.25 -24.24
C THR E 95 -14.52 -25.60 -24.84
N GLN E 96 -13.95 -25.94 -25.99
CA GLN E 96 -14.28 -27.18 -26.67
C GLN E 96 -13.75 -28.38 -25.91
N VAL E 97 -12.58 -28.24 -25.31
CA VAL E 97 -12.08 -29.28 -24.44
C VAL E 97 -12.91 -29.39 -23.15
N VAL E 98 -13.15 -28.26 -22.50
CA VAL E 98 -13.79 -28.28 -21.20
C VAL E 98 -15.17 -28.87 -21.29
N VAL E 99 -15.91 -28.55 -22.33
CA VAL E 99 -17.29 -29.02 -22.44
C VAL E 99 -17.37 -30.54 -22.62
N LYS E 100 -16.30 -31.13 -23.16
CA LYS E 100 -16.20 -32.58 -23.37
C LYS E 100 -15.60 -33.30 -22.18
N GLU E 101 -14.62 -32.67 -21.52
CA GLU E 101 -13.82 -33.36 -20.49
C GLU E 101 -14.22 -33.11 -19.05
N SER E 102 -14.99 -32.05 -18.81
CA SER E 102 -15.56 -31.83 -17.50
C SER E 102 -16.72 -32.82 -17.39
N ARG E 103 -16.83 -33.50 -16.27
CA ARG E 103 -17.97 -34.36 -16.00
C ARG E 103 -19.06 -33.65 -15.17
N LEU E 104 -18.89 -32.36 -14.87
CA LEU E 104 -19.90 -31.61 -14.13
C LEU E 104 -21.16 -31.48 -14.96
N LYS E 105 -22.31 -31.71 -14.34
CA LYS E 105 -23.56 -31.58 -15.03
C LYS E 105 -23.70 -30.09 -15.48
N PRO E 106 -24.23 -29.86 -16.68
CA PRO E 106 -24.46 -28.49 -17.13
C PRO E 106 -25.23 -27.69 -16.10
N TYR E 107 -24.75 -26.50 -15.81
CA TYR E 107 -25.38 -25.67 -14.79
C TYR E 107 -26.67 -25.09 -15.36
N PRO E 108 -27.76 -25.18 -14.62
CA PRO E 108 -29.03 -24.65 -15.13
C PRO E 108 -29.00 -23.14 -15.27
N THR E 109 -29.51 -22.66 -16.38
CA THR E 109 -29.45 -21.23 -16.68
C THR E 109 -30.79 -20.55 -16.44
N ASP E 110 -31.72 -21.26 -15.80
CA ASP E 110 -33.06 -20.78 -15.53
C ASP E 110 -33.41 -20.81 -14.04
N ILE E 111 -32.38 -20.73 -13.20
CA ILE E 111 -32.58 -20.57 -11.79
C ILE E 111 -32.07 -19.22 -11.35
N TYR E 112 -32.67 -18.73 -10.26
CA TYR E 112 -32.51 -17.36 -9.80
C TYR E 112 -32.46 -17.28 -8.28
N ALA E 113 -33.41 -17.93 -7.61
CA ALA E 113 -33.45 -17.90 -6.15
C ALA E 113 -32.12 -18.32 -5.56
N VAL E 114 -31.68 -17.59 -4.56
CA VAL E 114 -30.41 -17.90 -3.93
C VAL E 114 -30.38 -19.37 -3.50
N HIS E 115 -31.46 -19.84 -2.87
CA HIS E 115 -31.45 -21.23 -2.44
C HIS E 115 -31.22 -22.20 -3.57
N ASP E 116 -31.83 -21.94 -4.74
CA ASP E 116 -31.63 -22.84 -5.88
C ASP E 116 -30.17 -22.81 -6.34
N HIS E 117 -29.56 -21.63 -6.37
CA HIS E 117 -28.14 -21.54 -6.71
C HIS E 117 -27.26 -22.23 -5.68
N LEU E 118 -27.56 -22.05 -4.41
CA LEU E 118 -26.76 -22.72 -3.34
C LEU E 118 -26.78 -24.26 -3.54
N VAL E 119 -27.95 -24.82 -3.79
CA VAL E 119 -28.09 -26.28 -3.97
C VAL E 119 -27.34 -26.77 -5.21
N ALA E 120 -27.47 -26.02 -6.32
CA ALA E 120 -26.80 -26.38 -7.59
C ALA E 120 -25.28 -26.26 -7.43
N LEU E 121 -24.84 -25.21 -6.74
CA LEU E 121 -23.41 -25.00 -6.52
C LEU E 121 -22.82 -26.06 -5.57
N ILE E 122 -23.55 -26.42 -4.50
CA ILE E 122 -23.08 -27.48 -3.59
C ILE E 122 -22.85 -28.79 -4.36
N GLU E 123 -23.74 -29.07 -5.29
CA GLU E 123 -23.57 -30.31 -6.08
C GLU E 123 -22.26 -30.27 -6.88
N ARG E 124 -21.99 -29.15 -7.57
CA ARG E 124 -20.84 -29.08 -8.43
C ARG E 124 -19.53 -28.93 -7.63
N TYR E 125 -19.55 -28.09 -6.60
CA TYR E 125 -18.41 -27.93 -5.72
C TYR E 125 -18.09 -29.25 -5.03
N GLY E 126 -19.11 -30.00 -4.64
CA GLY E 126 -18.88 -31.29 -3.98
C GLY E 126 -18.21 -32.25 -4.94
N ASP E 127 -18.68 -32.28 -6.20
CA ASP E 127 -18.06 -33.15 -7.22
C ASP E 127 -16.58 -32.81 -7.43
N VAL E 128 -16.27 -31.53 -7.61
CA VAL E 128 -14.89 -31.12 -7.88
C VAL E 128 -14.05 -31.35 -6.62
N ALA E 129 -14.59 -31.01 -5.45
CA ALA E 129 -13.86 -31.20 -4.19
C ALA E 129 -13.41 -32.66 -4.06
N ASN E 130 -14.34 -33.57 -4.36
CA ASN E 130 -14.05 -35.01 -4.16
C ASN E 130 -13.10 -35.54 -5.23
N LEU E 131 -13.22 -35.01 -6.44
CA LEU E 131 -12.29 -35.37 -7.51
C LEU E 131 -10.88 -34.95 -7.18
N VAL E 132 -10.71 -33.69 -6.79
CA VAL E 132 -9.39 -33.18 -6.49
C VAL E 132 -8.82 -33.91 -5.26
N ARG E 133 -9.65 -34.22 -4.27
CA ARG E 133 -9.14 -34.88 -3.06
C ARG E 133 -8.57 -36.26 -3.42
N LYS E 134 -9.30 -37.00 -4.25
CA LYS E 134 -8.83 -38.33 -4.73
C LYS E 134 -7.56 -38.20 -5.54
N SER E 135 -7.48 -37.12 -6.30
CA SER E 135 -6.31 -36.88 -7.17
C SER E 135 -4.99 -36.68 -6.40
N ILE E 136 -5.10 -36.16 -5.17
CA ILE E 136 -3.93 -36.01 -4.33
C ILE E 136 -3.29 -37.41 -4.17
N LYS E 137 -4.13 -38.39 -3.84
CA LYS E 137 -3.65 -39.76 -3.54
C LYS E 137 -3.16 -40.46 -4.81
N ASP E 138 -3.87 -40.24 -5.92
CA ASP E 138 -3.42 -40.78 -7.20
C ASP E 138 -2.03 -40.25 -7.56
N ALA E 139 -1.80 -38.96 -7.29
CA ALA E 139 -0.52 -38.35 -7.56
C ALA E 139 0.56 -38.84 -6.60
N ASP E 140 0.25 -38.93 -5.31
CA ASP E 140 1.22 -39.44 -4.32
CA ASP E 140 1.19 -39.45 -4.29
C ASP E 140 1.61 -40.89 -4.64
N ASP E 141 0.61 -41.71 -4.95
CA ASP E 141 0.84 -43.11 -5.33
C ASP E 141 1.73 -43.26 -6.56
N ALA E 142 1.54 -42.37 -7.54
CA ALA E 142 2.30 -42.36 -8.78
C ALA E 142 3.69 -41.84 -8.59
N GLY E 143 3.95 -41.19 -7.45
CA GLY E 143 5.30 -40.74 -7.13
C GLY E 143 5.56 -39.28 -7.51
N ASP E 144 4.50 -38.48 -7.66
CA ASP E 144 4.66 -37.08 -8.10
C ASP E 144 4.19 -36.22 -6.93
N ASP E 145 5.13 -35.93 -6.02
CA ASP E 145 4.81 -35.21 -4.78
C ASP E 145 4.43 -33.73 -5.03
N ASP E 146 5.04 -33.07 -6.01
CA ASP E 146 4.65 -31.65 -6.29
C ASP E 146 3.20 -31.60 -6.79
N THR E 147 2.85 -32.52 -7.69
CA THR E 147 1.45 -32.59 -8.17
C THR E 147 0.48 -32.90 -7.04
N ALA E 148 0.83 -33.87 -6.17
CA ALA E 148 0.00 -34.15 -5.01
C ALA E 148 -0.21 -32.90 -4.16
N ASP E 149 0.84 -32.12 -4.00
CA ASP E 149 0.77 -30.90 -3.16
C ASP E 149 -0.09 -29.80 -3.82
N ILE E 150 -0.02 -29.71 -5.14
CA ILE E 150 -0.85 -28.77 -5.91
C ILE E 150 -2.31 -29.14 -5.74
N PHE E 151 -2.61 -30.44 -5.82
CA PHE E 151 -3.96 -30.90 -5.56
C PHE E 151 -4.36 -30.67 -4.12
N THR E 152 -3.40 -30.75 -3.18
CA THR E 152 -3.73 -30.57 -1.77
C THR E 152 -4.14 -29.11 -1.51
N ALA E 153 -3.39 -28.18 -2.07
CA ALA E 153 -3.75 -26.75 -1.98
C ALA E 153 -5.12 -26.48 -2.57
N ALA E 154 -5.36 -27.06 -3.75
CA ALA E 154 -6.68 -26.97 -4.38
C ALA E 154 -7.78 -27.59 -3.57
N SER E 155 -7.53 -28.76 -3.01
CA SER E 155 -8.52 -29.45 -2.23
C SER E 155 -8.89 -28.68 -0.97
N ARG E 156 -7.90 -28.10 -0.31
CA ARG E 156 -8.17 -27.31 0.91
C ARG E 156 -9.08 -26.14 0.55
N SER E 157 -8.81 -25.49 -0.58
CA SER E 157 -9.68 -24.38 -1.02
CA SER E 157 -9.66 -24.38 -1.01
C SER E 157 -11.07 -24.84 -1.36
N LEU E 158 -11.17 -25.94 -2.07
CA LEU E 158 -12.48 -26.50 -2.44
C LEU E 158 -13.28 -26.96 -1.25
N ASP E 159 -12.63 -27.63 -0.28
CA ASP E 159 -13.36 -28.13 0.89
C ASP E 159 -13.83 -26.96 1.76
N LYS E 160 -13.09 -25.86 1.81
CA LYS E 160 -13.54 -24.68 2.53
C LYS E 160 -14.69 -23.98 1.84
N ALA E 161 -14.60 -23.85 0.52
CA ALA E 161 -15.69 -23.27 -0.25
C ALA E 161 -16.95 -24.13 -0.13
N LEU E 162 -16.78 -25.45 -0.22
CA LEU E 162 -17.93 -26.34 -0.07
C LEU E 162 -18.61 -26.11 1.28
N TRP E 163 -17.81 -25.98 2.34
CA TRP E 163 -18.35 -25.68 3.65
C TRP E 163 -19.11 -24.34 3.63
N PHE E 164 -18.50 -23.29 3.08
CA PHE E 164 -19.18 -21.97 3.01
C PHE E 164 -20.58 -22.10 2.38
N LEU E 165 -20.68 -22.84 1.29
CA LEU E 165 -21.97 -23.10 0.65
C LEU E 165 -22.87 -23.92 1.59
N GLU E 166 -22.39 -25.07 2.04
CA GLU E 166 -23.23 -25.98 2.82
C GLU E 166 -23.71 -25.36 4.12
N ALA E 167 -22.88 -24.55 4.75
CA ALA E 167 -23.25 -23.88 6.00
C ALA E 167 -24.48 -23.01 5.84
N HIS E 168 -24.77 -22.58 4.63
CA HIS E 168 -25.96 -21.81 4.34
C HIS E 168 -27.24 -22.65 4.43
N VAL E 169 -27.15 -23.95 4.21
CA VAL E 169 -28.34 -24.83 4.15
C VAL E 169 -28.38 -25.94 5.23
N GLN E 170 -27.35 -26.04 6.06
CA GLN E 170 -27.24 -27.13 7.07
C GLN E 170 -28.17 -26.89 8.26
N GLU E 171 -28.62 -25.64 8.39
CA GLU E 171 -29.71 -25.28 9.32
C GLU E 171 -30.59 -24.34 8.55
N SER E 172 -31.82 -24.13 9.02
CA SER E 172 -32.79 -23.30 8.28
C SER E 172 -33.01 -21.88 8.85
N ASN E 173 -32.39 -21.56 9.98
CA ASN E 173 -32.55 -20.21 10.57
C ASN E 173 -31.25 -19.82 11.25
N SER F 13 -37.34 -15.83 -18.34
CA SER F 13 -35.89 -15.44 -18.13
C SER F 13 -35.69 -13.97 -17.73
N MET F 14 -36.79 -13.25 -17.61
CA MET F 14 -36.77 -11.84 -17.22
C MET F 14 -37.27 -11.66 -15.79
N HIS F 15 -36.88 -10.54 -15.16
CA HIS F 15 -37.38 -10.14 -13.84
C HIS F 15 -37.74 -8.66 -13.94
N ALA F 16 -38.66 -8.23 -13.08
CA ALA F 16 -39.16 -6.86 -13.16
C ALA F 16 -38.11 -5.91 -12.63
N THR F 17 -38.06 -4.72 -13.24
CA THR F 17 -37.20 -3.64 -12.76
C THR F 17 -37.84 -2.29 -12.94
N ARG F 18 -37.54 -1.36 -12.05
CA ARG F 18 -37.95 0.05 -12.20
C ARG F 18 -37.14 0.75 -13.29
N ASN F 19 -36.02 0.14 -13.71
CA ASN F 19 -35.24 0.71 -14.81
C ASN F 19 -36.19 0.95 -16.01
N ASP F 20 -36.33 2.20 -16.45
CA ASP F 20 -37.37 2.50 -17.46
C ASP F 20 -36.91 2.52 -18.91
N LEU F 21 -35.75 1.94 -19.20
CA LEU F 21 -35.41 1.64 -20.58
C LEU F 21 -36.59 0.93 -21.20
N PRO F 22 -36.92 1.30 -22.45
CA PRO F 22 -38.09 0.70 -23.07
C PRO F 22 -38.00 -0.84 -23.14
N SER F 23 -39.14 -1.51 -23.10
CA SER F 23 -39.13 -2.95 -23.14
C SER F 23 -38.46 -3.55 -24.34
N ASN F 24 -38.66 -2.98 -25.53
CA ASN F 24 -38.03 -3.50 -26.73
CA ASN F 24 -38.01 -3.55 -26.72
C ASN F 24 -36.51 -3.29 -26.71
N THR F 25 -36.10 -2.19 -26.10
CA THR F 25 -34.68 -1.89 -25.92
C THR F 25 -34.05 -2.93 -25.00
N LYS F 26 -34.72 -3.25 -23.90
CA LYS F 26 -34.22 -4.25 -22.97
C LYS F 26 -34.04 -5.56 -23.72
N THR F 27 -35.05 -5.98 -24.47
CA THR F 27 -34.95 -7.25 -25.19
C THR F 27 -33.78 -7.32 -26.13
N THR F 28 -33.61 -6.29 -26.93
CA THR F 28 -32.55 -6.30 -27.92
CA THR F 28 -32.53 -6.22 -27.91
C THR F 28 -31.17 -6.18 -27.25
N MET F 29 -31.07 -5.39 -26.19
CA MET F 29 -29.79 -5.22 -25.49
C MET F 29 -29.40 -6.49 -24.73
N ILE F 30 -30.38 -7.17 -24.10
CA ILE F 30 -30.04 -8.43 -23.43
C ILE F 30 -29.45 -9.41 -24.42
N ALA F 31 -30.04 -9.49 -25.62
CA ALA F 31 -29.50 -10.36 -26.68
C ALA F 31 -28.10 -10.02 -27.09
N LEU F 32 -27.91 -8.74 -27.34
CA LEU F 32 -26.60 -8.21 -27.73
C LEU F 32 -25.53 -8.41 -26.65
N LEU F 33 -25.88 -8.16 -25.40
CA LEU F 33 -24.96 -8.37 -24.30
C LEU F 33 -24.56 -9.84 -24.20
N ASN F 34 -25.53 -10.74 -24.30
CA ASN F 34 -25.22 -12.15 -24.23
C ASN F 34 -24.35 -12.66 -25.39
N GLU F 35 -24.54 -12.09 -26.57
CA GLU F 35 -23.72 -12.43 -27.73
C GLU F 35 -22.24 -12.02 -27.49
N ASN F 36 -22.07 -10.84 -26.93
CA ASN F 36 -20.76 -10.36 -26.55
C ASN F 36 -20.12 -11.09 -25.37
N LEU F 37 -20.95 -11.52 -24.45
CA LEU F 37 -20.51 -12.25 -23.29
C LEU F 37 -19.92 -13.60 -23.72
N ALA F 38 -20.60 -14.28 -24.63
CA ALA F 38 -20.11 -15.55 -25.12
C ALA F 38 -18.75 -15.37 -25.80
N ALA F 39 -18.61 -14.34 -26.62
CA ALA F 39 -17.36 -14.07 -27.33
C ALA F 39 -16.21 -13.81 -26.38
N THR F 40 -16.46 -13.01 -25.35
CA THR F 40 -15.41 -12.53 -24.47
C THR F 40 -15.04 -13.64 -23.49
N ILE F 41 -16.00 -14.42 -23.02
CA ILE F 41 -15.65 -15.56 -22.17
C ILE F 41 -14.77 -16.54 -22.96
N ASP F 42 -15.17 -16.88 -24.18
CA ASP F 42 -14.38 -17.75 -25.05
C ASP F 42 -12.97 -17.20 -25.23
N LEU F 43 -12.85 -15.91 -25.48
CA LEU F 43 -11.56 -15.28 -25.65
C LEU F 43 -10.72 -15.34 -24.38
N ALA F 44 -11.37 -15.22 -23.22
CA ALA F 44 -10.68 -15.32 -21.95
C ALA F 44 -10.01 -16.72 -21.85
N LEU F 45 -10.75 -17.76 -22.19
CA LEU F 45 -10.23 -19.13 -22.10
C LEU F 45 -9.10 -19.35 -23.11
N ILE F 46 -9.29 -18.82 -24.31
CA ILE F 46 -8.27 -18.90 -25.40
C ILE F 46 -6.99 -18.22 -24.97
N THR F 47 -7.13 -17.09 -24.27
CA THR F 47 -5.96 -16.34 -23.83
C THR F 47 -5.10 -17.17 -22.87
N LYS F 48 -5.71 -17.86 -21.90
CA LYS F 48 -4.95 -18.69 -20.98
C LYS F 48 -4.39 -19.92 -21.66
N GLN F 49 -5.17 -20.52 -22.56
CA GLN F 49 -4.71 -21.64 -23.40
C GLN F 49 -3.35 -21.30 -24.04
N ALA F 50 -3.27 -20.16 -24.68
CA ALA F 50 -2.03 -19.69 -25.32
C ALA F 50 -0.94 -19.42 -24.28
N HIS F 51 -1.31 -18.72 -23.19
CA HIS F 51 -0.40 -18.37 -22.09
C HIS F 51 0.32 -19.60 -21.54
N TRP F 52 -0.40 -20.70 -21.36
CA TRP F 52 0.22 -21.90 -20.75
C TRP F 52 1.17 -22.64 -21.71
N ASN F 53 0.80 -22.71 -22.97
CA ASN F 53 1.44 -23.60 -23.93
C ASN F 53 2.44 -22.95 -24.87
N LEU F 54 2.68 -21.65 -24.74
CA LEU F 54 3.59 -21.05 -25.70
C LEU F 54 5.03 -21.35 -25.35
N LYS F 55 5.83 -21.48 -26.39
CA LYS F 55 7.23 -21.82 -26.28
C LYS F 55 7.98 -21.07 -27.42
N GLY F 56 9.20 -20.64 -27.13
CA GLY F 56 10.01 -19.93 -28.09
C GLY F 56 10.72 -18.75 -27.46
N PRO F 57 11.54 -18.04 -28.25
CA PRO F 57 12.43 -17.04 -27.65
C PRO F 57 11.78 -15.85 -26.94
N GLN F 58 10.55 -15.51 -27.30
CA GLN F 58 9.85 -14.41 -26.64
C GLN F 58 8.93 -14.96 -25.51
N PHE F 59 9.15 -16.18 -25.06
CA PHE F 59 8.25 -16.81 -24.05
C PHE F 59 7.81 -15.88 -22.91
N ILE F 60 8.75 -15.35 -22.11
CA ILE F 60 8.31 -14.81 -20.83
C ILE F 60 7.53 -13.49 -20.98
N ALA F 61 7.95 -12.63 -21.88
CA ALA F 61 7.26 -11.36 -22.09
C ALA F 61 5.85 -11.56 -22.64
N VAL F 62 5.70 -12.46 -23.61
CA VAL F 62 4.39 -12.75 -24.17
C VAL F 62 3.51 -13.48 -23.15
N HIS F 63 4.09 -14.43 -22.42
CA HIS F 63 3.40 -15.17 -21.36
C HIS F 63 2.78 -14.17 -20.38
N GLU F 64 3.61 -13.25 -19.90
CA GLU F 64 3.13 -12.24 -18.95
C GLU F 64 2.11 -11.29 -19.57
N MET F 65 2.36 -10.85 -20.80
CA MET F 65 1.43 -9.97 -21.47
C MET F 65 0.02 -10.58 -21.55
N LEU F 66 -0.05 -11.88 -21.83
CA LEU F 66 -1.35 -12.55 -21.96
C LEU F 66 -2.12 -12.60 -20.63
N ASP F 67 -1.42 -12.65 -19.50
CA ASP F 67 -2.08 -12.53 -18.18
C ASP F 67 -2.76 -11.17 -17.98
N GLY F 68 -2.13 -10.12 -18.49
CA GLY F 68 -2.70 -8.82 -18.43
C GLY F 68 -3.99 -8.73 -19.25
N PHE F 69 -3.96 -9.30 -20.44
CA PHE F 69 -5.13 -9.34 -21.30
C PHE F 69 -6.28 -10.08 -20.59
N ARG F 70 -5.99 -11.20 -19.92
CA ARG F 70 -7.02 -12.01 -19.27
C ARG F 70 -7.66 -11.24 -18.15
N ALA F 71 -6.85 -10.50 -17.42
CA ALA F 71 -7.35 -9.71 -16.32
C ALA F 71 -8.30 -8.63 -16.79
N GLU F 72 -7.94 -7.97 -17.88
CA GLU F 72 -8.85 -7.02 -18.52
C GLU F 72 -10.15 -7.64 -19.04
N LEU F 73 -10.04 -8.78 -19.72
CA LEU F 73 -11.20 -9.43 -20.26
C LEU F 73 -12.12 -9.79 -19.10
N ASP F 74 -11.52 -10.23 -17.99
CA ASP F 74 -12.36 -10.67 -16.87
C ASP F 74 -13.26 -9.52 -16.42
N ASP F 75 -12.71 -8.32 -16.35
CA ASP F 75 -13.50 -7.17 -15.90
C ASP F 75 -14.61 -6.85 -16.87
N HIS F 76 -14.29 -6.89 -18.17
CA HIS F 76 -15.33 -6.63 -19.17
C HIS F 76 -16.39 -7.68 -19.25
N VAL F 77 -16.00 -8.94 -19.10
CA VAL F 77 -16.99 -10.03 -19.00
C VAL F 77 -17.99 -9.75 -17.88
N ASP F 78 -17.50 -9.40 -16.72
CA ASP F 78 -18.38 -9.11 -15.59
CA ASP F 78 -18.38 -9.14 -15.58
C ASP F 78 -19.31 -7.97 -15.88
N THR F 79 -18.75 -6.89 -16.41
CA THR F 79 -19.54 -5.69 -16.66
C THR F 79 -20.64 -5.94 -17.69
N ILE F 80 -20.31 -6.71 -18.74
CA ILE F 80 -21.26 -7.07 -19.79
C ILE F 80 -22.40 -7.96 -19.23
N ALA F 81 -22.01 -9.03 -18.54
CA ALA F 81 -22.98 -9.95 -17.91
C ALA F 81 -23.93 -9.21 -16.96
N GLU F 82 -23.37 -8.39 -16.10
CA GLU F 82 -24.15 -7.73 -15.05
C GLU F 82 -25.06 -6.69 -15.67
N ARG F 83 -24.62 -6.06 -16.76
CA ARG F 83 -25.52 -5.18 -17.49
C ARG F 83 -26.77 -5.89 -18.01
N ALA F 84 -26.65 -7.08 -18.58
CA ALA F 84 -27.83 -7.86 -19.04
C ALA F 84 -28.82 -8.10 -17.88
N VAL F 85 -28.26 -8.40 -16.70
CA VAL F 85 -29.05 -8.65 -15.52
C VAL F 85 -29.74 -7.40 -15.00
N GLN F 86 -29.01 -6.27 -15.00
CA GLN F 86 -29.54 -4.97 -14.55
C GLN F 86 -30.77 -4.54 -15.26
N ILE F 87 -30.83 -4.82 -16.57
CA ILE F 87 -31.95 -4.39 -17.38
C ILE F 87 -33.04 -5.45 -17.48
N GLY F 88 -32.97 -6.46 -16.60
CA GLY F 88 -34.05 -7.40 -16.36
C GLY F 88 -33.84 -8.77 -16.93
N GLY F 89 -32.67 -9.04 -17.51
CA GLY F 89 -32.47 -10.29 -18.20
C GLY F 89 -31.59 -11.26 -17.44
N THR F 90 -31.24 -12.34 -18.13
CA THR F 90 -30.39 -13.37 -17.66
C THR F 90 -29.08 -13.28 -18.40
N ALA F 91 -28.00 -13.52 -17.66
CA ALA F 91 -26.65 -13.65 -18.24
C ALA F 91 -26.31 -15.11 -18.44
N TYR F 92 -25.88 -15.44 -19.64
CA TYR F 92 -25.61 -16.83 -20.02
C TYR F 92 -24.13 -16.99 -20.28
N GLY F 93 -23.44 -17.61 -19.32
CA GLY F 93 -21.99 -17.69 -19.38
C GLY F 93 -21.39 -19.04 -19.05
N THR F 94 -22.20 -20.10 -19.09
CA THR F 94 -21.68 -21.44 -18.86
C THR F 94 -20.94 -22.00 -20.08
N THR F 95 -20.11 -23.02 -19.86
CA THR F 95 -19.40 -23.65 -20.97
CA THR F 95 -19.40 -23.66 -20.94
C THR F 95 -20.35 -24.11 -22.05
N GLN F 96 -21.51 -24.67 -21.69
CA GLN F 96 -22.44 -25.19 -22.73
C GLN F 96 -22.98 -24.05 -23.60
N VAL F 97 -23.20 -22.88 -23.01
CA VAL F 97 -23.69 -21.75 -23.78
C VAL F 97 -22.58 -21.16 -24.64
N VAL F 98 -21.43 -20.93 -24.03
CA VAL F 98 -20.32 -20.31 -24.72
C VAL F 98 -19.90 -21.13 -25.96
N VAL F 99 -19.79 -22.45 -25.83
CA VAL F 99 -19.38 -23.31 -26.95
C VAL F 99 -20.38 -23.20 -28.11
N LYS F 100 -21.65 -22.97 -27.81
CA LYS F 100 -22.71 -22.82 -28.83
C LYS F 100 -22.82 -21.41 -29.42
N GLU F 101 -22.63 -20.38 -28.60
CA GLU F 101 -22.95 -19.00 -29.00
C GLU F 101 -21.73 -18.21 -29.43
N SER F 102 -20.54 -18.65 -29.08
CA SER F 102 -19.34 -18.01 -29.61
C SER F 102 -19.08 -18.42 -31.05
N ARG F 103 -18.73 -17.45 -31.87
CA ARG F 103 -18.45 -17.72 -33.29
C ARG F 103 -16.96 -17.85 -33.50
N LEU F 104 -16.14 -17.78 -32.46
CA LEU F 104 -14.69 -17.88 -32.63
C LEU F 104 -14.31 -19.29 -33.08
N LYS F 105 -13.42 -19.36 -34.06
CA LYS F 105 -12.87 -20.65 -34.47
C LYS F 105 -12.22 -21.36 -33.31
N PRO F 106 -12.57 -22.63 -33.11
CA PRO F 106 -11.94 -23.39 -32.02
C PRO F 106 -10.42 -23.21 -32.05
N TYR F 107 -9.88 -22.89 -30.89
CA TYR F 107 -8.47 -22.57 -30.78
C TYR F 107 -7.67 -23.85 -30.79
N PRO F 108 -6.60 -23.90 -31.62
CA PRO F 108 -5.90 -25.17 -31.79
C PRO F 108 -5.15 -25.52 -30.53
N THR F 109 -5.22 -26.79 -30.09
CA THR F 109 -4.52 -27.22 -28.87
C THR F 109 -3.17 -27.93 -29.15
N ASP F 110 -2.72 -27.87 -30.40
CA ASP F 110 -1.49 -28.53 -30.86
C ASP F 110 -0.51 -27.55 -31.44
N ILE F 111 -0.58 -26.28 -31.03
CA ILE F 111 0.41 -25.27 -31.43
C ILE F 111 1.17 -24.78 -30.20
N TYR F 112 2.42 -24.34 -30.42
CA TYR F 112 3.35 -24.08 -29.35
C TYR F 112 4.23 -22.86 -29.60
N ALA F 113 4.81 -22.79 -30.80
CA ALA F 113 5.70 -21.70 -31.13
C ALA F 113 4.98 -20.37 -30.87
N VAL F 114 5.70 -19.41 -30.29
CA VAL F 114 5.14 -18.07 -30.03
C VAL F 114 4.48 -17.47 -31.25
N HIS F 115 5.14 -17.56 -32.41
CA HIS F 115 4.59 -17.02 -33.63
C HIS F 115 3.25 -17.64 -33.99
N ASP F 116 3.08 -18.95 -33.83
CA ASP F 116 1.82 -19.62 -34.17
C ASP F 116 0.71 -19.11 -33.22
N HIS F 117 1.02 -18.99 -31.93
CA HIS F 117 0.02 -18.46 -30.99
C HIS F 117 -0.32 -17.00 -31.30
N LEU F 118 0.67 -16.16 -31.62
CA LEU F 118 0.37 -14.80 -31.97
C LEU F 118 -0.60 -14.67 -33.13
N VAL F 119 -0.35 -15.41 -34.22
CA VAL F 119 -1.22 -15.35 -35.42
C VAL F 119 -2.61 -15.88 -35.08
N ALA F 120 -2.69 -16.95 -34.28
CA ALA F 120 -3.97 -17.54 -33.86
C ALA F 120 -4.75 -16.56 -32.97
N LEU F 121 -4.05 -15.95 -32.03
CA LEU F 121 -4.64 -14.92 -31.16
C LEU F 121 -5.10 -13.67 -31.92
N ILE F 122 -4.32 -13.22 -32.89
CA ILE F 122 -4.72 -12.07 -33.69
C ILE F 122 -6.05 -12.32 -34.38
N GLU F 123 -6.28 -13.50 -34.93
CA GLU F 123 -7.53 -13.78 -35.57
C GLU F 123 -8.68 -13.60 -34.61
N ARG F 124 -8.53 -14.21 -33.43
CA ARG F 124 -9.61 -14.23 -32.47
C ARG F 124 -9.83 -12.91 -31.77
N TYR F 125 -8.75 -12.24 -31.43
CA TYR F 125 -8.79 -10.90 -30.85
C TYR F 125 -9.42 -9.96 -31.84
N GLY F 126 -9.05 -10.12 -33.11
CA GLY F 126 -9.56 -9.27 -34.14
C GLY F 126 -11.07 -9.49 -34.26
N ASP F 127 -11.53 -10.74 -34.25
CA ASP F 127 -12.95 -11.03 -34.33
C ASP F 127 -13.73 -10.41 -33.14
N VAL F 128 -13.24 -10.61 -31.93
CA VAL F 128 -13.95 -10.08 -30.78
C VAL F 128 -13.89 -8.55 -30.74
N ALA F 129 -12.71 -7.98 -31.02
CA ALA F 129 -12.58 -6.52 -31.07
C ALA F 129 -13.61 -5.93 -32.04
N ASN F 130 -13.73 -6.52 -33.22
CA ASN F 130 -14.62 -5.96 -34.25
C ASN F 130 -16.09 -6.13 -33.83
N LEU F 131 -16.40 -7.26 -33.18
CA LEU F 131 -17.74 -7.46 -32.65
C LEU F 131 -18.10 -6.41 -31.61
N VAL F 132 -17.22 -6.18 -30.66
CA VAL F 132 -17.57 -5.31 -29.55
C VAL F 132 -17.68 -3.88 -30.05
N ARG F 133 -16.79 -3.50 -30.98
CA ARG F 133 -16.80 -2.12 -31.51
C ARG F 133 -18.12 -1.85 -32.20
N LYS F 134 -18.60 -2.83 -32.99
CA LYS F 134 -19.88 -2.67 -33.69
C LYS F 134 -21.05 -2.60 -32.70
N SER F 135 -20.90 -3.32 -31.59
CA SER F 135 -21.95 -3.41 -30.60
C SER F 135 -22.14 -2.07 -29.89
N ILE F 136 -21.10 -1.26 -29.82
CA ILE F 136 -21.24 0.12 -29.34
C ILE F 136 -22.33 0.84 -30.14
N LYS F 137 -22.21 0.78 -31.46
CA LYS F 137 -23.17 1.44 -32.32
C LYS F 137 -24.55 0.84 -32.18
N ASP F 138 -24.63 -0.50 -32.07
CA ASP F 138 -25.94 -1.15 -31.98
C ASP F 138 -26.67 -0.71 -30.70
N ALA F 139 -25.90 -0.54 -29.63
CA ALA F 139 -26.46 -0.13 -28.36
C ALA F 139 -26.85 1.32 -28.43
N ASP F 140 -26.01 2.16 -29.02
CA ASP F 140 -26.32 3.58 -29.18
CA ASP F 140 -26.36 3.56 -29.14
C ASP F 140 -27.60 3.76 -30.01
N ASP F 141 -27.67 3.03 -31.13
CA ASP F 141 -28.82 3.14 -32.04
C ASP F 141 -30.09 2.66 -31.36
N ALA F 142 -29.96 1.68 -30.47
CA ALA F 142 -31.09 1.19 -29.68
C ALA F 142 -31.55 2.11 -28.57
N GLY F 143 -30.78 3.15 -28.27
CA GLY F 143 -31.11 4.09 -27.21
C GLY F 143 -30.58 3.73 -25.82
N ASP F 144 -29.58 2.82 -25.75
CA ASP F 144 -29.03 2.37 -24.47
C ASP F 144 -27.57 2.88 -24.35
N ASP F 145 -27.44 4.08 -23.82
CA ASP F 145 -26.15 4.77 -23.73
C ASP F 145 -25.21 4.08 -22.73
N ASP F 146 -25.77 3.53 -21.66
CA ASP F 146 -24.92 2.86 -20.66
C ASP F 146 -24.33 1.59 -21.24
N THR F 147 -25.14 0.80 -21.90
CA THR F 147 -24.63 -0.37 -22.61
C THR F 147 -23.60 0.00 -23.70
N ALA F 148 -23.86 1.06 -24.44
CA ALA F 148 -22.91 1.53 -25.45
C ALA F 148 -21.58 1.88 -24.79
N ASP F 149 -21.63 2.52 -23.63
CA ASP F 149 -20.41 2.90 -22.91
C ASP F 149 -19.62 1.70 -22.40
N ILE F 150 -20.33 0.71 -21.89
CA ILE F 150 -19.73 -0.54 -21.46
C ILE F 150 -18.95 -1.21 -22.63
N PHE F 151 -19.56 -1.27 -23.80
CA PHE F 151 -18.91 -1.82 -24.98
C PHE F 151 -17.73 -0.94 -25.41
N THR F 152 -17.82 0.37 -25.17
CA THR F 152 -16.77 1.28 -25.53
C THR F 152 -15.54 1.03 -24.67
N ALA F 153 -15.73 0.89 -23.37
CA ALA F 153 -14.61 0.51 -22.50
C ALA F 153 -14.01 -0.82 -22.91
N ALA F 154 -14.87 -1.81 -23.16
CA ALA F 154 -14.40 -3.13 -23.59
C ALA F 154 -13.63 -3.03 -24.92
N SER F 155 -14.18 -2.29 -25.88
CA SER F 155 -13.58 -2.11 -27.21
C SER F 155 -12.22 -1.44 -27.12
N ARG F 156 -12.10 -0.41 -26.27
CA ARG F 156 -10.79 0.22 -26.07
C ARG F 156 -9.75 -0.79 -25.61
N SER F 157 -10.14 -1.64 -24.66
CA SER F 157 -9.23 -2.67 -24.18
CA SER F 157 -9.25 -2.66 -24.16
C SER F 157 -8.88 -3.67 -25.26
N LEU F 158 -9.89 -4.09 -26.02
CA LEU F 158 -9.67 -5.07 -27.09
C LEU F 158 -8.82 -4.50 -28.23
N ASP F 159 -9.03 -3.23 -28.58
CA ASP F 159 -8.26 -2.67 -29.69
C ASP F 159 -6.77 -2.47 -29.29
N LYS F 160 -6.55 -2.21 -28.00
CA LYS F 160 -5.19 -2.08 -27.46
C LYS F 160 -4.50 -3.43 -27.40
N ALA F 161 -5.20 -4.45 -26.92
CA ALA F 161 -4.65 -5.80 -26.87
C ALA F 161 -4.36 -6.29 -28.32
N LEU F 162 -5.28 -6.03 -29.25
CA LEU F 162 -5.06 -6.42 -30.67
C LEU F 162 -3.77 -5.78 -31.21
N TRP F 163 -3.59 -4.52 -30.91
CA TRP F 163 -2.36 -3.81 -31.26
C TRP F 163 -1.12 -4.44 -30.61
N PHE F 164 -1.16 -4.71 -29.31
CA PHE F 164 -0.03 -5.38 -28.64
C PHE F 164 0.36 -6.69 -29.34
N LEU F 165 -0.65 -7.45 -29.78
CA LEU F 165 -0.44 -8.69 -30.50
C LEU F 165 0.14 -8.40 -31.90
N GLU F 166 -0.53 -7.56 -32.68
CA GLU F 166 -0.09 -7.31 -34.08
C GLU F 166 1.29 -6.64 -34.17
N ALA F 167 1.59 -5.78 -33.18
CA ALA F 167 2.87 -5.12 -33.13
C ALA F 167 4.04 -6.10 -33.12
N HIS F 168 3.83 -7.29 -32.58
CA HIS F 168 4.85 -8.35 -32.55
C HIS F 168 5.14 -8.90 -33.94
N VAL F 169 4.19 -8.81 -34.87
CA VAL F 169 4.33 -9.41 -36.22
C VAL F 169 4.38 -8.40 -37.38
N GLN F 170 4.17 -7.12 -37.09
CA GLN F 170 4.05 -6.10 -38.15
C GLN F 170 5.41 -5.70 -38.75
N GLU F 171 6.47 -6.04 -38.05
CA GLU F 171 7.85 -5.99 -38.57
C GLU F 171 8.49 -7.31 -38.16
N SER F 172 9.58 -7.70 -38.82
CA SER F 172 10.24 -8.99 -38.48
C SER F 172 11.52 -8.89 -37.61
N ASN F 173 11.94 -7.67 -37.29
CA ASN F 173 13.07 -7.47 -36.37
C ASN F 173 12.87 -6.20 -35.55
N SER G 13 -40.42 4.58 17.71
CA SER G 13 -39.06 5.07 17.30
C SER G 13 -37.89 4.42 18.08
N MET G 14 -38.25 3.63 19.10
CA MET G 14 -37.29 2.93 19.96
C MET G 14 -37.31 1.44 19.69
N HIS G 15 -36.16 0.80 19.89
CA HIS G 15 -36.03 -0.66 19.81
C HIS G 15 -35.30 -1.17 21.06
N ALA G 16 -35.63 -2.40 21.45
CA ALA G 16 -35.11 -2.93 22.71
C ALA G 16 -33.62 -3.26 22.58
N THR G 17 -32.86 -3.04 23.64
CA THR G 17 -31.43 -3.37 23.67
C THR G 17 -31.03 -3.77 25.06
N ARG G 18 -30.04 -4.65 25.16
CA ARG G 18 -29.35 -4.99 26.42
C ARG G 18 -28.48 -3.85 26.94
N ASN G 19 -28.24 -2.83 26.11
CA ASN G 19 -27.47 -1.65 26.53
C ASN G 19 -28.13 -1.06 27.75
N ASP G 20 -27.41 -0.96 28.85
CA ASP G 20 -28.04 -0.65 30.17
C ASP G 20 -28.02 0.81 30.53
N LEU G 21 -27.75 1.67 29.55
CA LEU G 21 -27.91 3.09 29.85
C LEU G 21 -29.34 3.35 30.39
N PRO G 22 -29.40 4.16 31.45
CA PRO G 22 -30.71 4.47 32.01
C PRO G 22 -31.68 5.09 31.00
N SER G 23 -32.96 4.74 31.20
CA SER G 23 -34.01 5.15 30.29
C SER G 23 -34.00 6.63 29.86
N ASN G 24 -33.90 7.54 30.81
CA ASN G 24 -33.93 8.95 30.45
C ASN G 24 -32.62 9.38 29.84
N THR G 25 -31.53 8.71 30.20
CA THR G 25 -30.25 8.94 29.53
C THR G 25 -30.37 8.57 28.07
N LYS G 26 -31.00 7.43 27.76
CA LYS G 26 -31.21 7.09 26.36
C LYS G 26 -32.04 8.14 25.64
N THR G 27 -33.18 8.53 26.21
CA THR G 27 -34.08 9.48 25.55
CA THR G 27 -34.04 9.44 25.48
C THR G 27 -33.37 10.82 25.28
N THR G 28 -32.72 11.34 26.30
CA THR G 28 -32.09 12.67 26.19
C THR G 28 -30.86 12.62 25.27
N MET G 29 -30.12 11.50 25.29
CA MET G 29 -28.93 11.40 24.44
C MET G 29 -29.34 11.15 23.01
N ILE G 30 -30.41 10.42 22.78
CA ILE G 30 -30.91 10.28 21.39
C ILE G 30 -31.31 11.63 20.81
N ALA G 31 -32.02 12.43 21.59
CA ALA G 31 -32.38 13.76 21.16
C ALA G 31 -31.13 14.59 20.88
N LEU G 32 -30.17 14.55 21.80
CA LEU G 32 -28.98 15.39 21.70
C LEU G 32 -28.14 14.96 20.48
N LEU G 33 -27.99 13.64 20.32
CA LEU G 33 -27.32 13.11 19.15
C LEU G 33 -27.99 13.54 17.86
N ASN G 34 -29.32 13.48 17.78
CA ASN G 34 -30.02 13.94 16.57
C ASN G 34 -29.91 15.44 16.35
N GLU G 35 -29.85 16.23 17.42
CA GLU G 35 -29.61 17.67 17.27
C GLU G 35 -28.24 17.93 16.59
N ASN G 36 -27.22 17.23 17.09
CA ASN G 36 -25.88 17.38 16.55
C ASN G 36 -25.75 16.78 15.14
N LEU G 37 -26.49 15.72 14.87
CA LEU G 37 -26.56 15.09 13.58
C LEU G 37 -27.09 16.02 12.50
N ALA G 38 -28.16 16.75 12.80
CA ALA G 38 -28.70 17.71 11.85
C ALA G 38 -27.69 18.82 11.58
N ALA G 39 -27.04 19.32 12.62
CA ALA G 39 -26.06 20.38 12.49
C ALA G 39 -24.90 19.94 11.62
N THR G 40 -24.39 18.72 11.88
CA THR G 40 -23.20 18.25 11.16
C THR G 40 -23.48 17.82 9.71
N ILE G 41 -24.63 17.22 9.44
CA ILE G 41 -25.00 16.93 8.05
C ILE G 41 -25.13 18.23 7.27
N ASP G 42 -25.81 19.21 7.87
CA ASP G 42 -26.00 20.53 7.23
C ASP G 42 -24.61 21.17 6.98
N LEU G 43 -23.72 21.12 7.97
CA LEU G 43 -22.32 21.62 7.78
C LEU G 43 -21.55 20.87 6.68
N ALA G 44 -21.77 19.57 6.58
CA ALA G 44 -21.11 18.78 5.54
C ALA G 44 -21.61 19.26 4.16
N LEU G 45 -22.90 19.52 4.02
CA LEU G 45 -23.43 20.00 2.71
C LEU G 45 -22.88 21.39 2.39
N ILE G 46 -22.86 22.24 3.41
CA ILE G 46 -22.28 23.57 3.32
C ILE G 46 -20.82 23.56 2.87
N THR G 47 -20.07 22.57 3.39
CA THR G 47 -18.65 22.54 3.14
C THR G 47 -18.41 22.27 1.67
N LYS G 48 -19.15 21.32 1.12
CA LYS G 48 -19.10 21.05 -0.30
C LYS G 48 -19.62 22.21 -1.16
N GLN G 49 -20.65 22.91 -0.71
CA GLN G 49 -21.17 24.07 -1.43
C GLN G 49 -20.04 25.08 -1.63
N ALA G 50 -19.30 25.33 -0.57
CA ALA G 50 -18.13 26.24 -0.63
C ALA G 50 -17.04 25.69 -1.53
N HIS G 51 -16.74 24.41 -1.36
CA HIS G 51 -15.71 23.72 -2.14
C HIS G 51 -15.90 23.94 -3.64
N TRP G 52 -17.12 23.76 -4.14
CA TRP G 52 -17.35 23.78 -5.59
C TRP G 52 -17.27 25.20 -6.13
N ASN G 53 -17.76 26.16 -5.36
CA ASN G 53 -18.04 27.49 -5.88
C ASN G 53 -17.00 28.51 -5.56
N LEU G 54 -15.97 28.15 -4.79
CA LEU G 54 -14.98 29.17 -4.37
C LEU G 54 -14.09 29.57 -5.53
N LYS G 55 -13.74 30.84 -5.54
CA LYS G 55 -12.91 31.43 -6.58
C LYS G 55 -12.06 32.51 -5.98
N GLY G 56 -10.86 32.70 -6.50
CA GLY G 56 -9.98 33.74 -5.98
C GLY G 56 -8.56 33.23 -5.89
N PRO G 57 -7.60 34.09 -5.51
CA PRO G 57 -6.18 33.71 -5.56
C PRO G 57 -5.78 32.48 -4.73
N GLN G 58 -6.46 32.21 -3.63
CA GLN G 58 -6.13 31.02 -2.83
C GLN G 58 -6.99 29.80 -3.19
N PHE G 59 -7.58 29.79 -4.37
CA PHE G 59 -8.53 28.73 -4.74
C PHE G 59 -8.07 27.30 -4.38
N ILE G 60 -6.98 26.83 -4.95
CA ILE G 60 -6.72 25.41 -4.93
C ILE G 60 -6.43 24.92 -3.50
N ALA G 61 -5.61 25.65 -2.73
CA ALA G 61 -5.33 25.20 -1.35
C ALA G 61 -6.61 25.14 -0.51
N VAL G 62 -7.44 26.18 -0.60
CA VAL G 62 -8.68 26.18 0.16
C VAL G 62 -9.70 25.15 -0.33
N HIS G 63 -9.80 24.98 -1.64
CA HIS G 63 -10.64 23.97 -2.27
C HIS G 63 -10.30 22.59 -1.69
N GLU G 64 -9.01 22.28 -1.70
CA GLU G 64 -8.56 20.98 -1.18
C GLU G 64 -8.75 20.86 0.30
N MET G 65 -8.52 21.92 1.05
CA MET G 65 -8.68 21.92 2.51
C MET G 65 -10.11 21.54 2.88
N LEU G 66 -11.08 22.09 2.14
CA LEU G 66 -12.49 21.83 2.39
C LEU G 66 -12.90 20.38 2.13
N ASP G 67 -12.24 19.68 1.22
CA ASP G 67 -12.48 18.23 1.09
C ASP G 67 -11.99 17.46 2.31
N GLY G 68 -10.86 17.86 2.89
CA GLY G 68 -10.42 17.25 4.14
C GLY G 68 -11.45 17.45 5.26
N PHE G 69 -12.01 18.66 5.35
CA PHE G 69 -13.06 18.97 6.33
C PHE G 69 -14.24 18.04 6.12
N ARG G 70 -14.69 17.92 4.88
CA ARG G 70 -15.86 17.09 4.60
C ARG G 70 -15.63 15.62 4.99
N ALA G 71 -14.44 15.11 4.70
CA ALA G 71 -14.14 13.70 5.03
C ALA G 71 -14.20 13.49 6.57
N GLU G 72 -13.67 14.43 7.35
CA GLU G 72 -13.74 14.34 8.82
C GLU G 72 -15.21 14.43 9.28
N LEU G 73 -15.96 15.38 8.73
CA LEU G 73 -17.35 15.53 9.09
C LEU G 73 -18.14 14.24 8.79
N ASP G 74 -17.89 13.64 7.65
CA ASP G 74 -18.59 12.41 7.28
C ASP G 74 -18.40 11.33 8.37
N ASP G 75 -17.20 11.23 8.91
CA ASP G 75 -16.92 10.17 9.91
C ASP G 75 -17.65 10.50 11.20
N HIS G 76 -17.65 11.78 11.58
CA HIS G 76 -18.41 12.16 12.78
C HIS G 76 -19.94 12.03 12.65
N VAL G 77 -20.47 12.34 11.49
CA VAL G 77 -21.89 12.19 11.19
C VAL G 77 -22.25 10.71 11.41
N ASP G 78 -21.43 9.82 10.88
CA ASP G 78 -21.72 8.40 11.01
CA ASP G 78 -21.70 8.39 11.03
C ASP G 78 -21.65 7.97 12.48
N THR G 79 -20.62 8.42 13.18
CA THR G 79 -20.43 7.98 14.56
C THR G 79 -21.60 8.47 15.43
N ILE G 80 -22.05 9.72 15.19
CA ILE G 80 -23.15 10.32 15.94
C ILE G 80 -24.45 9.58 15.65
N ALA G 81 -24.74 9.36 14.38
CA ALA G 81 -25.99 8.71 13.99
C ALA G 81 -26.05 7.30 14.56
N GLU G 82 -24.96 6.54 14.43
CA GLU G 82 -24.92 5.18 14.90
C GLU G 82 -25.04 5.11 16.42
N ARG G 83 -24.50 6.09 17.13
CA ARG G 83 -24.64 6.09 18.56
C ARG G 83 -26.09 6.17 18.95
N ALA G 84 -26.86 7.02 18.27
CA ALA G 84 -28.31 7.17 18.57
C ALA G 84 -29.01 5.81 18.43
N VAL G 85 -28.67 5.10 17.36
CA VAL G 85 -29.27 3.80 17.06
C VAL G 85 -28.80 2.73 18.08
N GLN G 86 -27.51 2.72 18.41
CA GLN G 86 -26.96 1.77 19.41
C GLN G 86 -27.67 1.79 20.74
N ILE G 87 -28.11 2.97 21.16
CA ILE G 87 -28.73 3.09 22.48
C ILE G 87 -30.27 3.00 22.41
N GLY G 88 -30.80 2.48 21.30
CA GLY G 88 -32.19 2.17 21.15
C GLY G 88 -33.03 3.13 20.34
N GLY G 89 -32.42 4.15 19.74
CA GLY G 89 -33.17 5.16 19.03
C GLY G 89 -33.09 5.10 17.53
N THR G 90 -33.67 6.14 16.92
CA THR G 90 -33.68 6.35 15.49
C THR G 90 -32.73 7.49 15.16
N ALA G 91 -31.95 7.33 14.11
CA ALA G 91 -31.14 8.46 13.57
C ALA G 91 -31.97 9.16 12.49
N TYR G 92 -32.06 10.48 12.57
CA TYR G 92 -32.87 11.25 11.62
C TYR G 92 -31.93 12.13 10.80
N GLY G 93 -31.72 11.73 9.54
CA GLY G 93 -30.74 12.41 8.69
C GLY G 93 -31.19 12.75 7.28
N THR G 94 -32.48 12.75 7.01
CA THR G 94 -32.97 13.05 5.69
C THR G 94 -32.97 14.58 5.49
N THR G 95 -33.02 15.00 4.23
CA THR G 95 -33.05 16.43 3.91
CA THR G 95 -33.05 16.41 3.89
C THR G 95 -34.19 17.15 4.63
N GLN G 96 -35.36 16.53 4.70
CA GLN G 96 -36.54 17.16 5.32
C GLN G 96 -36.34 17.35 6.81
N VAL G 97 -35.68 16.39 7.47
CA VAL G 97 -35.33 16.59 8.88
C VAL G 97 -34.26 17.63 9.09
N VAL G 98 -33.17 17.55 8.31
CA VAL G 98 -32.05 18.41 8.52
C VAL G 98 -32.48 19.88 8.31
N VAL G 99 -33.24 20.16 7.26
CA VAL G 99 -33.67 21.55 7.04
C VAL G 99 -34.50 22.14 8.19
N LYS G 100 -35.26 21.32 8.88
CA LYS G 100 -36.09 21.78 10.00
C LYS G 100 -35.28 21.83 11.30
N GLU G 101 -34.40 20.88 11.50
CA GLU G 101 -33.69 20.76 12.78
C GLU G 101 -32.34 21.40 12.90
N SER G 102 -31.65 21.65 11.79
CA SER G 102 -30.46 22.51 11.86
C SER G 102 -30.81 23.97 12.12
N ARG G 103 -30.06 24.64 12.98
CA ARG G 103 -30.24 26.07 13.23
C ARG G 103 -29.19 26.90 12.47
N LEU G 104 -28.40 26.28 11.61
CA LEU G 104 -27.41 27.02 10.88
C LEU G 104 -28.16 27.91 9.87
N LYS G 105 -27.73 29.16 9.80
CA LYS G 105 -28.26 30.10 8.84
C LYS G 105 -28.09 29.55 7.43
N PRO G 106 -29.15 29.58 6.61
CA PRO G 106 -29.02 29.08 5.25
C PRO G 106 -27.75 29.65 4.62
N TYR G 107 -26.96 28.79 3.99
CA TYR G 107 -25.68 29.23 3.43
C TYR G 107 -25.92 29.97 2.09
N PRO G 108 -25.20 31.08 1.86
CA PRO G 108 -25.48 31.85 0.66
C PRO G 108 -25.01 31.12 -0.59
N THR G 109 -25.83 31.14 -1.64
CA THR G 109 -25.49 30.48 -2.89
C THR G 109 -25.03 31.45 -3.97
N ASP G 110 -24.85 32.73 -3.61
CA ASP G 110 -24.45 33.80 -4.53
C ASP G 110 -23.05 34.32 -4.29
N ILE G 111 -22.26 33.62 -3.47
CA ILE G 111 -20.90 34.01 -3.16
C ILE G 111 -19.87 33.07 -3.76
N TYR G 112 -18.71 33.65 -4.03
CA TYR G 112 -17.64 32.98 -4.77
C TYR G 112 -16.27 33.31 -4.22
N ALA G 113 -16.01 34.58 -3.92
CA ALA G 113 -14.71 35.01 -3.43
C ALA G 113 -14.34 34.17 -2.24
N VAL G 114 -13.09 33.75 -2.24
CA VAL G 114 -12.54 32.97 -1.12
C VAL G 114 -12.87 33.64 0.20
N HIS G 115 -12.62 34.93 0.30
CA HIS G 115 -12.91 35.61 1.56
C HIS G 115 -14.37 35.50 2.01
N ASP G 116 -15.31 35.60 1.08
CA ASP G 116 -16.74 35.48 1.38
C ASP G 116 -17.05 34.08 1.92
N HIS G 117 -16.48 33.05 1.31
CA HIS G 117 -16.68 31.69 1.81
C HIS G 117 -16.02 31.49 3.17
N LEU G 118 -14.81 32.00 3.36
CA LEU G 118 -14.18 31.87 4.71
C LEU G 118 -15.04 32.45 5.82
N VAL G 119 -15.55 33.66 5.58
CA VAL G 119 -16.37 34.33 6.57
C VAL G 119 -17.64 33.57 6.82
N ALA G 120 -18.29 33.11 5.77
CA ALA G 120 -19.55 32.38 5.91
C ALA G 120 -19.30 31.03 6.62
N LEU G 121 -18.20 30.37 6.27
CA LEU G 121 -17.84 29.10 6.89
C LEU G 121 -17.44 29.27 8.33
N ILE G 122 -16.73 30.36 8.65
CA ILE G 122 -16.35 30.61 10.04
C ILE G 122 -17.60 30.73 10.90
N GLU G 123 -18.63 31.43 10.40
CA GLU G 123 -19.88 31.57 11.17
C GLU G 123 -20.48 30.18 11.50
N ARG G 124 -20.51 29.33 10.49
CA ARG G 124 -21.24 28.07 10.63
C ARG G 124 -20.41 27.00 11.35
N TYR G 125 -19.12 26.92 11.03
CA TYR G 125 -18.21 26.06 11.80
C TYR G 125 -18.14 26.46 13.23
N GLY G 126 -18.14 27.75 13.50
CA GLY G 126 -18.19 28.22 14.87
C GLY G 126 -19.43 27.78 15.61
N ASP G 127 -20.60 27.94 15.00
CA ASP G 127 -21.86 27.51 15.59
C ASP G 127 -21.83 26.01 15.90
N VAL G 128 -21.40 25.18 14.94
CA VAL G 128 -21.36 23.74 15.16
C VAL G 128 -20.29 23.33 16.17
N ALA G 129 -19.11 23.93 16.06
CA ALA G 129 -18.03 23.69 17.05
C ALA G 129 -18.52 23.96 18.49
N ASN G 130 -19.24 25.06 18.65
CA ASN G 130 -19.70 25.44 19.97
C ASN G 130 -20.81 24.55 20.48
N LEU G 131 -21.68 24.11 19.59
CA LEU G 131 -22.74 23.18 19.93
C LEU G 131 -22.16 21.84 20.38
N VAL G 132 -21.23 21.32 19.58
CA VAL G 132 -20.70 20.00 19.89
C VAL G 132 -19.94 20.06 21.20
N ARG G 133 -19.19 21.15 21.43
CA ARG G 133 -18.34 21.24 22.66
C ARG G 133 -19.24 21.21 23.90
N LYS G 134 -20.34 21.94 23.83
CA LYS G 134 -21.29 21.96 24.92
C LYS G 134 -21.94 20.57 25.12
N SER G 135 -22.19 19.90 24.00
CA SER G 135 -22.82 18.59 24.02
C SER G 135 -21.99 17.55 24.73
N ILE G 136 -20.67 17.69 24.71
CA ILE G 136 -19.80 16.83 25.53
C ILE G 136 -20.24 16.89 26.99
N LYS G 137 -20.41 18.13 27.48
CA LYS G 137 -20.74 18.35 28.89
C LYS G 137 -22.14 17.86 29.18
N ASP G 138 -23.08 18.11 28.27
CA ASP G 138 -24.46 17.60 28.45
C ASP G 138 -24.49 16.08 28.53
N ALA G 139 -23.65 15.40 27.73
CA ALA G 139 -23.59 13.94 27.74
C ALA G 139 -22.91 13.44 29.03
N ASP G 140 -21.82 14.10 29.42
CA ASP G 140 -21.15 13.76 30.68
C ASP G 140 -22.13 13.92 31.87
N ASP G 141 -22.88 15.02 31.90
CA ASP G 141 -23.82 15.28 33.00
C ASP G 141 -24.92 14.22 33.04
N ALA G 142 -25.30 13.71 31.88
CA ALA G 142 -26.33 12.68 31.82
C ALA G 142 -25.76 11.29 32.16
N GLY G 143 -24.45 11.18 32.30
CA GLY G 143 -23.84 9.89 32.64
C GLY G 143 -23.51 8.96 31.46
N ASP G 144 -23.50 9.50 30.23
CA ASP G 144 -23.23 8.68 29.04
C ASP G 144 -21.83 9.00 28.55
N ASP G 145 -20.85 8.26 29.08
CA ASP G 145 -19.45 8.51 28.83
C ASP G 145 -19.06 8.27 27.38
N ASP G 146 -19.63 7.24 26.76
CA ASP G 146 -19.33 6.93 25.35
C ASP G 146 -19.81 8.05 24.42
N THR G 147 -21.01 8.54 24.66
CA THR G 147 -21.55 9.65 23.85
C THR G 147 -20.69 10.91 24.08
N ALA G 148 -20.30 11.17 25.32
CA ALA G 148 -19.43 12.28 25.61
C ALA G 148 -18.12 12.16 24.81
N ASP G 149 -17.60 10.95 24.72
CA ASP G 149 -16.32 10.77 24.04
C ASP G 149 -16.50 10.98 22.53
N ILE G 150 -17.66 10.55 22.01
CA ILE G 150 -17.99 10.72 20.60
C ILE G 150 -18.02 12.23 20.31
N PHE G 151 -18.67 13.00 21.15
CA PHE G 151 -18.70 14.44 20.94
C PHE G 151 -17.33 15.05 21.13
N THR G 152 -16.49 14.45 21.99
CA THR G 152 -15.13 15.00 22.19
C THR G 152 -14.28 14.86 20.92
N ALA G 153 -14.38 13.71 20.26
CA ALA G 153 -13.65 13.50 19.02
C ALA G 153 -14.13 14.46 17.94
N ALA G 154 -15.44 14.63 17.83
CA ALA G 154 -15.99 15.53 16.83
C ALA G 154 -15.61 16.97 17.16
N SER G 155 -15.67 17.33 18.44
CA SER G 155 -15.31 18.69 18.88
C SER G 155 -13.83 18.99 18.55
N ARG G 156 -12.94 18.04 18.81
CA ARG G 156 -11.52 18.25 18.47
C ARG G 156 -11.39 18.50 16.98
N SER G 157 -12.11 17.75 16.14
CA SER G 157 -12.03 17.95 14.70
CA SER G 157 -12.03 17.98 14.68
C SER G 157 -12.58 19.35 14.33
N LEU G 158 -13.72 19.70 14.89
CA LEU G 158 -14.36 21.00 14.56
C LEU G 158 -13.52 22.17 15.04
N ASP G 159 -12.93 22.07 16.22
CA ASP G 159 -12.12 23.19 16.77
C ASP G 159 -10.86 23.38 15.89
N LYS G 160 -10.31 22.28 15.40
CA LYS G 160 -9.17 22.32 14.51
C LYS G 160 -9.56 22.93 13.14
N ALA G 161 -10.70 22.50 12.59
CA ALA G 161 -11.20 23.01 11.32
C ALA G 161 -11.49 24.51 11.44
N LEU G 162 -12.11 24.90 12.55
CA LEU G 162 -12.42 26.31 12.80
C LEU G 162 -11.16 27.16 12.82
N TRP G 163 -10.12 26.67 13.49
CA TRP G 163 -8.80 27.30 13.43
C TRP G 163 -8.22 27.44 12.02
N PHE G 164 -8.26 26.36 11.24
CA PHE G 164 -7.76 26.37 9.85
C PHE G 164 -8.46 27.48 9.10
N LEU G 165 -9.74 27.67 9.34
CA LEU G 165 -10.50 28.73 8.65
C LEU G 165 -10.15 30.09 9.19
N GLU G 166 -10.17 30.25 10.52
CA GLU G 166 -9.86 31.54 11.12
C GLU G 166 -8.41 32.00 10.92
N ALA G 167 -7.45 31.07 10.86
CA ALA G 167 -6.06 31.43 10.60
C ALA G 167 -5.88 32.15 9.26
N HIS G 168 -6.80 31.93 8.30
CA HIS G 168 -6.71 32.61 7.02
C HIS G 168 -7.08 34.09 7.14
N VAL G 169 -7.87 34.46 8.15
CA VAL G 169 -8.33 35.85 8.27
C VAL G 169 -7.81 36.62 9.50
N GLN G 170 -7.08 35.92 10.39
CA GLN G 170 -6.59 36.47 11.65
C GLN G 170 -5.47 37.48 11.46
N GLU G 171 -4.77 37.40 10.32
CA GLU G 171 -3.80 38.42 9.90
C GLU G 171 -4.14 38.64 8.43
N SER G 172 -3.68 39.74 7.85
CA SER G 172 -4.00 40.10 6.46
C SER G 172 -2.90 39.82 5.44
N ASN G 173 -1.71 39.42 5.87
CA ASN G 173 -0.66 39.03 4.94
C ASN G 173 0.19 37.94 5.57
N SER H 13 -24.85 34.88 -11.57
CA SER H 13 -24.44 33.52 -11.10
C SER H 13 -23.49 32.79 -12.06
N MET H 14 -23.09 33.50 -13.12
CA MET H 14 -22.15 32.99 -14.11
C MET H 14 -20.81 33.70 -14.02
N HIS H 15 -19.75 33.02 -14.41
CA HIS H 15 -18.46 33.63 -14.52
C HIS H 15 -17.91 33.34 -15.89
N ALA H 16 -17.04 34.24 -16.36
CA ALA H 16 -16.44 34.09 -17.70
C ALA H 16 -15.53 32.87 -17.75
N THR H 17 -15.57 32.14 -18.85
CA THR H 17 -14.64 31.08 -19.12
C THR H 17 -14.27 31.05 -20.59
N ARG H 18 -13.04 30.64 -20.86
CA ARG H 18 -12.53 30.35 -22.20
C ARG H 18 -13.17 29.10 -22.81
N ASN H 19 -13.80 28.27 -21.99
CA ASN H 19 -14.55 27.12 -22.48
C ASN H 19 -15.57 27.58 -23.51
N ASP H 20 -15.45 27.09 -24.73
CA ASP H 20 -16.24 27.63 -25.83
C ASP H 20 -17.50 26.84 -26.18
N LEU H 21 -18.01 26.03 -25.25
CA LEU H 21 -19.34 25.47 -25.40
C LEU H 21 -20.25 26.66 -25.70
N PRO H 22 -21.21 26.47 -26.61
CA PRO H 22 -22.14 27.56 -26.91
C PRO H 22 -22.86 28.04 -25.66
N SER H 23 -23.06 29.35 -25.57
CA SER H 23 -23.84 29.98 -24.51
C SER H 23 -25.13 29.30 -24.12
N ASN H 24 -25.99 28.95 -25.08
CA ASN H 24 -27.27 28.31 -24.75
CA ASN H 24 -27.26 28.35 -24.71
C ASN H 24 -27.06 26.91 -24.21
N THR H 25 -26.01 26.25 -24.69
CA THR H 25 -25.65 24.90 -24.19
C THR H 25 -25.23 25.02 -22.74
N LYS H 26 -24.40 26.00 -22.44
CA LYS H 26 -23.97 26.24 -21.05
C LYS H 26 -25.15 26.45 -20.12
N THR H 27 -26.09 27.32 -20.52
CA THR H 27 -27.23 27.66 -19.66
CA THR H 27 -27.17 27.66 -19.62
C THR H 27 -28.12 26.45 -19.40
N THR H 28 -28.40 25.70 -20.45
CA THR H 28 -29.30 24.55 -20.33
CA THR H 28 -29.29 24.54 -20.38
C THR H 28 -28.58 23.43 -19.58
N MET H 29 -27.29 23.27 -19.83
CA MET H 29 -26.54 22.21 -19.09
C MET H 29 -26.34 22.54 -17.61
N ILE H 30 -26.08 23.80 -17.28
CA ILE H 30 -26.02 24.21 -15.88
C ILE H 30 -27.31 23.85 -15.12
N ALA H 31 -28.47 24.12 -15.74
CA ALA H 31 -29.77 23.79 -15.14
C ALA H 31 -29.92 22.29 -15.01
N LEU H 32 -29.57 21.54 -16.07
CA LEU H 32 -29.68 20.08 -16.06
C LEU H 32 -28.77 19.43 -14.98
N LEU H 33 -27.54 19.89 -14.90
CA LEU H 33 -26.58 19.42 -13.88
C LEU H 33 -27.14 19.71 -12.50
N ASN H 34 -27.67 20.92 -12.28
CA ASN H 34 -28.23 21.22 -10.93
C ASN H 34 -29.49 20.41 -10.56
N GLU H 35 -30.31 20.06 -11.53
CA GLU H 35 -31.48 19.21 -11.28
C GLU H 35 -31.02 17.81 -10.84
N ASN H 36 -29.99 17.31 -11.51
CA ASN H 36 -29.39 16.01 -11.16
C ASN H 36 -28.62 16.01 -9.83
N LEU H 37 -27.98 17.15 -9.54
CA LEU H 37 -27.25 17.38 -8.31
C LEU H 37 -28.19 17.31 -7.12
N ALA H 38 -29.36 17.95 -7.21
CA ALA H 38 -30.29 17.91 -6.09
C ALA H 38 -30.80 16.49 -5.87
N ALA H 39 -31.09 15.80 -6.95
CA ALA H 39 -31.59 14.43 -6.84
C ALA H 39 -30.54 13.50 -6.22
N THR H 40 -29.29 13.64 -6.65
CA THR H 40 -28.22 12.73 -6.19
C THR H 40 -27.80 13.04 -4.75
N ILE H 41 -27.77 14.30 -4.35
CA ILE H 41 -27.49 14.64 -2.96
C ILE H 41 -28.60 14.11 -2.07
N ASP H 42 -29.85 14.29 -2.47
CA ASP H 42 -30.97 13.82 -1.67
C ASP H 42 -30.84 12.28 -1.50
N LEU H 43 -30.57 11.59 -2.58
CA LEU H 43 -30.40 10.14 -2.56
C LEU H 43 -29.26 9.72 -1.67
N ALA H 44 -28.20 10.51 -1.66
CA ALA H 44 -27.06 10.20 -0.80
C ALA H 44 -27.49 10.25 0.66
N LEU H 45 -28.28 11.26 1.02
CA LEU H 45 -28.71 11.37 2.42
C LEU H 45 -29.68 10.20 2.76
N ILE H 46 -30.53 9.89 1.81
CA ILE H 46 -31.51 8.80 1.94
C ILE H 46 -30.79 7.49 2.20
N THR H 47 -29.72 7.28 1.46
CA THR H 47 -28.96 6.01 1.54
C THR H 47 -28.42 5.80 2.98
N LYS H 48 -27.83 6.85 3.57
CA LYS H 48 -27.32 6.80 4.94
C LYS H 48 -28.47 6.66 5.97
N GLN H 49 -29.61 7.32 5.74
CA GLN H 49 -30.79 7.17 6.58
C GLN H 49 -31.20 5.69 6.71
N ALA H 50 -31.26 5.00 5.57
CA ALA H 50 -31.51 3.55 5.54
C ALA H 50 -30.43 2.75 6.25
N HIS H 51 -29.18 3.03 5.89
CA HIS H 51 -28.02 2.38 6.45
C HIS H 51 -28.01 2.40 7.99
N TRP H 52 -28.30 3.52 8.62
CA TRP H 52 -28.26 3.58 10.08
C TRP H 52 -29.41 2.79 10.74
N ASN H 53 -30.59 2.83 10.14
CA ASN H 53 -31.82 2.41 10.81
C ASN H 53 -32.34 1.05 10.42
N LEU H 54 -31.67 0.34 9.53
CA LEU H 54 -32.20 -0.94 9.11
C LEU H 54 -32.00 -2.00 10.18
N LYS H 55 -32.96 -2.90 10.24
CA LYS H 55 -32.99 -3.98 11.24
C LYS H 55 -33.63 -5.19 10.65
N GLY H 56 -33.06 -6.34 10.96
CA GLY H 56 -33.60 -7.62 10.56
C GLY H 56 -32.48 -8.55 10.10
N PRO H 57 -32.84 -9.74 9.60
CA PRO H 57 -31.90 -10.83 9.41
C PRO H 57 -30.74 -10.57 8.46
N GLN H 58 -30.93 -9.71 7.47
CA GLN H 58 -29.84 -9.35 6.53
C GLN H 58 -29.12 -8.05 6.90
N PHE H 59 -29.17 -7.66 8.17
CA PHE H 59 -28.67 -6.34 8.58
C PHE H 59 -27.26 -6.03 8.06
N ILE H 60 -26.29 -6.88 8.37
CA ILE H 60 -24.91 -6.43 8.20
C ILE H 60 -24.56 -6.32 6.72
N ALA H 61 -25.03 -7.29 5.92
CA ALA H 61 -24.70 -7.30 4.48
C ALA H 61 -25.29 -6.07 3.81
N VAL H 62 -26.55 -5.77 4.10
CA VAL H 62 -27.22 -4.61 3.49
C VAL H 62 -26.67 -3.31 4.04
N HIS H 63 -26.42 -3.25 5.33
CA HIS H 63 -25.78 -2.09 5.97
C HIS H 63 -24.47 -1.69 5.24
N GLU H 64 -23.59 -2.69 5.00
CA GLU H 64 -22.33 -2.43 4.31
C GLU H 64 -22.54 -2.04 2.86
N MET H 65 -23.45 -2.75 2.19
CA MET H 65 -23.73 -2.48 0.76
C MET H 65 -24.11 -1.02 0.57
N LEU H 66 -24.92 -0.48 1.46
CA LEU H 66 -25.40 0.89 1.36
C LEU H 66 -24.28 1.89 1.54
N ASP H 67 -23.26 1.57 2.33
CA ASP H 67 -22.06 2.42 2.40
C ASP H 67 -21.33 2.45 1.05
N GLY H 68 -21.22 1.32 0.36
CA GLY H 68 -20.70 1.32 -1.00
C GLY H 68 -21.47 2.23 -1.93
N PHE H 69 -22.80 2.16 -1.87
CA PHE H 69 -23.64 3.04 -2.70
C PHE H 69 -23.32 4.51 -2.40
N ARG H 70 -23.19 4.84 -1.11
CA ARG H 70 -23.01 6.24 -0.73
C ARG H 70 -21.67 6.75 -1.26
N ALA H 71 -20.64 5.91 -1.20
CA ALA H 71 -19.34 6.35 -1.67
C ALA H 71 -19.35 6.62 -3.16
N GLU H 72 -20.08 5.82 -3.92
CA GLU H 72 -20.25 6.05 -5.36
C GLU H 72 -21.03 7.33 -5.64
N LEU H 73 -22.14 7.50 -4.94
CA LEU H 73 -22.94 8.68 -5.08
C LEU H 73 -22.15 9.95 -4.80
N ASP H 74 -21.31 9.93 -3.75
CA ASP H 74 -20.47 11.10 -3.44
C ASP H 74 -19.57 11.52 -4.61
N ASP H 75 -18.95 10.54 -5.27
CA ASP H 75 -18.09 10.85 -6.40
C ASP H 75 -18.89 11.47 -7.54
N HIS H 76 -20.05 10.90 -7.82
CA HIS H 76 -20.91 11.46 -8.88
C HIS H 76 -21.48 12.84 -8.56
N VAL H 77 -21.85 13.06 -7.31
CA VAL H 77 -22.29 14.38 -6.84
C VAL H 77 -21.20 15.43 -7.13
N ASP H 78 -19.94 15.13 -6.77
CA ASP H 78 -18.84 16.04 -6.99
CA ASP H 78 -18.84 16.03 -7.04
C ASP H 78 -18.63 16.29 -8.49
N THR H 79 -18.71 15.23 -9.30
CA THR H 79 -18.48 15.36 -10.73
C THR H 79 -19.52 16.23 -11.38
N ILE H 80 -20.77 16.02 -10.97
CA ILE H 80 -21.88 16.77 -11.52
C ILE H 80 -21.76 18.27 -11.15
N ALA H 81 -21.55 18.54 -9.87
CA ALA H 81 -21.43 19.89 -9.36
C ALA H 81 -20.29 20.66 -10.03
N GLU H 82 -19.12 20.02 -10.10
CA GLU H 82 -17.95 20.64 -10.69
C GLU H 82 -18.14 20.87 -12.16
N ARG H 83 -18.90 20.02 -12.83
CA ARG H 83 -19.11 20.28 -14.26
C ARG H 83 -19.90 21.57 -14.48
N ALA H 84 -20.93 21.80 -13.65
CA ALA H 84 -21.72 23.02 -13.74
C ALA H 84 -20.82 24.22 -13.57
N VAL H 85 -19.90 24.15 -12.62
CA VAL H 85 -18.97 25.23 -12.35
C VAL H 85 -17.99 25.44 -13.50
N GLN H 86 -17.47 24.35 -14.03
CA GLN H 86 -16.52 24.39 -15.15
C GLN H 86 -17.03 25.13 -16.37
N ILE H 87 -18.33 25.03 -16.64
CA ILE H 87 -18.92 25.65 -17.82
C ILE H 87 -19.49 27.04 -17.50
N GLY H 88 -19.08 27.59 -16.36
CA GLY H 88 -19.29 29.00 -16.02
C GLY H 88 -20.44 29.24 -15.05
N GLY H 89 -21.05 28.16 -14.53
CA GLY H 89 -22.19 28.25 -13.64
C GLY H 89 -21.88 28.06 -12.18
N THR H 90 -22.97 28.02 -11.42
CA THR H 90 -23.00 27.83 -9.98
C THR H 90 -23.58 26.46 -9.68
N ALA H 91 -22.98 25.77 -8.72
CA ALA H 91 -23.50 24.50 -8.22
C ALA H 91 -24.32 24.79 -6.96
N TYR H 92 -25.54 24.26 -6.91
CA TYR H 92 -26.48 24.49 -5.81
C TYR H 92 -26.70 23.19 -5.09
N GLY H 93 -26.12 23.05 -3.91
CA GLY H 93 -26.20 21.79 -3.15
C GLY H 93 -26.45 21.93 -1.66
N THR H 94 -27.00 23.05 -1.25
CA THR H 94 -27.31 23.26 0.16
C THR H 94 -28.63 22.55 0.51
N THR H 95 -28.86 22.33 1.79
CA THR H 95 -30.08 21.63 2.22
CA THR H 95 -30.07 21.64 2.25
C THR H 95 -31.31 22.34 1.72
N GLN H 96 -31.28 23.67 1.74
CA GLN H 96 -32.45 24.47 1.35
C GLN H 96 -32.74 24.29 -0.12
N VAL H 97 -31.70 24.23 -0.95
CA VAL H 97 -31.92 23.98 -2.36
C VAL H 97 -32.36 22.56 -2.60
N VAL H 98 -31.68 21.58 -2.00
CA VAL H 98 -31.98 20.18 -2.28
C VAL H 98 -33.44 19.85 -1.91
N VAL H 99 -33.88 20.39 -0.79
CA VAL H 99 -35.24 20.07 -0.34
C VAL H 99 -36.27 20.67 -1.33
N LYS H 100 -35.93 21.79 -1.95
CA LYS H 100 -36.82 22.41 -2.95
C LYS H 100 -36.77 21.74 -4.33
N GLU H 101 -35.58 21.32 -4.76
CA GLU H 101 -35.38 20.87 -6.14
C GLU H 101 -35.38 19.36 -6.38
N SER H 102 -35.17 18.56 -5.33
CA SER H 102 -35.34 17.10 -5.46
C SER H 102 -36.81 16.78 -5.52
N ARG H 103 -37.17 15.88 -6.43
CA ARG H 103 -38.54 15.40 -6.62
C ARG H 103 -38.75 14.05 -5.88
N LEU H 104 -37.75 13.60 -5.13
CA LEU H 104 -37.82 12.30 -4.50
C LEU H 104 -38.82 12.40 -3.36
N LYS H 105 -39.72 11.43 -3.26
CA LYS H 105 -40.67 11.40 -2.15
C LYS H 105 -39.88 11.40 -0.83
N PRO H 106 -40.24 12.25 0.16
CA PRO H 106 -39.51 12.25 1.40
C PRO H 106 -39.44 10.86 2.00
N TYR H 107 -38.23 10.47 2.41
CA TYR H 107 -37.99 9.14 2.87
C TYR H 107 -38.59 8.97 4.27
N PRO H 108 -39.31 7.86 4.49
CA PRO H 108 -39.89 7.66 5.82
C PRO H 108 -38.85 7.46 6.90
N THR H 109 -39.06 8.10 8.05
CA THR H 109 -38.11 7.99 9.17
C THR H 109 -38.60 7.03 10.26
N ASP H 110 -39.64 6.28 9.95
CA ASP H 110 -40.30 5.38 10.90
C ASP H 110 -40.38 3.96 10.41
N ILE H 111 -39.46 3.58 9.52
CA ILE H 111 -39.34 2.22 9.04
C ILE H 111 -38.02 1.65 9.46
N TYR H 112 -37.98 0.34 9.64
CA TYR H 112 -36.84 -0.36 10.22
C TYR H 112 -36.55 -1.67 9.53
N ALA H 113 -37.58 -2.46 9.25
CA ALA H 113 -37.33 -3.75 8.64
C ALA H 113 -36.53 -3.61 7.36
N VAL H 114 -35.52 -4.45 7.17
CA VAL H 114 -34.71 -4.45 5.94
C VAL H 114 -35.61 -4.43 4.71
N HIS H 115 -36.63 -5.29 4.69
CA HIS H 115 -37.53 -5.32 3.55
C HIS H 115 -38.20 -3.96 3.25
N ASP H 116 -38.69 -3.25 4.27
CA ASP H 116 -39.28 -1.94 4.09
C ASP H 116 -38.26 -0.94 3.50
N HIS H 117 -37.00 -0.96 4.00
CA HIS H 117 -35.99 -0.08 3.46
C HIS H 117 -35.64 -0.43 2.04
N LEU H 118 -35.51 -1.72 1.74
CA LEU H 118 -35.27 -2.12 0.35
C LEU H 118 -36.34 -1.59 -0.60
N VAL H 119 -37.62 -1.77 -0.23
CA VAL H 119 -38.71 -1.31 -1.09
C VAL H 119 -38.69 0.21 -1.21
N ALA H 120 -38.42 0.94 -0.14
CA ALA H 120 -38.41 2.39 -0.13
C ALA H 120 -37.22 2.90 -1.00
N LEU H 121 -36.08 2.26 -0.83
CA LEU H 121 -34.90 2.63 -1.58
C LEU H 121 -35.05 2.38 -3.08
N ILE H 122 -35.66 1.27 -3.42
CA ILE H 122 -35.89 0.92 -4.84
C ILE H 122 -36.69 2.04 -5.51
N GLU H 123 -37.66 2.57 -4.81
CA GLU H 123 -38.47 3.64 -5.36
C GLU H 123 -37.59 4.85 -5.67
N ARG H 124 -36.75 5.22 -4.72
CA ARG H 124 -35.93 6.43 -4.86
C ARG H 124 -34.76 6.22 -5.83
N TYR H 125 -34.09 5.07 -5.75
CA TYR H 125 -33.01 4.76 -6.69
C TYR H 125 -33.56 4.67 -8.12
N GLY H 126 -34.72 4.03 -8.26
CA GLY H 126 -35.37 3.97 -9.56
C GLY H 126 -35.58 5.37 -10.14
N ASP H 127 -36.15 6.25 -9.33
CA ASP H 127 -36.43 7.63 -9.81
C ASP H 127 -35.16 8.35 -10.27
N VAL H 128 -34.11 8.28 -9.44
CA VAL H 128 -32.85 8.95 -9.77
C VAL H 128 -32.17 8.28 -10.96
N ALA H 129 -32.20 6.95 -10.99
CA ALA H 129 -31.58 6.22 -12.09
C ALA H 129 -32.19 6.64 -13.42
N ASN H 130 -33.52 6.70 -13.45
CA ASN H 130 -34.23 7.06 -14.65
C ASN H 130 -34.00 8.53 -15.08
N LEU H 131 -33.91 9.40 -14.11
CA LEU H 131 -33.64 10.81 -14.35
C LEU H 131 -32.26 10.96 -14.97
N VAL H 132 -31.27 10.32 -14.36
CA VAL H 132 -29.90 10.48 -14.85
C VAL H 132 -29.76 9.87 -16.24
N ARG H 133 -30.41 8.74 -16.45
CA ARG H 133 -30.26 8.03 -17.75
C ARG H 133 -30.84 8.93 -18.85
N LYS H 134 -31.98 9.54 -18.59
CA LYS H 134 -32.60 10.48 -19.58
C LYS H 134 -31.69 11.70 -19.85
N SER H 135 -31.06 12.17 -18.78
CA SER H 135 -30.20 13.34 -18.83
C SER H 135 -28.96 13.13 -19.73
N ILE H 136 -28.51 11.90 -19.84
CA ILE H 136 -27.41 11.57 -20.81
C ILE H 136 -27.86 12.07 -22.21
N LYS H 137 -29.08 11.68 -22.60
CA LYS H 137 -29.61 12.04 -23.92
C LYS H 137 -29.88 13.53 -24.05
N ASP H 138 -30.40 14.14 -23.02
CA ASP H 138 -30.59 15.60 -23.01
C ASP H 138 -29.25 16.32 -23.20
N ALA H 139 -28.16 15.82 -22.59
CA ALA H 139 -26.85 16.46 -22.74
C ALA H 139 -26.28 16.21 -24.15
N ASP H 140 -26.41 14.98 -24.65
CA ASP H 140 -25.92 14.66 -26.00
C ASP H 140 -26.64 15.53 -27.01
N ASP H 141 -27.95 15.65 -26.85
CA ASP H 141 -28.79 16.48 -27.74
C ASP H 141 -28.39 17.94 -27.70
N ALA H 142 -27.92 18.45 -26.55
CA ALA H 142 -27.52 19.85 -26.44
C ALA H 142 -26.11 20.07 -26.96
N GLY H 143 -25.39 18.98 -27.29
CA GLY H 143 -24.07 19.07 -27.83
C GLY H 143 -22.95 19.12 -26.78
N ASP H 144 -23.22 18.64 -25.58
CA ASP H 144 -22.24 18.68 -24.47
C ASP H 144 -21.84 17.25 -24.13
N ASP H 145 -20.85 16.77 -24.86
CA ASP H 145 -20.43 15.38 -24.77
C ASP H 145 -19.84 15.04 -23.38
N ASP H 146 -19.11 15.99 -22.77
CA ASP H 146 -18.46 15.74 -21.49
C ASP H 146 -19.57 15.57 -20.41
N THR H 147 -20.55 16.45 -20.43
CA THR H 147 -21.67 16.34 -19.50
C THR H 147 -22.41 15.03 -19.71
N ALA H 148 -22.68 14.66 -20.97
CA ALA H 148 -23.31 13.36 -21.27
C ALA H 148 -22.51 12.22 -20.68
N ASP H 149 -21.18 12.31 -20.79
CA ASP H 149 -20.31 11.26 -20.27
C ASP H 149 -20.33 11.17 -18.75
N ILE H 150 -20.43 12.31 -18.10
CA ILE H 150 -20.55 12.37 -16.65
C ILE H 150 -21.86 11.68 -16.22
N PHE H 151 -22.97 11.98 -16.90
CA PHE H 151 -24.22 11.33 -16.58
C PHE H 151 -24.18 9.84 -16.87
N THR H 152 -23.43 9.45 -17.89
CA THR H 152 -23.33 8.06 -18.25
C THR H 152 -22.63 7.29 -17.12
N ALA H 153 -21.52 7.82 -16.61
CA ALA H 153 -20.85 7.16 -15.47
C ALA H 153 -21.79 7.07 -14.28
N ALA H 154 -22.46 8.18 -13.95
CA ALA H 154 -23.43 8.21 -12.85
C ALA H 154 -24.57 7.19 -13.08
N SER H 155 -25.08 7.13 -14.30
CA SER H 155 -26.18 6.22 -14.66
C SER H 155 -25.76 4.76 -14.54
N ARG H 156 -24.55 4.48 -14.98
CA ARG H 156 -24.01 3.13 -14.81
C ARG H 156 -23.98 2.73 -13.34
N SER H 157 -23.51 3.60 -12.48
CA SER H 157 -23.48 3.33 -11.03
CA SER H 157 -23.47 3.33 -11.04
C SER H 157 -24.89 3.15 -10.48
N LEU H 158 -25.80 4.03 -10.88
CA LEU H 158 -27.16 3.97 -10.40
C LEU H 158 -27.91 2.71 -10.82
N ASP H 159 -27.79 2.34 -12.09
CA ASP H 159 -28.45 1.14 -12.61
C ASP H 159 -27.90 -0.12 -11.93
N LYS H 160 -26.61 -0.12 -11.61
CA LYS H 160 -26.03 -1.25 -10.89
C LYS H 160 -26.53 -1.32 -9.45
N ALA H 161 -26.59 -0.18 -8.77
CA ALA H 161 -27.14 -0.13 -7.43
C ALA H 161 -28.60 -0.50 -7.42
N LEU H 162 -29.37 0.02 -8.38
CA LEU H 162 -30.79 -0.34 -8.47
C LEU H 162 -30.96 -1.89 -8.57
N TRP H 163 -30.13 -2.52 -9.40
CA TRP H 163 -30.09 -3.98 -9.50
C TRP H 163 -29.74 -4.64 -8.15
N PHE H 164 -28.68 -4.18 -7.50
CA PHE H 164 -28.29 -4.74 -6.17
C PHE H 164 -29.48 -4.73 -5.22
N LEU H 165 -30.25 -3.64 -5.23
CA LEU H 165 -31.44 -3.54 -4.40
C LEU H 165 -32.56 -4.46 -4.85
N GLU H 166 -32.91 -4.40 -6.14
CA GLU H 166 -34.00 -5.19 -6.64
C GLU H 166 -33.72 -6.69 -6.58
N ALA H 167 -32.47 -7.06 -6.78
CA ALA H 167 -32.11 -8.46 -6.73
C ALA H 167 -32.49 -9.08 -5.39
N HIS H 168 -32.47 -8.30 -4.31
CA HIS H 168 -32.88 -8.79 -2.99
C HIS H 168 -34.39 -9.16 -2.90
N VAL H 169 -35.23 -8.53 -3.75
CA VAL H 169 -36.70 -8.67 -3.67
C VAL H 169 -37.27 -9.39 -4.91
N GLN H 170 -36.43 -9.70 -5.92
CA GLN H 170 -36.91 -10.30 -7.18
C GLN H 170 -37.30 -11.79 -7.05
N GLU H 171 -36.81 -12.43 -5.98
CA GLU H 171 -37.17 -13.79 -5.62
C GLU H 171 -37.32 -13.73 -4.13
N SER H 172 -38.01 -14.72 -3.56
CA SER H 172 -38.34 -14.70 -2.13
CA SER H 172 -38.36 -14.72 -2.14
C SER H 172 -37.49 -15.66 -1.33
N ASN H 173 -36.66 -16.46 -2.00
CA ASN H 173 -35.73 -17.34 -1.28
C ASN H 173 -34.41 -17.43 -2.05
N SER I 13 3.78 -10.11 42.58
CA SER I 13 2.83 -9.56 41.53
C SER I 13 3.08 -8.09 41.11
N MET I 14 3.76 -7.31 41.94
CA MET I 14 3.98 -5.87 41.65
C MET I 14 5.44 -5.54 41.34
N HIS I 15 5.65 -4.53 40.49
CA HIS I 15 6.97 -4.01 40.19
C HIS I 15 6.94 -2.49 40.30
N ALA I 16 8.11 -1.91 40.54
CA ALA I 16 8.25 -0.51 40.81
C ALA I 16 8.09 0.27 39.51
N THR I 17 7.41 1.40 39.59
CA THR I 17 7.27 2.31 38.44
C THR I 17 7.26 3.74 38.93
N ARG I 18 7.78 4.64 38.11
CA ARG I 18 7.74 6.07 38.38
C ARG I 18 6.37 6.68 38.17
N ASN I 19 5.48 5.95 37.52
CA ASN I 19 4.10 6.39 37.37
C ASN I 19 3.56 6.75 38.76
N ASP I 20 3.12 8.01 38.94
CA ASP I 20 2.77 8.48 40.30
C ASP I 20 1.28 8.41 40.64
N LEU I 21 0.52 7.63 39.91
CA LEU I 21 -0.84 7.33 40.38
C LEU I 21 -0.74 6.82 41.81
N PRO I 22 -1.66 7.27 42.69
CA PRO I 22 -1.58 6.83 44.08
C PRO I 22 -1.55 5.32 44.21
N SER I 23 -0.81 4.83 45.18
CA SER I 23 -0.73 3.42 45.45
C SER I 23 -2.09 2.71 45.53
N ASN I 24 -3.07 3.28 46.22
CA ASN I 24 -4.38 2.64 46.29
C ASN I 24 -5.10 2.66 44.93
N THR I 25 -4.90 3.71 44.15
CA THR I 25 -5.52 3.76 42.84
C THR I 25 -4.94 2.64 41.98
N LYS I 26 -3.64 2.46 42.05
CA LYS I 26 -2.93 1.43 41.32
C LYS I 26 -3.51 0.05 41.64
N THR I 27 -3.61 -0.30 42.94
CA THR I 27 -4.13 -1.59 43.38
CA THR I 27 -4.08 -1.63 43.28
C THR I 27 -5.54 -1.87 42.88
N THR I 28 -6.41 -0.88 43.05
CA THR I 28 -7.79 -1.06 42.69
C THR I 28 -7.95 -1.09 41.13
N MET I 29 -7.21 -0.25 40.45
CA MET I 29 -7.24 -0.27 38.96
C MET I 29 -6.68 -1.58 38.38
N ILE I 30 -5.59 -2.11 38.96
CA ILE I 30 -5.08 -3.41 38.49
C ILE I 30 -6.13 -4.51 38.62
N ALA I 31 -6.82 -4.55 39.75
CA ALA I 31 -7.92 -5.52 39.96
C ALA I 31 -9.05 -5.27 38.93
N LEU I 32 -9.42 -4.02 38.73
CA LEU I 32 -10.49 -3.69 37.82
C LEU I 32 -10.10 -4.08 36.40
N LEU I 33 -8.88 -3.75 36.01
CA LEU I 33 -8.42 -4.09 34.66
C LEU I 33 -8.44 -5.60 34.48
N ASN I 34 -7.98 -6.34 35.48
CA ASN I 34 -7.95 -7.79 35.33
C ASN I 34 -9.33 -8.42 35.28
N GLU I 35 -10.31 -7.84 36.00
CA GLU I 35 -11.67 -8.32 35.94
C GLU I 35 -12.17 -8.16 34.48
N ASN I 36 -11.90 -7.00 33.90
CA ASN I 36 -12.32 -6.74 32.51
C ASN I 36 -11.55 -7.58 31.50
N LEU I 37 -10.26 -7.84 31.80
CA LEU I 37 -9.43 -8.66 30.97
C LEU I 37 -10.00 -10.09 30.84
N ALA I 38 -10.39 -10.69 31.97
CA ALA I 38 -10.97 -12.02 31.98
C ALA I 38 -12.26 -12.07 31.15
N ALA I 39 -13.09 -11.04 31.29
CA ALA I 39 -14.37 -10.98 30.55
C ALA I 39 -14.13 -10.86 29.04
N THR I 40 -13.20 -9.99 28.69
CA THR I 40 -12.94 -9.71 27.26
C THR I 40 -12.19 -10.87 26.58
N ILE I 41 -11.23 -11.53 27.25
CA ILE I 41 -10.61 -12.70 26.64
C ILE I 41 -11.67 -13.80 26.45
N ASP I 42 -12.52 -14.01 27.45
CA ASP I 42 -13.58 -15.02 27.37
C ASP I 42 -14.49 -14.72 26.17
N LEU I 43 -14.87 -13.46 26.04
CA LEU I 43 -15.69 -13.02 24.93
C LEU I 43 -15.02 -13.22 23.60
N ALA I 44 -13.69 -13.01 23.54
CA ALA I 44 -12.94 -13.23 22.28
C ALA I 44 -13.07 -14.72 21.86
N LEU I 45 -12.89 -15.63 22.81
CA LEU I 45 -12.97 -17.07 22.50
C LEU I 45 -14.41 -17.46 22.10
N ILE I 46 -15.37 -16.89 22.82
CA ILE I 46 -16.79 -17.09 22.50
C ILE I 46 -17.14 -16.66 21.05
N THR I 47 -16.63 -15.51 20.65
CA THR I 47 -16.87 -14.94 19.32
C THR I 47 -16.37 -15.90 18.22
N LYS I 48 -15.17 -16.44 18.38
CA LYS I 48 -14.66 -17.44 17.43
C LYS I 48 -15.47 -18.75 17.44
N GLN I 49 -15.86 -19.20 18.61
CA GLN I 49 -16.70 -20.41 18.75
C GLN I 49 -17.94 -20.29 17.90
N ALA I 50 -18.60 -19.13 17.99
CA ALA I 50 -19.79 -18.90 17.19
C ALA I 50 -19.42 -18.82 15.70
N HIS I 51 -18.34 -18.08 15.41
CA HIS I 51 -17.85 -17.88 14.04
C HIS I 51 -17.64 -19.20 13.30
N TRP I 52 -17.04 -20.17 13.98
CA TRP I 52 -16.77 -21.45 13.33
C TRP I 52 -18.01 -22.31 13.09
N ASN I 53 -18.95 -22.29 14.02
CA ASN I 53 -19.97 -23.30 14.06
C ASN I 53 -21.32 -22.83 13.55
N LEU I 54 -21.43 -21.56 13.14
CA LEU I 54 -22.75 -21.13 12.77
C LEU I 54 -23.17 -21.68 11.40
N LYS I 55 -24.47 -21.87 11.24
CA LYS I 55 -25.04 -22.44 10.04
C LYS I 55 -26.43 -21.87 9.84
N GLY I 56 -26.77 -21.59 8.59
CA GLY I 56 -28.05 -21.05 8.22
C GLY I 56 -27.96 -19.97 7.17
N PRO I 57 -29.10 -19.41 6.74
CA PRO I 57 -29.15 -18.59 5.53
C PRO I 57 -28.29 -17.33 5.52
N GLN I 58 -28.00 -16.80 6.71
CA GLN I 58 -27.16 -15.60 6.84
C GLN I 58 -25.68 -15.94 7.11
N PHE I 59 -25.28 -17.19 6.88
CA PHE I 59 -23.94 -17.63 7.27
C PHE I 59 -22.78 -16.65 6.99
N ILE I 60 -22.56 -16.30 5.73
CA ILE I 60 -21.27 -15.73 5.39
C ILE I 60 -21.15 -14.30 5.94
N ALA I 61 -22.23 -13.55 5.88
CA ALA I 61 -22.20 -12.20 6.43
C ALA I 61 -21.93 -12.16 7.93
N VAL I 62 -22.61 -13.03 8.67
CA VAL I 62 -22.44 -13.08 10.11
C VAL I 62 -21.07 -13.69 10.45
N HIS I 63 -20.65 -14.71 9.71
CA HIS I 63 -19.32 -15.31 9.88
C HIS I 63 -18.26 -14.25 9.79
N GLU I 64 -18.31 -13.44 8.73
CA GLU I 64 -17.31 -12.37 8.53
C GLU I 64 -17.39 -11.25 9.57
N MET I 65 -18.61 -10.85 9.92
CA MET I 65 -18.86 -9.88 10.98
C MET I 65 -18.16 -10.26 12.27
N LEU I 66 -18.31 -11.51 12.65
CA LEU I 66 -17.70 -11.99 13.90
C LEU I 66 -16.16 -11.95 13.93
N ASP I 67 -15.53 -12.17 12.79
CA ASP I 67 -14.08 -11.89 12.69
C ASP I 67 -13.70 -10.42 12.94
N GLY I 68 -14.49 -9.48 12.43
CA GLY I 68 -14.31 -8.08 12.76
C GLY I 68 -14.41 -7.83 14.26
N PHE I 69 -15.39 -8.45 14.92
CA PHE I 69 -15.55 -8.32 16.38
C PHE I 69 -14.33 -8.84 17.10
N ARG I 70 -13.86 -10.01 16.70
CA ARG I 70 -12.69 -10.62 17.31
C ARG I 70 -11.47 -9.74 17.20
N ALA I 71 -11.26 -9.13 16.02
CA ALA I 71 -10.11 -8.24 15.84
C ALA I 71 -10.16 -7.03 16.76
N GLU I 72 -11.34 -6.44 16.90
CA GLU I 72 -11.49 -5.31 17.81
C GLU I 72 -11.25 -5.76 19.26
N LEU I 73 -11.86 -6.87 19.65
CA LEU I 73 -11.66 -7.38 20.99
C LEU I 73 -10.19 -7.62 21.29
N ASP I 74 -9.44 -8.20 20.34
CA ASP I 74 -8.02 -8.46 20.58
C ASP I 74 -7.25 -7.19 20.95
N ASP I 75 -7.58 -6.10 20.27
CA ASP I 75 -6.91 -4.82 20.50
C ASP I 75 -7.21 -4.33 21.89
N HIS I 76 -8.47 -4.42 22.32
CA HIS I 76 -8.83 -3.94 23.66
C HIS I 76 -8.27 -4.83 24.75
N VAL I 77 -8.24 -6.14 24.52
CA VAL I 77 -7.64 -7.08 25.49
C VAL I 77 -6.19 -6.64 25.73
N ASP I 78 -5.44 -6.34 24.68
CA ASP I 78 -4.04 -5.95 24.80
CA ASP I 78 -4.04 -5.92 24.80
C ASP I 78 -3.92 -4.62 25.57
N THR I 79 -4.79 -3.67 25.26
CA THR I 79 -4.70 -2.38 25.89
C THR I 79 -5.01 -2.47 27.38
N ILE I 80 -6.03 -3.24 27.73
CA ILE I 80 -6.41 -3.48 29.14
C ILE I 80 -5.28 -4.18 29.89
N ALA I 81 -4.76 -5.27 29.33
CA ALA I 81 -3.71 -6.03 29.99
C ALA I 81 -2.49 -5.17 30.19
N GLU I 82 -2.07 -4.48 29.15
CA GLU I 82 -0.87 -3.65 29.25
C GLU I 82 -1.02 -2.48 30.21
N ARG I 83 -2.22 -1.93 30.34
CA ARG I 83 -2.45 -0.88 31.31
C ARG I 83 -2.19 -1.37 32.75
N ALA I 84 -2.64 -2.58 33.05
CA ALA I 84 -2.41 -3.19 34.37
C ALA I 84 -0.92 -3.30 34.66
N VAL I 85 -0.16 -3.69 33.65
CA VAL I 85 1.30 -3.82 33.76
C VAL I 85 2.00 -2.44 33.92
N GLN I 86 1.56 -1.46 33.15
CA GLN I 86 2.12 -0.11 33.17
C GLN I 86 2.08 0.52 34.53
N ILE I 87 1.02 0.25 35.28
CA ILE I 87 0.87 0.80 36.59
C ILE I 87 1.41 -0.09 37.70
N GLY I 88 2.25 -1.05 37.31
CA GLY I 88 3.06 -1.84 38.24
C GLY I 88 2.52 -3.21 38.58
N GLY I 89 1.46 -3.62 37.91
CA GLY I 89 0.75 -4.86 38.18
C GLY I 89 1.10 -6.00 37.23
N THR I 90 0.40 -7.10 37.45
CA THR I 90 0.46 -8.29 36.60
C THR I 90 -0.87 -8.42 35.84
N ALA I 91 -0.78 -8.72 34.56
CA ALA I 91 -1.94 -9.09 33.75
C ALA I 91 -2.16 -10.60 33.82
N TYR I 92 -3.38 -11.01 34.12
CA TYR I 92 -3.72 -12.44 34.28
C TYR I 92 -4.69 -12.87 33.17
N GLY I 93 -4.18 -13.60 32.17
CA GLY I 93 -4.95 -13.94 30.97
C GLY I 93 -4.82 -15.39 30.53
N THR I 94 -4.41 -16.27 31.44
CA THR I 94 -4.31 -17.68 31.08
C THR I 94 -5.68 -18.31 31.13
N THR I 95 -5.83 -19.47 30.50
CA THR I 95 -7.10 -20.19 30.49
CA THR I 95 -7.09 -20.20 30.48
CA THR I 95 -7.09 -20.17 30.47
C THR I 95 -7.62 -20.46 31.89
N GLN I 96 -6.71 -20.79 32.81
CA GLN I 96 -7.09 -21.15 34.19
C GLN I 96 -7.65 -19.98 34.97
N VAL I 97 -7.02 -18.81 34.80
CA VAL I 97 -7.57 -17.56 35.31
C VAL I 97 -8.91 -17.15 34.68
N VAL I 98 -8.97 -17.13 33.35
CA VAL I 98 -10.17 -16.64 32.66
C VAL I 98 -11.35 -17.50 33.02
N VAL I 99 -11.17 -18.82 33.10
CA VAL I 99 -12.31 -19.68 33.37
C VAL I 99 -12.86 -19.43 34.79
N LYS I 100 -11.99 -18.96 35.67
CA LYS I 100 -12.32 -18.66 37.07
C LYS I 100 -12.92 -17.27 37.23
N GLU I 101 -12.40 -16.30 36.49
CA GLU I 101 -12.69 -14.89 36.76
C GLU I 101 -13.74 -14.28 35.81
N SER I 102 -13.94 -14.88 34.65
CA SER I 102 -15.06 -14.46 33.78
C SER I 102 -16.39 -14.91 34.38
N ARG I 103 -17.35 -13.98 34.45
CA ARG I 103 -18.70 -14.34 34.89
C ARG I 103 -19.63 -14.65 33.73
N LEU I 104 -19.10 -14.80 32.52
CA LEU I 104 -20.00 -15.07 31.38
C LEU I 104 -20.46 -16.49 31.44
N LYS I 105 -21.74 -16.68 31.20
CA LYS I 105 -22.33 -18.02 31.19
C LYS I 105 -21.58 -18.82 30.13
N PRO I 106 -21.09 -20.03 30.48
CA PRO I 106 -20.40 -20.86 29.49
C PRO I 106 -21.16 -20.95 28.17
N TYR I 107 -20.45 -20.80 27.06
CA TYR I 107 -21.12 -20.68 25.77
C TYR I 107 -21.50 -22.08 25.31
N PRO I 108 -22.74 -22.27 24.84
CA PRO I 108 -23.12 -23.64 24.42
C PRO I 108 -22.35 -24.15 23.19
N THR I 109 -21.87 -25.40 23.22
CA THR I 109 -21.11 -25.95 22.12
C THR I 109 -21.98 -26.85 21.22
N ASP I 110 -23.29 -26.81 21.43
CA ASP I 110 -24.23 -27.65 20.69
C ASP I 110 -25.32 -26.83 20.01
N ILE I 111 -25.01 -25.58 19.71
CA ILE I 111 -25.87 -24.76 18.88
C ILE I 111 -25.20 -24.44 17.55
N TYR I 112 -26.05 -24.23 16.57
CA TYR I 112 -25.63 -24.09 15.16
C TYR I 112 -26.42 -22.98 14.42
N ALA I 113 -27.76 -22.99 14.50
CA ALA I 113 -28.57 -22.02 13.78
C ALA I 113 -28.03 -20.63 14.03
N VAL I 114 -27.95 -19.82 12.97
CA VAL I 114 -27.49 -18.43 13.14
C VAL I 114 -28.27 -17.69 14.19
N HIS I 115 -29.59 -17.88 14.21
CA HIS I 115 -30.42 -17.22 15.18
C HIS I 115 -30.04 -17.57 16.62
N ASP I 116 -29.72 -18.84 16.87
CA ASP I 116 -29.35 -19.30 18.21
C ASP I 116 -28.04 -18.68 18.65
N HIS I 117 -27.07 -18.64 17.74
CA HIS I 117 -25.82 -17.95 18.02
C HIS I 117 -26.02 -16.44 18.25
N LEU I 118 -26.85 -15.79 17.45
CA LEU I 118 -27.11 -14.37 17.67
C LEU I 118 -27.66 -14.12 19.06
N VAL I 119 -28.63 -14.92 19.49
CA VAL I 119 -29.23 -14.71 20.81
C VAL I 119 -28.21 -14.96 21.91
N ALA I 120 -27.41 -16.03 21.77
CA ALA I 120 -26.42 -16.38 22.76
C ALA I 120 -25.31 -15.34 22.85
N LEU I 121 -24.86 -14.86 21.68
CA LEU I 121 -23.89 -13.78 21.63
C LEU I 121 -24.39 -12.47 22.23
N ILE I 122 -25.66 -12.13 22.00
CA ILE I 122 -26.22 -10.90 22.52
C ILE I 122 -26.18 -10.94 24.04
N GLU I 123 -26.43 -12.10 24.63
CA GLU I 123 -26.37 -12.19 26.09
C GLU I 123 -24.98 -11.88 26.59
N ARG I 124 -23.98 -12.49 25.99
CA ARG I 124 -22.61 -12.30 26.44
C ARG I 124 -22.04 -10.94 26.10
N TYR I 125 -22.28 -10.46 24.88
CA TYR I 125 -21.86 -9.08 24.50
C TYR I 125 -22.52 -8.04 25.39
N GLY I 126 -23.82 -8.22 25.69
CA GLY I 126 -24.46 -7.29 26.62
C GLY I 126 -23.80 -7.25 27.96
N ASP I 127 -23.51 -8.43 28.52
CA ASP I 127 -22.90 -8.50 29.83
C ASP I 127 -21.54 -7.79 29.84
N VAL I 128 -20.70 -8.07 28.85
CA VAL I 128 -19.39 -7.43 28.78
C VAL I 128 -19.54 -5.92 28.51
N ALA I 129 -20.44 -5.56 27.62
CA ALA I 129 -20.66 -4.15 27.26
C ALA I 129 -21.03 -3.39 28.54
N ASN I 130 -21.88 -3.97 29.35
CA ASN I 130 -22.33 -3.27 30.54
C ASN I 130 -21.29 -3.25 31.67
N LEU I 131 -20.50 -4.30 31.79
CA LEU I 131 -19.35 -4.29 32.73
C LEU I 131 -18.31 -3.23 32.35
N VAL I 132 -17.95 -3.16 31.07
CA VAL I 132 -16.92 -2.24 30.65
C VAL I 132 -17.41 -0.80 30.82
N ARG I 133 -18.67 -0.54 30.48
CA ARG I 133 -19.26 0.80 30.65
C ARG I 133 -19.20 1.29 32.11
N LYS I 134 -19.66 0.45 33.02
CA LYS I 134 -19.55 0.74 34.46
C LYS I 134 -18.12 0.97 34.91
N SER I 135 -17.19 0.22 34.34
CA SER I 135 -15.77 0.28 34.70
C SER I 135 -15.16 1.61 34.32
N ILE I 136 -15.68 2.25 33.28
CA ILE I 136 -15.26 3.63 32.97
C ILE I 136 -15.45 4.50 34.20
N LYS I 137 -16.64 4.45 34.77
CA LYS I 137 -16.97 5.29 35.94
C LYS I 137 -16.11 4.91 37.13
N ASP I 138 -15.92 3.61 37.35
CA ASP I 138 -15.12 3.16 38.50
C ASP I 138 -13.70 3.73 38.40
N ALA I 139 -13.15 3.69 37.18
CA ALA I 139 -11.82 4.25 36.96
C ALA I 139 -11.79 5.79 37.12
N ASP I 140 -12.80 6.48 36.60
CA ASP I 140 -12.88 7.94 36.73
CA ASP I 140 -12.87 7.94 36.72
C ASP I 140 -12.92 8.32 38.20
N ASP I 141 -13.77 7.62 38.93
CA ASP I 141 -13.95 7.84 40.37
C ASP I 141 -12.70 7.60 41.15
N ALA I 142 -11.89 6.64 40.73
CA ALA I 142 -10.63 6.35 41.36
C ALA I 142 -9.55 7.36 40.97
N GLY I 143 -9.80 8.23 39.99
CA GLY I 143 -8.81 9.24 39.55
C GLY I 143 -7.80 8.74 38.52
N ASP I 144 -8.16 7.66 37.81
CA ASP I 144 -7.32 7.12 36.75
C ASP I 144 -7.95 7.38 35.39
N ASP I 145 -7.66 8.56 34.88
CA ASP I 145 -8.23 9.02 33.61
C ASP I 145 -7.86 8.18 32.38
N ASP I 146 -6.61 7.76 32.31
CA ASP I 146 -6.16 6.89 31.20
C ASP I 146 -6.90 5.54 31.19
N THR I 147 -7.03 4.92 32.36
CA THR I 147 -7.75 3.67 32.43
C THR I 147 -9.19 3.91 32.06
N ALA I 148 -9.79 5.02 32.51
CA ALA I 148 -11.17 5.32 32.12
C ALA I 148 -11.33 5.42 30.59
N ASP I 149 -10.35 6.06 29.97
CA ASP I 149 -10.37 6.24 28.52
C ASP I 149 -10.19 4.92 27.76
N ILE I 150 -9.29 4.07 28.27
CA ILE I 150 -9.14 2.72 27.77
C ILE I 150 -10.47 1.97 27.79
N PHE I 151 -11.20 2.05 28.90
CA PHE I 151 -12.50 1.42 28.97
C PHE I 151 -13.52 2.11 28.06
N THR I 152 -13.41 3.42 27.87
CA THR I 152 -14.31 4.17 26.96
C THR I 152 -14.13 3.67 25.54
N ALA I 153 -12.88 3.48 25.12
CA ALA I 153 -12.65 2.96 23.76
C ALA I 153 -13.26 1.55 23.60
N ALA I 154 -12.99 0.70 24.58
CA ALA I 154 -13.52 -0.65 24.56
C ALA I 154 -15.02 -0.63 24.57
N SER I 155 -15.61 0.20 25.43
CA SER I 155 -17.07 0.28 25.54
C SER I 155 -17.73 0.75 24.23
N ARG I 156 -17.15 1.76 23.58
CA ARG I 156 -17.63 2.16 22.24
C ARG I 156 -17.67 0.99 21.25
N SER I 157 -16.59 0.20 21.23
CA SER I 157 -16.51 -1.00 20.36
CA SER I 157 -16.49 -0.98 20.38
C SER I 157 -17.57 -2.01 20.73
N LEU I 158 -17.69 -2.27 22.05
CA LEU I 158 -18.70 -3.25 22.49
C LEU I 158 -20.14 -2.83 22.22
N ASP I 159 -20.47 -1.55 22.44
CA ASP I 159 -21.86 -1.08 22.21
C ASP I 159 -22.21 -1.13 20.71
N LYS I 160 -21.21 -0.86 19.89
CA LYS I 160 -21.38 -0.99 18.42
C LYS I 160 -21.56 -2.43 18.00
N ALA I 161 -20.76 -3.33 18.54
CA ALA I 161 -20.86 -4.76 18.24
C ALA I 161 -22.20 -5.29 18.75
N LEU I 162 -22.62 -4.85 19.94
CA LEU I 162 -23.91 -5.26 20.50
C LEU I 162 -25.07 -4.83 19.56
N TRP I 163 -25.00 -3.60 19.07
CA TRP I 163 -25.96 -3.13 18.09
C TRP I 163 -25.97 -4.00 16.83
N PHE I 164 -24.80 -4.25 16.25
CA PHE I 164 -24.72 -5.07 15.06
C PHE I 164 -25.45 -6.44 15.28
N LEU I 165 -25.22 -7.03 16.44
CA LEU I 165 -25.92 -8.29 16.79
C LEU I 165 -27.41 -8.08 16.96
N GLU I 166 -27.78 -7.11 17.79
CA GLU I 166 -29.20 -6.86 18.10
C GLU I 166 -30.00 -6.45 16.87
N ALA I 167 -29.37 -5.67 15.98
CA ALA I 167 -30.05 -5.21 14.79
C ALA I 167 -30.52 -6.38 13.91
N HIS I 168 -29.85 -7.51 14.00
CA HIS I 168 -30.25 -8.70 13.29
C HIS I 168 -31.56 -9.30 13.79
N VAL I 169 -31.89 -9.08 15.06
CA VAL I 169 -33.08 -9.70 15.66
C VAL I 169 -34.18 -8.73 16.08
N GLN I 170 -33.95 -7.42 15.97
CA GLN I 170 -34.90 -6.36 16.39
C GLN I 170 -36.12 -6.21 15.45
N GLU I 171 -35.99 -6.71 14.23
CA GLU I 171 -37.09 -6.87 13.30
C GLU I 171 -36.88 -8.26 12.73
N SER I 172 -37.95 -8.84 12.15
CA SER I 172 -37.91 -10.23 11.68
C SER I 172 -37.76 -10.35 10.16
N ASN I 173 -37.93 -9.24 9.45
CA ASN I 173 -37.80 -9.21 8.00
C ASN I 173 -37.08 -7.90 7.60
N SER J 13 3.60 5.00 -43.88
CA SER J 13 3.46 5.27 -42.41
C SER J 13 2.34 4.41 -41.73
N MET J 14 1.77 3.48 -42.50
CA MET J 14 0.66 2.65 -42.03
C MET J 14 1.14 1.25 -41.89
N HIS J 15 0.52 0.50 -40.96
CA HIS J 15 0.72 -0.93 -40.87
C HIS J 15 -0.66 -1.60 -40.86
N ALA J 16 -0.69 -2.84 -41.33
CA ALA J 16 -1.94 -3.57 -41.48
C ALA J 16 -2.47 -3.96 -40.09
N THR J 17 -3.77 -3.87 -39.96
CA THR J 17 -4.45 -4.36 -38.76
C THR J 17 -5.77 -5.05 -39.09
N ARG J 18 -6.11 -6.07 -38.32
CA ARG J 18 -7.44 -6.68 -38.37
C ARG J 18 -8.56 -5.76 -37.89
N ASN J 19 -8.19 -4.65 -37.23
CA ASN J 19 -9.17 -3.68 -36.77
C ASN J 19 -9.97 -3.27 -37.95
N ASP J 20 -11.30 -3.49 -37.95
CA ASP J 20 -12.10 -3.24 -39.17
C ASP J 20 -12.79 -1.89 -39.29
N LEU J 21 -12.35 -0.90 -38.51
CA LEU J 21 -12.75 0.46 -38.76
C LEU J 21 -12.50 0.76 -40.25
N PRO J 22 -13.37 1.51 -40.89
CA PRO J 22 -13.13 1.77 -42.33
C PRO J 22 -11.80 2.44 -42.60
N SER J 23 -11.22 2.18 -43.78
CA SER J 23 -9.94 2.77 -44.14
CA SER J 23 -9.95 2.78 -44.14
C SER J 23 -10.00 4.30 -44.04
N ASN J 24 -11.05 4.93 -44.54
CA ASN J 24 -11.13 6.39 -44.42
C ASN J 24 -11.25 6.91 -42.99
N THR J 25 -11.98 6.18 -42.16
CA THR J 25 -12.02 6.50 -40.72
C THR J 25 -10.63 6.44 -40.10
N LYS J 26 -9.86 5.41 -40.45
CA LYS J 26 -8.51 5.27 -39.90
C LYS J 26 -7.65 6.45 -40.30
N THR J 27 -7.57 6.75 -41.60
CA THR J 27 -6.79 7.90 -42.11
CA THR J 27 -6.70 7.84 -42.03
C THR J 27 -7.12 9.19 -41.39
N THR J 28 -8.42 9.49 -41.33
CA THR J 28 -8.97 10.72 -40.77
CA THR J 28 -8.84 10.76 -40.77
C THR J 28 -8.67 10.80 -39.28
N MET J 29 -8.89 9.68 -38.60
CA MET J 29 -8.61 9.66 -37.16
C MET J 29 -7.13 9.73 -36.81
N ILE J 30 -6.29 9.06 -37.58
CA ILE J 30 -4.84 9.14 -37.34
C ILE J 30 -4.42 10.61 -37.43
N ALA J 31 -4.93 11.36 -38.41
CA ALA J 31 -4.60 12.78 -38.51
C ALA J 31 -5.12 13.60 -37.36
N LEU J 32 -6.36 13.37 -36.98
CA LEU J 32 -6.96 14.06 -35.85
C LEU J 32 -6.24 13.75 -34.55
N LEU J 33 -5.95 12.48 -34.31
CA LEU J 33 -5.21 12.09 -33.11
C LEU J 33 -3.85 12.79 -33.05
N ASN J 34 -3.13 12.81 -34.16
CA ASN J 34 -1.85 13.48 -34.18
C ASN J 34 -1.94 14.99 -33.98
N GLU J 35 -3.00 15.63 -34.45
CA GLU J 35 -3.22 17.06 -34.24
C GLU J 35 -3.33 17.33 -32.73
N ASN J 36 -4.15 16.53 -32.08
CA ASN J 36 -4.36 16.65 -30.62
C ASN J 36 -3.15 16.26 -29.80
N LEU J 37 -2.38 15.30 -30.33
CA LEU J 37 -1.13 14.84 -29.73
C LEU J 37 -0.12 15.99 -29.64
N ALA J 38 0.02 16.72 -30.74
CA ALA J 38 0.97 17.85 -30.77
C ALA J 38 0.58 18.92 -29.75
N ALA J 39 -0.72 19.22 -29.70
CA ALA J 39 -1.27 20.26 -28.80
C ALA J 39 -1.07 19.84 -27.35
N THR J 40 -1.35 18.57 -27.05
CA THR J 40 -1.24 18.12 -25.65
C THR J 40 0.18 17.95 -25.14
N ILE J 41 1.09 17.45 -26.00
CA ILE J 41 2.51 17.39 -25.63
C ILE J 41 3.06 18.82 -25.39
N ASP J 42 2.71 19.76 -26.26
CA ASP J 42 3.18 21.15 -26.14
C ASP J 42 2.64 21.69 -24.82
N LEU J 43 1.36 21.43 -24.54
CA LEU J 43 0.78 21.86 -23.27
C LEU J 43 1.48 21.25 -22.06
N ALA J 44 1.89 19.99 -22.18
CA ALA J 44 2.58 19.32 -21.07
C ALA J 44 3.89 20.04 -20.78
N LEU J 45 4.61 20.42 -21.83
CA LEU J 45 5.90 21.12 -21.62
C LEU J 45 5.66 22.52 -21.07
N ILE J 46 4.61 23.19 -21.53
CA ILE J 46 4.21 24.50 -21.04
C ILE J 46 3.85 24.46 -19.54
N THR J 47 3.18 23.41 -19.15
CA THR J 47 2.75 23.26 -17.75
C THR J 47 3.96 23.19 -16.81
N LYS J 48 4.96 22.38 -17.17
CA LYS J 48 6.18 22.33 -16.37
C LYS J 48 7.00 23.64 -16.40
N GLN J 49 7.03 24.30 -17.56
CA GLN J 49 7.69 25.62 -17.68
C GLN J 49 7.18 26.59 -16.66
N ALA J 50 5.85 26.68 -16.52
CA ALA J 50 5.19 27.47 -15.50
C ALA J 50 5.51 27.01 -14.07
N HIS J 51 5.39 25.70 -13.86
CA HIS J 51 5.65 25.03 -12.58
C HIS J 51 7.02 25.44 -12.02
N TRP J 52 8.07 25.42 -12.85
CA TRP J 52 9.40 25.68 -12.37
C TRP J 52 9.62 27.14 -12.02
N ASN J 53 9.03 28.02 -12.81
CA ASN J 53 9.43 29.42 -12.79
C ASN J 53 8.48 30.35 -12.06
N LEU J 54 7.35 29.83 -11.57
CA LEU J 54 6.43 30.74 -10.91
C LEU J 54 6.95 31.25 -9.54
N LYS J 55 6.55 32.48 -9.22
CA LYS J 55 6.99 33.18 -8.03
C LYS J 55 5.86 34.09 -7.58
N GLY J 56 5.65 34.15 -6.27
CA GLY J 56 4.59 34.97 -5.70
C GLY J 56 3.86 34.28 -4.56
N PRO J 57 2.89 34.97 -3.97
CA PRO J 57 2.32 34.53 -2.69
C PRO J 57 1.64 33.17 -2.69
N GLN J 58 1.13 32.78 -3.85
CA GLN J 58 0.48 31.48 -3.98
C GLN J 58 1.41 30.39 -4.52
N PHE J 59 2.74 30.62 -4.46
CA PHE J 59 3.70 29.71 -5.07
C PHE J 59 3.42 28.21 -4.84
N ILE J 60 3.37 27.74 -3.59
CA ILE J 60 3.49 26.28 -3.41
C ILE J 60 2.20 25.56 -3.86
N ALA J 61 1.06 26.17 -3.61
CA ALA J 61 -0.22 25.57 -3.99
C ALA J 61 -0.35 25.41 -5.51
N VAL J 62 0.01 26.47 -6.24
CA VAL J 62 -0.06 26.45 -7.71
C VAL J 62 1.06 25.59 -8.31
N HIS J 63 2.26 25.63 -7.71
CA HIS J 63 3.36 24.79 -8.12
C HIS J 63 2.90 23.33 -8.11
N GLU J 64 2.34 22.88 -6.98
CA GLU J 64 1.87 21.51 -6.84
C GLU J 64 0.68 21.18 -7.76
N MET J 65 -0.25 22.12 -7.91
CA MET J 65 -1.42 21.92 -8.75
C MET J 65 -0.97 21.63 -10.18
N LEU J 66 0.02 22.38 -10.67
CA LEU J 66 0.54 22.19 -12.02
C LEU J 66 1.17 20.80 -12.23
N ASP J 67 1.78 20.22 -11.20
CA ASP J 67 2.25 18.82 -11.33
C ASP J 67 1.12 17.81 -11.49
N GLY J 68 0.00 18.06 -10.80
CA GLY J 68 -1.20 17.27 -11.03
C GLY J 68 -1.67 17.33 -12.46
N PHE J 69 -1.69 18.54 -13.02
CA PHE J 69 -2.11 18.71 -14.42
C PHE J 69 -1.19 17.93 -15.33
N ARG J 70 0.12 18.03 -15.09
CA ARG J 70 1.07 17.40 -16.01
C ARG J 70 0.89 15.87 -16.00
N ALA J 71 0.67 15.32 -14.81
CA ALA J 71 0.42 13.87 -14.69
C ALA J 71 -0.83 13.44 -15.47
N GLU J 72 -1.90 14.23 -15.43
CA GLU J 72 -3.09 13.90 -16.20
CA GLU J 72 -3.08 13.91 -16.21
C GLU J 72 -2.80 14.03 -17.70
N LEU J 73 -2.10 15.10 -18.10
CA LEU J 73 -1.83 15.27 -19.51
C LEU J 73 -0.99 14.10 -20.05
N ASP J 74 -0.05 13.62 -19.22
CA ASP J 74 0.84 12.56 -19.65
C ASP J 74 0.02 11.33 -20.02
N ASP J 75 -1.00 11.05 -19.23
CA ASP J 75 -1.84 9.87 -19.45
C ASP J 75 -2.64 10.01 -20.75
N HIS J 76 -3.15 11.22 -20.99
CA HIS J 76 -3.92 11.50 -22.19
C HIS J 76 -3.07 11.51 -23.45
N VAL J 77 -1.87 12.07 -23.36
CA VAL J 77 -0.89 12.01 -24.43
C VAL J 77 -0.67 10.55 -24.88
N ASP J 78 -0.41 9.67 -23.91
CA ASP J 78 -0.19 8.25 -24.16
CA ASP J 78 -0.14 8.28 -24.19
C ASP J 78 -1.36 7.61 -24.85
N THR J 79 -2.55 7.89 -24.34
CA THR J 79 -3.77 7.26 -24.84
C THR J 79 -4.05 7.71 -26.31
N ILE J 80 -3.85 9.01 -26.57
CA ILE J 80 -4.04 9.56 -27.91
C ILE J 80 -3.02 8.98 -28.88
N ALA J 81 -1.73 9.02 -28.51
CA ALA J 81 -0.68 8.46 -29.36
C ALA J 81 -0.92 6.98 -29.68
N GLU J 82 -1.25 6.21 -28.65
CA GLU J 82 -1.41 4.75 -28.84
C GLU J 82 -2.62 4.41 -29.67
N ARG J 83 -3.63 5.26 -29.60
CA ARG J 83 -4.81 5.01 -30.41
C ARG J 83 -4.51 5.16 -31.89
N ALA J 84 -3.73 6.17 -32.23
CA ALA J 84 -3.28 6.34 -33.60
C ALA J 84 -2.55 5.12 -34.13
N VAL J 85 -1.68 4.53 -33.33
CA VAL J 85 -0.97 3.33 -33.69
C VAL J 85 -1.91 2.11 -33.78
N GLN J 86 -2.86 1.99 -32.83
CA GLN J 86 -3.78 0.85 -32.81
C GLN J 86 -4.54 0.69 -34.09
N ILE J 87 -4.90 1.81 -34.70
CA ILE J 87 -5.72 1.80 -35.89
C ILE J 87 -4.87 1.83 -37.16
N GLY J 88 -3.59 1.56 -37.00
CA GLY J 88 -2.67 1.27 -38.11
C GLY J 88 -1.79 2.43 -38.50
N GLY J 89 -1.75 3.49 -37.68
CA GLY J 89 -1.00 4.69 -37.99
C GLY J 89 0.30 4.85 -37.24
N THR J 90 0.90 6.00 -37.46
CA THR J 90 2.12 6.42 -36.79
C THR J 90 1.77 7.56 -35.85
N ALA J 91 2.37 7.53 -34.65
CA ALA J 91 2.23 8.62 -33.69
C ALA J 91 3.44 9.55 -33.84
N TYR J 92 3.19 10.84 -34.00
CA TYR J 92 4.23 11.83 -34.20
C TYR J 92 4.30 12.76 -33.02
N GLY J 93 5.29 12.55 -32.17
CA GLY J 93 5.45 13.30 -30.93
C GLY J 93 6.83 13.84 -30.60
N THR J 94 7.69 13.98 -31.60
CA THR J 94 9.01 14.53 -31.38
C THR J 94 8.94 16.04 -31.25
N THR J 95 9.97 16.62 -30.70
CA THR J 95 10.05 18.07 -30.56
CA THR J 95 10.01 18.08 -30.57
C THR J 95 9.85 18.77 -31.91
N GLN J 96 10.45 18.23 -32.96
CA GLN J 96 10.35 18.84 -34.24
C GLN J 96 8.95 18.84 -34.80
N VAL J 97 8.21 17.74 -34.60
CA VAL J 97 6.84 17.71 -35.02
C VAL J 97 5.97 18.65 -34.17
N VAL J 98 6.10 18.55 -32.84
CA VAL J 98 5.25 19.34 -31.96
C VAL J 98 5.38 20.84 -32.22
N VAL J 99 6.61 21.31 -32.43
CA VAL J 99 6.85 22.74 -32.67
C VAL J 99 6.22 23.20 -33.99
N LYS J 100 6.10 22.28 -34.96
CA LYS J 100 5.46 22.63 -36.23
C LYS J 100 3.94 22.49 -36.18
N GLU J 101 3.41 21.52 -35.45
CA GLU J 101 1.98 21.18 -35.53
C GLU J 101 1.10 21.68 -34.41
N SER J 102 1.72 22.05 -33.29
CA SER J 102 1.00 22.78 -32.26
C SER J 102 0.70 24.21 -32.66
N ARG J 103 -0.55 24.62 -32.48
CA ARG J 103 -0.95 26.00 -32.77
C ARG J 103 -0.89 26.90 -31.52
N LEU J 104 -0.39 26.40 -30.41
CA LEU J 104 -0.31 27.23 -29.20
C LEU J 104 0.76 28.32 -29.33
N LYS J 105 0.40 29.52 -28.91
CA LYS J 105 1.31 30.66 -28.92
C LYS J 105 2.52 30.28 -28.07
N PRO J 106 3.75 30.45 -28.58
CA PRO J 106 4.90 30.10 -27.77
C PRO J 106 4.83 30.71 -26.38
N TYR J 107 5.16 29.90 -25.38
CA TYR J 107 4.95 30.33 -24.00
C TYR J 107 6.09 31.22 -23.58
N PRO J 108 5.78 32.37 -22.98
CA PRO J 108 6.87 33.27 -22.60
C PRO J 108 7.77 32.70 -21.51
N THR J 109 9.08 32.85 -21.70
CA THR J 109 10.07 32.32 -20.80
C THR J 109 10.62 33.45 -19.87
N ASP J 110 10.01 34.62 -19.93
CA ASP J 110 10.43 35.77 -19.13
C ASP J 110 9.33 36.29 -18.23
N ILE J 111 8.38 35.43 -17.84
CA ILE J 111 7.39 35.79 -16.84
C ILE J 111 7.55 34.93 -15.60
N TYR J 112 7.11 35.48 -14.46
CA TYR J 112 7.40 34.88 -13.14
C TYR J 112 6.23 34.97 -12.18
N ALA J 113 5.60 36.13 -12.11
CA ALA J 113 4.50 36.32 -11.20
C ALA J 113 3.45 35.26 -11.43
N VAL J 114 2.93 34.72 -10.33
CA VAL J 114 1.89 33.68 -10.43
C VAL J 114 0.75 34.14 -11.32
N HIS J 115 0.31 35.38 -11.14
CA HIS J 115 -0.77 35.88 -11.92
C HIS J 115 -0.51 35.83 -13.40
N ASP J 116 0.70 36.23 -13.81
CA ASP J 116 1.05 36.23 -15.22
C ASP J 116 1.07 34.81 -15.78
N HIS J 117 1.63 33.87 -15.03
CA HIS J 117 1.55 32.44 -15.42
C HIS J 117 0.13 31.92 -15.54
N LEU J 118 -0.71 32.27 -14.57
CA LEU J 118 -2.11 31.85 -14.60
C LEU J 118 -2.79 32.36 -15.87
N VAL J 119 -2.59 33.62 -16.22
CA VAL J 119 -3.23 34.19 -17.40
C VAL J 119 -2.69 33.56 -18.68
N ALA J 120 -1.38 33.31 -18.71
CA ALA J 120 -0.75 32.69 -19.88
C ALA J 120 -1.25 31.26 -20.05
N LEU J 121 -1.32 30.54 -18.92
CA LEU J 121 -1.77 29.15 -18.90
C LEU J 121 -3.21 29.05 -19.34
N ILE J 122 -4.07 29.97 -18.90
CA ILE J 122 -5.49 29.93 -19.25
C ILE J 122 -5.68 29.99 -20.75
N GLU J 123 -4.90 30.85 -21.41
CA GLU J 123 -4.95 30.95 -22.84
C GLU J 123 -4.69 29.60 -23.51
N ARG J 124 -3.57 29.00 -23.14
CA ARG J 124 -3.15 27.73 -23.76
C ARG J 124 -4.08 26.57 -23.37
N TYR J 125 -4.42 26.49 -22.09
CA TYR J 125 -5.37 25.43 -21.63
C TYR J 125 -6.73 25.60 -22.34
N GLY J 126 -7.16 26.83 -22.49
CA GLY J 126 -8.39 27.12 -23.20
C GLY J 126 -8.32 26.59 -24.61
N ASP J 127 -7.24 26.94 -25.31
CA ASP J 127 -7.11 26.54 -26.70
C ASP J 127 -7.11 25.01 -26.81
N VAL J 128 -6.35 24.32 -25.94
CA VAL J 128 -6.29 22.85 -26.03
C VAL J 128 -7.64 22.23 -25.63
N ALA J 129 -8.24 22.75 -24.56
CA ALA J 129 -9.53 22.24 -24.08
C ALA J 129 -10.55 22.37 -25.19
N ASN J 130 -10.54 23.50 -25.89
CA ASN J 130 -11.51 23.70 -26.97
C ASN J 130 -11.29 22.79 -28.18
N LEU J 131 -10.03 22.56 -28.53
CA LEU J 131 -9.65 21.65 -29.61
C LEU J 131 -10.10 20.21 -29.30
N VAL J 132 -9.76 19.75 -28.09
CA VAL J 132 -10.07 18.38 -27.71
C VAL J 132 -11.59 18.17 -27.64
N ARG J 133 -12.33 19.15 -27.13
CA ARG J 133 -13.79 19.01 -27.04
C ARG J 133 -14.41 18.91 -28.42
N LYS J 134 -13.95 19.74 -29.36
CA LYS J 134 -14.39 19.65 -30.73
C LYS J 134 -14.07 18.29 -31.38
N SER J 135 -12.89 17.77 -31.06
CA SER J 135 -12.40 16.55 -31.65
C SER J 135 -13.28 15.34 -31.22
N ILE J 136 -13.98 15.44 -30.10
CA ILE J 136 -14.92 14.37 -29.72
C ILE J 136 -15.95 14.21 -30.84
N LYS J 137 -16.46 15.36 -31.29
CA LYS J 137 -17.51 15.41 -32.32
C LYS J 137 -16.96 14.96 -33.65
N ASP J 138 -15.76 15.43 -33.98
CA ASP J 138 -15.11 15.02 -35.23
C ASP J 138 -14.90 13.50 -35.29
N ALA J 139 -14.56 12.91 -34.14
CA ALA J 139 -14.38 11.47 -34.06
C ALA J 139 -15.70 10.74 -34.15
N ASP J 140 -16.71 11.22 -33.45
CA ASP J 140 -18.07 10.68 -33.55
CA ASP J 140 -18.04 10.65 -33.55
C ASP J 140 -18.53 10.72 -35.00
N ASP J 141 -18.37 11.89 -35.60
CA ASP J 141 -18.74 12.09 -37.01
C ASP J 141 -18.07 11.07 -37.95
N ALA J 142 -16.82 10.68 -37.67
CA ALA J 142 -16.10 9.70 -38.46
C ALA J 142 -16.46 8.26 -38.14
N GLY J 143 -17.30 8.02 -37.13
CA GLY J 143 -17.70 6.67 -36.76
C GLY J 143 -16.70 5.93 -35.89
N ASP J 144 -15.86 6.67 -35.15
CA ASP J 144 -14.83 6.08 -34.30
C ASP J 144 -15.17 6.41 -32.83
N ASP J 145 -16.03 5.56 -32.29
CA ASP J 145 -16.51 5.73 -30.92
C ASP J 145 -15.43 5.64 -29.84
N ASP J 146 -14.47 4.73 -30.02
CA ASP J 146 -13.37 4.62 -29.04
C ASP J 146 -12.54 5.89 -29.03
N THR J 147 -12.18 6.39 -30.22
CA THR J 147 -11.43 7.64 -30.30
C THR J 147 -12.22 8.81 -29.73
N ALA J 148 -13.52 8.88 -30.00
CA ALA J 148 -14.32 9.89 -29.40
C ALA J 148 -14.26 9.82 -27.87
N ASP J 149 -14.32 8.62 -27.34
CA ASP J 149 -14.29 8.40 -25.87
C ASP J 149 -12.95 8.83 -25.27
N ILE J 150 -11.89 8.49 -25.97
CA ILE J 150 -10.53 8.94 -25.60
C ILE J 150 -10.48 10.46 -25.51
N PHE J 151 -10.99 11.16 -26.54
CA PHE J 151 -11.07 12.61 -26.44
C PHE J 151 -12.04 13.13 -25.36
N THR J 152 -13.09 12.38 -25.04
CA THR J 152 -14.03 12.76 -23.98
C THR J 152 -13.31 12.73 -22.64
N ALA J 153 -12.52 11.70 -22.41
CA ALA J 153 -11.76 11.58 -21.14
C ALA J 153 -10.74 12.70 -21.03
N ALA J 154 -10.01 12.95 -22.11
CA ALA J 154 -9.07 14.10 -22.16
C ALA J 154 -9.77 15.42 -21.96
N SER J 155 -10.91 15.60 -22.65
CA SER J 155 -11.69 16.84 -22.54
C SER J 155 -12.19 17.09 -21.12
N ARG J 156 -12.69 16.05 -20.47
CA ARG J 156 -13.07 16.22 -19.06
C ARG J 156 -11.92 16.71 -18.20
N SER J 157 -10.72 16.16 -18.38
CA SER J 157 -9.52 16.56 -17.62
CA SER J 157 -9.54 16.55 -17.61
C SER J 157 -9.16 18.00 -17.93
N LEU J 158 -9.18 18.32 -19.20
CA LEU J 158 -8.81 19.67 -19.64
C LEU J 158 -9.78 20.75 -19.17
N ASP J 159 -11.08 20.47 -19.20
CA ASP J 159 -12.12 21.40 -18.79
C ASP J 159 -12.04 21.61 -17.28
N LYS J 160 -11.66 20.56 -16.57
CA LYS J 160 -11.47 20.65 -15.13
C LYS J 160 -10.22 21.46 -14.78
N ALA J 161 -9.10 21.17 -15.47
CA ALA J 161 -7.86 21.93 -15.26
C ALA J 161 -8.08 23.38 -15.62
N LEU J 162 -8.78 23.63 -16.74
CA LEU J 162 -9.10 25.02 -17.13
C LEU J 162 -9.87 25.76 -16.03
N TRP J 163 -10.86 25.10 -15.45
CA TRP J 163 -11.57 25.65 -14.30
C TRP J 163 -10.63 25.93 -13.13
N PHE J 164 -9.80 24.97 -12.76
CA PHE J 164 -8.83 25.18 -11.66
C PHE J 164 -8.02 26.46 -11.84
N LEU J 165 -7.56 26.70 -13.07
CA LEU J 165 -6.82 27.89 -13.44
C LEU J 165 -7.70 29.13 -13.35
N GLU J 166 -8.80 29.12 -14.08
CA GLU J 166 -9.71 30.29 -14.14
C GLU J 166 -10.28 30.69 -12.76
N ALA J 167 -10.54 29.70 -11.93
CA ALA J 167 -11.05 29.94 -10.59
C ALA J 167 -10.13 30.82 -9.78
N HIS J 168 -8.82 30.78 -10.06
CA HIS J 168 -7.85 31.64 -9.39
C HIS J 168 -8.00 33.13 -9.77
N VAL J 169 -8.53 33.40 -10.96
CA VAL J 169 -8.65 34.79 -11.48
C VAL J 169 -10.07 35.30 -11.59
N GLN J 170 -11.08 34.43 -11.44
CA GLN J 170 -12.50 34.82 -11.63
C GLN J 170 -13.05 35.72 -10.50
N GLU J 171 -12.38 35.75 -9.36
CA GLU J 171 -12.64 36.71 -8.31
C GLU J 171 -11.27 37.17 -7.89
N SER J 172 -11.22 38.29 -7.20
CA SER J 172 -9.92 38.90 -6.81
C SER J 172 -9.56 38.73 -5.33
N ASN J 173 -10.48 38.15 -4.55
CA ASN J 173 -10.21 37.90 -3.16
C ASN J 173 -10.90 36.63 -2.67
N SER K 13 -0.17 38.34 22.07
CA SER K 13 0.03 36.87 21.83
C SER K 13 -1.30 36.14 21.53
N MET K 14 -2.42 36.86 21.61
CA MET K 14 -3.75 36.26 21.41
C MET K 14 -4.34 36.71 20.10
N HIS K 15 -5.17 35.87 19.48
CA HIS K 15 -5.92 36.24 18.28
C HIS K 15 -7.36 35.82 18.54
N ALA K 16 -8.29 36.52 17.92
CA ALA K 16 -9.71 36.28 18.17
C ALA K 16 -10.13 34.95 17.58
N THR K 17 -11.02 34.26 18.29
CA THR K 17 -11.68 33.10 17.72
C THR K 17 -13.16 33.04 18.12
N ARG K 18 -14.00 32.47 17.25
CA ARG K 18 -15.40 32.13 17.59
C ARG K 18 -15.53 31.00 18.60
N ASN K 19 -14.47 30.26 18.83
CA ASN K 19 -14.45 29.22 19.86
C ASN K 19 -14.89 29.87 21.19
N ASP K 20 -15.99 29.37 21.77
CA ASP K 20 -16.60 30.01 22.94
C ASP K 20 -16.23 29.44 24.28
N LEU K 21 -15.10 28.73 24.34
CA LEU K 21 -14.51 28.42 25.63
C LEU K 21 -14.35 29.73 26.39
N PRO K 22 -14.69 29.74 27.69
CA PRO K 22 -14.59 31.01 28.38
C PRO K 22 -13.20 31.57 28.36
N SER K 23 -13.10 32.89 28.34
CA SER K 23 -11.82 33.60 28.24
CA SER K 23 -11.82 33.58 28.22
C SER K 23 -10.78 33.19 29.30
N ASN K 24 -11.22 32.96 30.53
CA ASN K 24 -10.24 32.58 31.55
C ASN K 24 -9.77 31.14 31.39
N THR K 25 -10.66 30.28 30.93
CA THR K 25 -10.28 28.91 30.54
C THR K 25 -9.25 28.92 29.40
N LYS K 26 -9.50 29.73 28.38
CA LYS K 26 -8.49 29.92 27.31
C LYS K 26 -7.12 30.31 27.87
N THR K 27 -7.09 31.34 28.71
CA THR K 27 -5.81 31.83 29.21
C THR K 27 -5.09 30.75 29.99
N THR K 28 -5.79 30.07 30.86
CA THR K 28 -5.23 29.04 31.72
CA THR K 28 -5.13 29.08 31.70
C THR K 28 -4.78 27.81 30.92
N MET K 29 -5.59 27.48 29.93
CA MET K 29 -5.28 26.29 29.11
C MET K 29 -4.13 26.53 28.14
N ILE K 30 -4.05 27.75 27.59
CA ILE K 30 -2.91 28.12 26.74
C ILE K 30 -1.61 28.00 27.56
N ALA K 31 -1.63 28.47 28.81
CA ALA K 31 -0.45 28.33 29.66
C ALA K 31 -0.13 26.86 29.94
N LEU K 32 -1.15 26.07 30.26
CA LEU K 32 -0.95 24.67 30.58
C LEU K 32 -0.40 23.88 29.37
N LEU K 33 -0.97 24.15 28.22
CA LEU K 33 -0.53 23.53 26.97
C LEU K 33 0.94 23.85 26.69
N ASN K 34 1.32 25.11 26.83
CA ASN K 34 2.71 25.50 26.59
C ASN K 34 3.72 24.88 27.58
N GLU K 35 3.31 24.70 28.82
CA GLU K 35 4.12 24.01 29.84
C GLU K 35 4.39 22.58 29.40
N ASN K 36 3.33 21.92 28.97
CA ASN K 36 3.45 20.55 28.49
C ASN K 36 4.16 20.42 27.14
N LEU K 37 4.01 21.45 26.30
CA LEU K 37 4.72 21.53 25.02
C LEU K 37 6.24 21.57 25.24
N ALA K 38 6.70 22.43 26.15
CA ALA K 38 8.10 22.54 26.39
C ALA K 38 8.67 21.17 26.90
N ALA K 39 7.96 20.52 27.82
CA ALA K 39 8.39 19.22 28.39
C ALA K 39 8.51 18.12 27.33
N THR K 40 7.52 18.08 26.42
CA THR K 40 7.44 17.03 25.39
C THR K 40 8.46 17.28 24.25
N ILE K 41 8.69 18.53 23.88
CA ILE K 41 9.72 18.85 22.88
C ILE K 41 11.10 18.45 23.43
N ASP K 42 11.36 18.84 24.67
CA ASP K 42 12.59 18.50 25.36
C ASP K 42 12.75 16.99 25.43
N LEU K 43 11.69 16.30 25.83
CA LEU K 43 11.74 14.83 25.84
C LEU K 43 11.99 14.22 24.45
N ALA K 44 11.41 14.82 23.42
CA ALA K 44 11.70 14.37 22.04
C ALA K 44 13.20 14.42 21.70
N LEU K 45 13.82 15.54 22.01
CA LEU K 45 15.25 15.71 21.69
C LEU K 45 16.10 14.76 22.55
N ILE K 46 15.73 14.59 23.83
CA ILE K 46 16.41 13.64 24.73
C ILE K 46 16.38 12.20 24.18
N THR K 47 15.22 11.83 23.65
CA THR K 47 14.99 10.49 23.11
C THR K 47 15.96 10.21 21.94
N LYS K 48 16.12 11.16 21.03
CA LYS K 48 17.05 11.02 19.92
C LYS K 48 18.51 11.01 20.43
N GLN K 49 18.84 11.87 21.39
CA GLN K 49 20.18 11.88 22.00
C GLN K 49 20.58 10.48 22.47
N ALA K 50 19.69 9.82 23.21
CA ALA K 50 19.96 8.47 23.65
C ALA K 50 20.06 7.49 22.48
N HIS K 51 19.13 7.59 21.55
CA HIS K 51 19.08 6.76 20.34
C HIS K 51 20.42 6.73 19.58
N TRP K 52 21.06 7.89 19.43
CA TRP K 52 22.27 7.96 18.63
C TRP K 52 23.45 7.37 19.39
N ASN K 53 23.46 7.59 20.69
CA ASN K 53 24.69 7.35 21.49
C ASN K 53 24.73 6.08 22.31
N LEU K 54 23.65 5.29 22.34
CA LEU K 54 23.66 4.10 23.18
C LEU K 54 24.59 3.01 22.60
N LYS K 55 25.15 2.22 23.51
CA LYS K 55 26.16 1.22 23.19
C LYS K 55 26.01 0.08 24.18
N GLY K 56 26.17 -1.16 23.70
CA GLY K 56 26.04 -2.31 24.58
C GLY K 56 25.22 -3.42 23.94
N PRO K 57 25.10 -4.56 24.64
CA PRO K 57 24.50 -5.80 24.12
C PRO K 57 23.10 -5.64 23.55
N GLN K 58 22.33 -4.72 24.14
CA GLN K 58 20.94 -4.43 23.72
C GLN K 58 20.83 -3.33 22.68
N PHE K 59 21.94 -2.96 22.05
CA PHE K 59 21.91 -1.80 21.14
C PHE K 59 20.71 -1.74 20.15
N ILE K 60 20.57 -2.70 19.26
CA ILE K 60 19.68 -2.47 18.11
C ILE K 60 18.21 -2.45 18.57
N ALA K 61 17.85 -3.34 19.51
CA ALA K 61 16.46 -3.37 19.97
C ALA K 61 16.05 -2.04 20.61
N VAL K 62 16.93 -1.54 21.47
CA VAL K 62 16.63 -0.30 22.19
C VAL K 62 16.76 0.91 21.24
N HIS K 63 17.74 0.89 20.35
CA HIS K 63 17.92 1.94 19.33
C HIS K 63 16.57 2.13 18.59
N GLU K 64 16.02 1.04 18.07
CA GLU K 64 14.79 1.05 17.32
C GLU K 64 13.60 1.43 18.17
N MET K 65 13.50 0.90 19.38
CA MET K 65 12.42 1.23 20.26
C MET K 65 12.32 2.75 20.42
N LEU K 66 13.47 3.41 20.64
CA LEU K 66 13.49 4.85 20.88
C LEU K 66 13.00 5.68 19.69
N ASP K 67 13.20 5.19 18.47
CA ASP K 67 12.55 5.82 17.31
C ASP K 67 11.01 5.79 17.35
N GLY K 68 10.46 4.68 17.83
CA GLY K 68 9.01 4.56 17.98
C GLY K 68 8.52 5.61 18.97
N PHE K 69 9.26 5.77 20.07
CA PHE K 69 8.89 6.75 21.08
C PHE K 69 8.86 8.14 20.49
N ARG K 70 9.90 8.47 19.72
CA ARG K 70 10.03 9.79 19.18
C ARG K 70 8.92 10.10 18.19
N ALA K 71 8.55 9.12 17.35
CA ALA K 71 7.43 9.28 16.45
C ALA K 71 6.13 9.62 17.20
N GLU K 72 5.87 8.94 18.29
CA GLU K 72 4.67 9.22 19.05
C GLU K 72 4.72 10.58 19.72
N LEU K 73 5.89 10.91 20.28
CA LEU K 73 6.04 12.21 20.94
C LEU K 73 5.79 13.33 19.92
N ASP K 74 6.30 13.16 18.71
CA ASP K 74 6.10 14.17 17.68
C ASP K 74 4.62 14.46 17.46
N ASP K 75 3.79 13.41 17.44
CA ASP K 75 2.37 13.60 17.19
C ASP K 75 1.70 14.36 18.31
N HIS K 76 2.07 14.03 19.55
CA HIS K 76 1.49 14.71 20.70
C HIS K 76 1.98 16.15 20.85
N VAL K 77 3.23 16.41 20.50
CA VAL K 77 3.79 17.77 20.45
C VAL K 77 2.93 18.64 19.51
N ASP K 78 2.68 18.14 18.30
CA ASP K 78 1.81 18.83 17.34
CA ASP K 78 1.85 18.87 17.35
C ASP K 78 0.42 19.09 17.89
N THR K 79 -0.18 18.07 18.48
CA THR K 79 -1.55 18.19 18.93
C THR K 79 -1.67 19.24 20.05
N ILE K 80 -0.70 19.19 20.96
CA ILE K 80 -0.68 20.11 22.09
C ILE K 80 -0.47 21.55 21.61
N ALA K 81 0.54 21.75 20.79
CA ALA K 81 0.80 23.08 20.26
C ALA K 81 -0.40 23.63 19.50
N GLU K 82 -0.98 22.84 18.64
CA GLU K 82 -2.09 23.31 17.82
C GLU K 82 -3.30 23.62 18.67
N ARG K 83 -3.50 22.88 19.76
CA ARG K 83 -4.64 23.19 20.63
C ARG K 83 -4.51 24.58 21.27
N ALA K 84 -3.30 24.94 21.69
CA ALA K 84 -3.07 26.28 22.24
C ALA K 84 -3.45 27.36 21.21
N VAL K 85 -3.10 27.09 19.95
CA VAL K 85 -3.36 28.05 18.87
C VAL K 85 -4.84 28.13 18.54
N GLN K 86 -5.50 26.97 18.50
CA GLN K 86 -6.94 26.88 18.23
C GLN K 86 -7.81 27.67 19.18
N ILE K 87 -7.38 27.76 20.44
CA ILE K 87 -8.17 28.45 21.45
C ILE K 87 -7.67 29.90 21.64
N GLY K 88 -6.92 30.39 20.66
CA GLY K 88 -6.55 31.83 20.59
C GLY K 88 -5.15 32.19 20.99
N GLY K 89 -4.32 31.21 21.28
CA GLY K 89 -3.02 31.46 21.85
C GLY K 89 -1.87 31.32 20.85
N THR K 90 -0.68 31.53 21.38
CA THR K 90 0.57 31.25 20.72
C THR K 90 1.19 29.96 21.28
N ALA K 91 1.75 29.16 20.38
CA ALA K 91 2.53 27.97 20.75
C ALA K 91 4.00 28.36 20.80
N TYR K 92 4.65 28.02 21.90
CA TYR K 92 6.05 28.38 22.13
C TYR K 92 6.90 27.13 22.15
N GLY K 93 7.65 26.91 21.06
CA GLY K 93 8.41 25.67 20.87
C GLY K 93 9.81 25.85 20.35
N THR K 94 10.37 27.06 20.43
CA THR K 94 11.76 27.24 19.99
C THR K 94 12.74 26.71 21.05
N THR K 95 13.98 26.48 20.63
CA THR K 95 15.03 26.00 21.52
CA THR K 95 15.00 25.99 21.57
C THR K 95 15.15 26.91 22.75
N GLN K 96 15.09 28.22 22.51
CA GLN K 96 15.27 29.19 23.60
C GLN K 96 14.14 29.12 24.61
N VAL K 97 12.93 28.92 24.12
CA VAL K 97 11.82 28.73 25.04
C VAL K 97 11.93 27.39 25.79
N VAL K 98 12.16 26.31 25.06
CA VAL K 98 12.16 24.98 25.68
C VAL K 98 13.24 24.84 26.76
N VAL K 99 14.43 25.40 26.52
CA VAL K 99 15.52 25.28 27.50
C VAL K 99 15.16 26.02 28.82
N LYS K 100 14.33 27.05 28.72
CA LYS K 100 13.87 27.85 29.85
C LYS K 100 12.68 27.25 30.57
N GLU K 101 11.74 26.71 29.82
CA GLU K 101 10.43 26.32 30.34
C GLU K 101 10.31 24.83 30.64
N SER K 102 11.19 24.01 30.09
CA SER K 102 11.21 22.59 30.48
C SER K 102 11.89 22.43 31.83
N ARG K 103 11.30 21.64 32.72
CA ARG K 103 11.96 21.39 34.02
C ARG K 103 12.70 20.07 34.04
N LEU K 104 12.90 19.45 32.88
CA LEU K 104 13.64 18.21 32.83
C LEU K 104 15.12 18.47 33.08
N LYS K 105 15.73 17.63 33.93
CA LYS K 105 17.16 17.74 34.17
C LYS K 105 17.93 17.59 32.86
N PRO K 106 18.88 18.49 32.57
CA PRO K 106 19.64 18.32 31.35
C PRO K 106 20.14 16.91 31.17
N TYR K 107 19.90 16.35 29.99
CA TYR K 107 20.26 14.97 29.72
C TYR K 107 21.79 14.85 29.56
N PRO K 108 22.40 13.84 30.19
CA PRO K 108 23.87 13.78 30.07
C PRO K 108 24.36 13.38 28.70
N THR K 109 25.44 14.03 28.23
CA THR K 109 25.95 13.80 26.87
C THR K 109 27.19 12.90 26.90
N ASP K 110 27.50 12.39 28.09
CA ASP K 110 28.67 11.57 28.29
C ASP K 110 28.37 10.20 28.84
N ILE K 111 27.15 9.71 28.59
CA ILE K 111 26.81 8.32 28.90
C ILE K 111 26.56 7.55 27.61
N TYR K 112 26.79 6.26 27.70
CA TYR K 112 26.83 5.39 26.53
C TYR K 112 26.17 4.04 26.76
N ALA K 113 26.50 3.38 27.86
CA ALA K 113 25.97 2.07 28.19
C ALA K 113 24.45 2.13 28.09
N VAL K 114 23.84 1.10 27.51
CA VAL K 114 22.38 1.08 27.37
C VAL K 114 21.70 1.23 28.72
N HIS K 115 22.22 0.53 29.73
CA HIS K 115 21.66 0.62 31.06
C HIS K 115 21.67 2.07 31.54
N ASP K 116 22.73 2.84 31.24
CA ASP K 116 22.84 4.21 31.72
C ASP K 116 21.74 5.07 31.07
N HIS K 117 21.57 4.90 29.76
CA HIS K 117 20.50 5.60 29.03
C HIS K 117 19.10 5.19 29.52
N LEU K 118 18.90 3.91 29.75
CA LEU K 118 17.59 3.48 30.24
C LEU K 118 17.21 4.17 31.52
N VAL K 119 18.15 4.25 32.45
CA VAL K 119 17.85 4.78 33.77
C VAL K 119 17.66 6.31 33.69
N ALA K 120 18.46 6.98 32.85
CA ALA K 120 18.34 8.41 32.64
C ALA K 120 16.99 8.76 31.97
N LEU K 121 16.64 7.95 30.95
CA LEU K 121 15.37 8.10 30.23
C LEU K 121 14.17 7.86 31.14
N ILE K 122 14.25 6.82 31.96
CA ILE K 122 13.19 6.54 32.93
C ILE K 122 12.91 7.76 33.79
N GLU K 123 13.94 8.47 34.22
CA GLU K 123 13.71 9.65 35.08
C GLU K 123 12.98 10.74 34.31
N ARG K 124 13.38 10.97 33.08
CA ARG K 124 12.79 12.07 32.28
C ARG K 124 11.36 11.68 31.80
N TYR K 125 11.20 10.47 31.25
CA TYR K 125 9.88 9.95 30.87
C TYR K 125 8.92 9.92 32.06
N GLY K 126 9.42 9.54 33.25
CA GLY K 126 8.56 9.57 34.42
C GLY K 126 8.08 11.01 34.69
N ASP K 127 9.00 11.98 34.62
CA ASP K 127 8.62 13.35 34.89
C ASP K 127 7.53 13.84 33.92
N VAL K 128 7.71 13.58 32.64
CA VAL K 128 6.76 14.09 31.64
C VAL K 128 5.46 13.31 31.77
N ALA K 129 5.56 11.99 31.94
CA ALA K 129 4.35 11.20 32.09
C ALA K 129 3.51 11.74 33.22
N ASN K 130 4.15 12.02 34.35
CA ASN K 130 3.37 12.46 35.50
C ASN K 130 2.85 13.89 35.33
N LEU K 131 3.58 14.74 34.65
CA LEU K 131 3.09 16.11 34.31
C LEU K 131 1.82 16.06 33.45
N VAL K 132 1.88 15.22 32.41
CA VAL K 132 0.80 15.20 31.43
C VAL K 132 -0.43 14.57 32.07
N ARG K 133 -0.23 13.54 32.87
CA ARG K 133 -1.35 12.91 33.56
C ARG K 133 -2.08 13.90 34.49
N LYS K 134 -1.34 14.69 35.27
CA LYS K 134 -1.92 15.69 36.14
C LYS K 134 -2.67 16.74 35.30
N SER K 135 -2.09 17.07 34.16
CA SER K 135 -2.65 18.10 33.30
C SER K 135 -4.02 17.71 32.76
N ILE K 136 -4.28 16.41 32.60
CA ILE K 136 -5.63 15.94 32.24
C ILE K 136 -6.62 16.49 33.25
N LYS K 137 -6.31 16.28 34.52
CA LYS K 137 -7.23 16.70 35.56
C LYS K 137 -7.33 18.23 35.61
N ASP K 138 -6.21 18.94 35.47
CA ASP K 138 -6.25 20.41 35.44
C ASP K 138 -7.16 20.95 34.33
N ALA K 139 -7.08 20.34 33.14
CA ALA K 139 -7.92 20.75 32.03
C ALA K 139 -9.39 20.42 32.27
N ASP K 140 -9.66 19.24 32.82
CA ASP K 140 -11.05 18.82 33.08
CA ASP K 140 -11.04 18.81 33.08
C ASP K 140 -11.65 19.76 34.10
N ASP K 141 -10.86 20.09 35.13
CA ASP K 141 -11.31 21.00 36.18
C ASP K 141 -11.55 22.38 35.62
N ALA K 142 -10.80 22.82 34.61
CA ALA K 142 -11.02 24.15 34.00
C ALA K 142 -12.20 24.18 33.01
N GLY K 143 -12.78 23.03 32.70
CA GLY K 143 -13.91 22.89 31.79
C GLY K 143 -13.53 22.78 30.31
N ASP K 144 -12.30 22.31 30.05
CA ASP K 144 -11.82 22.16 28.65
C ASP K 144 -11.63 20.68 28.37
N ASP K 145 -12.72 20.05 27.96
CA ASP K 145 -12.73 18.62 27.71
C ASP K 145 -11.84 18.20 26.56
N ASP K 146 -11.79 19.01 25.51
CA ASP K 146 -10.95 18.64 24.37
C ASP K 146 -9.47 18.66 24.74
N THR K 147 -9.08 19.68 25.50
CA THR K 147 -7.69 19.75 25.97
C THR K 147 -7.38 18.59 26.93
N ALA K 148 -8.32 18.25 27.80
CA ALA K 148 -8.18 17.08 28.67
C ALA K 148 -8.00 15.79 27.91
N ASP K 149 -8.76 15.59 26.84
CA ASP K 149 -8.59 14.45 25.95
C ASP K 149 -7.26 14.39 25.24
N ILE K 150 -6.78 15.53 24.73
CA ILE K 150 -5.45 15.64 24.15
C ILE K 150 -4.42 15.15 25.15
N PHE K 151 -4.50 15.64 26.39
CA PHE K 151 -3.55 15.19 27.41
C PHE K 151 -3.70 13.70 27.75
N THR K 152 -4.93 13.18 27.66
CA THR K 152 -5.21 11.77 27.93
C THR K 152 -4.58 10.87 26.89
N ALA K 153 -4.69 11.22 25.60
CA ALA K 153 -3.99 10.47 24.56
C ALA K 153 -2.47 10.50 24.72
N ALA K 154 -1.95 11.69 25.01
CA ALA K 154 -0.51 11.87 25.26
C ALA K 154 -0.09 11.06 26.48
N SER K 155 -0.92 11.06 27.53
CA SER K 155 -0.57 10.38 28.76
C SER K 155 -0.56 8.88 28.54
N ARG K 156 -1.56 8.37 27.82
CA ARG K 156 -1.56 6.94 27.49
C ARG K 156 -0.26 6.53 26.79
N SER K 157 0.17 7.30 25.80
CA SER K 157 1.44 7.05 25.08
CA SER K 157 1.40 7.04 25.10
C SER K 157 2.63 7.10 26.03
N LEU K 158 2.67 8.10 26.88
CA LEU K 158 3.82 8.30 27.80
C LEU K 158 3.88 7.18 28.82
N ASP K 159 2.74 6.79 29.34
CA ASP K 159 2.69 5.70 30.38
C ASP K 159 3.12 4.37 29.76
N LYS K 160 2.75 4.14 28.50
CA LYS K 160 3.19 2.95 27.81
C LYS K 160 4.69 2.97 27.51
N ALA K 161 5.21 4.13 27.10
CA ALA K 161 6.63 4.26 26.81
C ALA K 161 7.44 4.12 28.11
N LEU K 162 6.95 4.70 29.20
CA LEU K 162 7.58 4.59 30.51
C LEU K 162 7.72 3.09 30.90
N TRP K 163 6.64 2.34 30.71
CA TRP K 163 6.63 0.89 30.92
C TRP K 163 7.67 0.20 30.02
N PHE K 164 7.69 0.51 28.72
CA PHE K 164 8.65 -0.14 27.83
C PHE K 164 10.08 0.05 28.40
N LEU K 165 10.35 1.23 28.95
CA LEU K 165 11.69 1.53 29.49
C LEU K 165 11.91 0.75 30.80
N GLU K 166 10.94 0.91 31.71
CA GLU K 166 11.03 0.31 33.04
C GLU K 166 11.11 -1.21 33.00
N ALA K 167 10.42 -1.82 32.04
CA ALA K 167 10.37 -3.27 31.95
C ALA K 167 11.76 -3.83 31.70
N HIS K 168 12.62 -3.01 31.10
CA HIS K 168 14.00 -3.41 30.83
C HIS K 168 14.84 -3.53 32.11
N VAL K 169 14.48 -2.77 33.15
CA VAL K 169 15.33 -2.73 34.38
C VAL K 169 14.63 -3.35 35.60
N GLN K 170 13.34 -3.67 35.48
CA GLN K 170 12.58 -4.26 36.58
C GLN K 170 12.97 -5.68 36.96
N GLU K 171 13.60 -6.37 36.02
CA GLU K 171 14.30 -7.63 36.27
C GLU K 171 15.65 -7.55 35.62
N SER K 172 16.52 -8.50 35.97
CA SER K 172 17.90 -8.46 35.47
C SER K 172 18.24 -9.61 34.58
N ASN K 173 17.34 -10.60 34.51
CA ASN K 173 17.51 -11.78 33.68
C ASN K 173 16.39 -11.88 32.64
N SER L 13 34.73 10.74 25.13
CA SER L 13 33.64 10.96 24.11
C SER L 13 33.81 10.12 22.84
N MET L 14 34.95 9.42 22.74
CA MET L 14 35.23 8.58 21.59
C MET L 14 35.12 7.12 21.96
N HIS L 15 34.86 6.30 20.94
CA HIS L 15 34.86 4.84 21.06
C HIS L 15 35.58 4.29 19.87
N ALA L 16 36.14 3.10 20.07
CA ALA L 16 37.04 2.47 19.09
C ALA L 16 36.21 1.93 17.92
N THR L 17 36.73 2.05 16.71
CA THR L 17 36.10 1.51 15.51
C THR L 17 37.15 1.03 14.50
N ARG L 18 36.84 -0.06 13.80
CA ARG L 18 37.63 -0.53 12.66
C ARG L 18 37.63 0.43 11.47
N ASN L 19 36.66 1.35 11.43
CA ASN L 19 36.64 2.36 10.37
C ASN L 19 38.03 2.99 10.33
N ASP L 20 38.70 2.95 9.16
CA ASP L 20 40.10 3.40 9.07
C ASP L 20 40.30 4.80 8.52
N LEU L 21 39.25 5.63 8.51
CA LEU L 21 39.45 7.06 8.29
C LEU L 21 40.56 7.55 9.21
N PRO L 22 41.45 8.41 8.72
CA PRO L 22 42.55 8.83 9.61
C PRO L 22 42.06 9.51 10.88
N SER L 23 42.80 9.35 11.97
CA SER L 23 42.34 9.85 13.27
CA SER L 23 42.36 9.86 13.28
C SER L 23 42.03 11.35 13.27
N ASN L 24 42.82 12.14 12.55
CA ASN L 24 42.59 13.59 12.53
C ASN L 24 41.39 13.96 11.65
N THR L 25 41.15 13.15 10.61
CA THR L 25 39.95 13.29 9.80
C THR L 25 38.72 13.01 10.67
N LYS L 26 38.76 11.96 11.47
CA LYS L 26 37.66 11.63 12.37
C LYS L 26 37.34 12.78 13.31
N THR L 27 38.36 13.29 13.97
CA THR L 27 38.20 14.35 14.95
CA THR L 27 38.14 14.33 14.96
C THR L 27 37.59 15.61 14.32
N THR L 28 38.13 16.01 13.18
CA THR L 28 37.64 17.22 12.53
CA THR L 28 37.68 17.19 12.46
C THR L 28 36.23 17.01 11.97
N MET L 29 35.95 15.81 11.47
CA MET L 29 34.59 15.53 10.94
C MET L 29 33.56 15.41 12.02
N ILE L 30 33.92 14.82 13.15
CA ILE L 30 33.00 14.79 14.29
C ILE L 30 32.61 16.20 14.72
N ALA L 31 33.57 17.12 14.80
CA ALA L 31 33.22 18.50 15.12
C ALA L 31 32.30 19.16 14.05
N LEU L 32 32.62 18.97 12.77
CA LEU L 32 31.88 19.59 11.69
C LEU L 32 30.45 19.05 11.66
N LEU L 33 30.33 17.74 11.82
CA LEU L 33 29.00 17.10 11.91
C LEU L 33 28.16 17.65 13.08
N ASN L 34 28.75 17.73 14.27
CA ASN L 34 28.04 18.30 15.41
C ASN L 34 27.68 19.77 15.22
N GLU L 35 28.51 20.53 14.54
CA GLU L 35 28.14 21.92 14.27
C GLU L 35 26.90 21.99 13.36
N ASN L 36 26.90 21.19 12.31
CA ASN L 36 25.75 21.09 11.42
C ASN L 36 24.51 20.50 12.10
N LEU L 37 24.72 19.53 12.98
CA LEU L 37 23.66 18.90 13.75
C LEU L 37 22.92 19.93 14.62
N ALA L 38 23.68 20.79 15.29
CA ALA L 38 23.08 21.84 16.12
C ALA L 38 22.22 22.77 15.29
N ALA L 39 22.73 23.18 14.15
CA ALA L 39 21.99 24.14 13.32
C ALA L 39 20.72 23.51 12.76
N THR L 40 20.79 22.22 12.42
CA THR L 40 19.68 21.59 11.73
C THR L 40 18.59 21.22 12.73
N ILE L 41 18.97 20.83 13.95
CA ILE L 41 17.98 20.55 14.99
C ILE L 41 17.25 21.86 15.32
N ASP L 42 18.02 22.93 15.48
CA ASP L 42 17.42 24.23 15.73
C ASP L 42 16.45 24.61 14.61
N LEU L 43 16.87 24.48 13.35
CA LEU L 43 16.01 24.78 12.23
C LEU L 43 14.72 23.93 12.22
N ALA L 44 14.81 22.69 12.68
CA ALA L 44 13.67 21.79 12.79
C ALA L 44 12.63 22.37 13.75
N LEU L 45 13.08 22.84 14.90
CA LEU L 45 12.14 23.40 15.89
C LEU L 45 11.54 24.69 15.39
N ILE L 46 12.37 25.49 14.72
CA ILE L 46 11.94 26.73 14.13
C ILE L 46 10.86 26.51 13.10
N THR L 47 11.05 25.48 12.29
CA THR L 47 10.12 25.14 11.24
C THR L 47 8.71 24.89 11.82
N LYS L 48 8.64 24.11 12.90
CA LYS L 48 7.37 23.84 13.56
C LYS L 48 6.80 25.09 14.24
N GLN L 49 7.67 25.89 14.85
CA GLN L 49 7.25 27.14 15.49
C GLN L 49 6.46 27.98 14.49
N ALA L 50 7.00 28.15 13.29
CA ALA L 50 6.30 28.90 12.24
C ALA L 50 5.01 28.18 11.81
N HIS L 51 5.10 26.87 11.62
CA HIS L 51 3.99 26.02 11.18
C HIS L 51 2.78 26.25 12.10
N TRP L 52 2.99 26.33 13.40
CA TRP L 52 1.85 26.44 14.30
C TRP L 52 1.19 27.81 14.32
N ASN L 53 2.01 28.85 14.19
CA ASN L 53 1.58 30.18 14.56
C ASN L 53 1.32 31.08 13.35
N LEU L 54 1.50 30.57 12.13
CA LEU L 54 1.26 31.41 10.97
C LEU L 54 -0.23 31.70 10.78
N LYS L 55 -0.51 32.90 10.27
CA LYS L 55 -1.85 33.39 10.06
C LYS L 55 -1.82 34.31 8.87
N GLY L 56 -2.88 34.25 8.08
CA GLY L 56 -2.98 35.07 6.90
C GLY L 56 -3.46 34.27 5.70
N PRO L 57 -3.64 34.95 4.56
CA PRO L 57 -4.32 34.37 3.43
C PRO L 57 -3.74 33.08 2.84
N GLN L 58 -2.44 32.88 2.98
CA GLN L 58 -1.80 31.66 2.44
C GLN L 58 -1.63 30.57 3.50
N PHE L 59 -2.41 30.65 4.59
CA PHE L 59 -2.18 29.78 5.71
C PHE L 59 -2.01 28.30 5.36
N ILE L 60 -3.00 27.68 4.72
CA ILE L 60 -3.01 26.21 4.71
C ILE L 60 -1.88 25.67 3.84
N ALA L 61 -1.61 26.32 2.71
CA ALA L 61 -0.55 25.85 1.80
C ALA L 61 0.81 25.94 2.47
N VAL L 62 1.08 27.05 3.13
CA VAL L 62 2.37 27.26 3.80
C VAL L 62 2.49 26.37 5.06
N HIS L 63 1.41 26.25 5.82
CA HIS L 63 1.31 25.34 6.95
C HIS L 63 1.74 23.91 6.55
N GLU L 64 1.16 23.37 5.49
CA GLU L 64 1.47 22.03 5.02
C GLU L 64 2.87 21.94 4.45
N MET L 65 3.29 22.98 3.69
CA MET L 65 4.64 23.00 3.15
C MET L 65 5.69 22.87 4.25
N LEU L 66 5.48 23.57 5.34
CA LEU L 66 6.43 23.53 6.46
C LEU L 66 6.52 22.16 7.12
N ASP L 67 5.44 21.37 7.07
CA ASP L 67 5.55 19.99 7.57
C ASP L 67 6.44 19.10 6.68
N GLY L 68 6.35 19.30 5.36
CA GLY L 68 7.24 18.63 4.43
C GLY L 68 8.69 18.97 4.76
N PHE L 69 8.96 20.26 4.98
CA PHE L 69 10.33 20.69 5.34
C PHE L 69 10.80 19.96 6.62
N ARG L 70 9.96 19.90 7.65
CA ARG L 70 10.36 19.29 8.93
C ARG L 70 10.72 17.80 8.74
N ALA L 71 9.90 17.08 7.96
CA ALA L 71 10.15 15.68 7.68
C ALA L 71 11.49 15.47 7.02
N GLU L 72 11.84 16.32 6.07
CA GLU L 72 13.16 16.18 5.45
C GLU L 72 14.28 16.53 6.40
N LEU L 73 14.12 17.61 7.18
CA LEU L 73 15.15 17.96 8.17
C LEU L 73 15.38 16.83 9.11
N ASP L 74 14.30 16.17 9.55
CA ASP L 74 14.43 15.10 10.53
C ASP L 74 15.35 14.00 9.98
N ASP L 75 15.19 13.65 8.72
CA ASP L 75 15.98 12.62 8.11
C ASP L 75 17.47 13.03 8.07
N HIS L 76 17.75 14.26 7.67
CA HIS L 76 19.13 14.73 7.68
C HIS L 76 19.75 14.86 9.04
N VAL L 77 18.99 15.31 10.03
CA VAL L 77 19.46 15.37 11.41
C VAL L 77 19.94 13.99 11.84
N ASP L 78 19.14 12.96 11.59
CA ASP L 78 19.54 11.60 11.95
CA ASP L 78 19.54 11.57 11.90
C ASP L 78 20.80 11.13 11.18
N THR L 79 20.88 11.37 9.89
CA THR L 79 22.02 10.97 9.10
C THR L 79 23.32 11.65 9.54
N ILE L 80 23.23 12.94 9.89
CA ILE L 80 24.38 13.70 10.40
C ILE L 80 24.79 13.20 11.78
N ALA L 81 23.84 13.03 12.68
CA ALA L 81 24.16 12.54 14.02
C ALA L 81 24.81 11.16 13.94
N GLU L 82 24.23 10.29 13.14
CA GLU L 82 24.70 8.92 13.15
C GLU L 82 26.07 8.79 12.50
N ARG L 83 26.37 9.69 11.56
CA ARG L 83 27.69 9.74 10.91
C ARG L 83 28.77 10.08 11.94
N ALA L 84 28.47 11.04 12.83
CA ALA L 84 29.43 11.37 13.88
C ALA L 84 29.73 10.17 14.74
N VAL L 85 28.70 9.39 15.08
CA VAL L 85 28.83 8.22 15.96
C VAL L 85 29.57 7.11 15.19
N GLN L 86 29.25 6.91 13.92
CA GLN L 86 29.91 5.87 13.10
C GLN L 86 31.41 6.00 13.01
N ILE L 87 31.89 7.21 13.04
CA ILE L 87 33.32 7.45 12.89
C ILE L 87 33.98 7.55 14.24
N GLY L 88 33.26 7.19 15.29
CA GLY L 88 33.80 7.03 16.62
C GLY L 88 33.52 8.13 17.63
N GLY L 89 32.66 9.08 17.26
CA GLY L 89 32.35 10.22 18.10
C GLY L 89 31.03 10.12 18.83
N THR L 90 30.69 11.23 19.49
CA THR L 90 29.41 11.41 20.19
C THR L 90 28.58 12.40 19.38
N ALA L 91 27.27 12.15 19.27
CA ALA L 91 26.34 13.12 18.67
C ALA L 91 25.74 13.95 19.79
N TYR L 92 25.77 15.28 19.63
CA TYR L 92 25.28 16.21 20.68
C TYR L 92 24.08 16.96 20.17
N GLY L 93 22.90 16.61 20.68
CA GLY L 93 21.65 17.12 20.17
C GLY L 93 20.60 17.43 21.22
N THR L 94 21.01 17.65 22.46
CA THR L 94 20.07 18.01 23.54
C THR L 94 19.74 19.51 23.45
N THR L 95 18.65 19.95 24.07
CA THR L 95 18.28 21.36 24.03
CA THR L 95 18.29 21.38 24.01
C THR L 95 19.42 22.27 24.52
N GLN L 96 20.09 21.87 25.60
CA GLN L 96 21.15 22.70 26.16
C GLN L 96 22.32 22.83 25.19
N VAL L 97 22.67 21.76 24.48
CA VAL L 97 23.73 21.85 23.49
C VAL L 97 23.30 22.72 22.31
N VAL L 98 22.08 22.48 21.81
CA VAL L 98 21.61 23.17 20.62
C VAL L 98 21.49 24.70 20.87
N VAL L 99 20.98 25.10 22.01
CA VAL L 99 20.87 26.54 22.29
C VAL L 99 22.26 27.23 22.34
N LYS L 100 23.27 26.48 22.72
CA LYS L 100 24.64 27.01 22.82
C LYS L 100 25.41 26.94 21.50
N GLU L 101 25.20 25.88 20.74
CA GLU L 101 26.04 25.61 19.57
C GLU L 101 25.42 25.98 18.22
N SER L 102 24.10 26.13 18.16
CA SER L 102 23.46 26.60 16.94
C SER L 102 23.90 28.02 16.60
N ARG L 103 24.27 28.22 15.36
CA ARG L 103 24.64 29.55 14.90
C ARG L 103 23.46 30.44 14.54
N LEU L 104 22.22 29.93 14.63
CA LEU L 104 21.09 30.70 14.16
C LEU L 104 20.65 31.76 15.14
N LYS L 105 20.17 32.87 14.59
CA LYS L 105 19.52 33.87 15.42
C LYS L 105 18.22 33.34 16.01
N PRO L 106 18.00 33.56 17.33
CA PRO L 106 16.79 33.06 17.94
C PRO L 106 15.54 33.50 17.15
N TYR L 107 14.64 32.55 16.93
CA TYR L 107 13.47 32.82 16.11
C TYR L 107 12.43 33.56 16.94
N PRO L 108 11.84 34.63 16.37
CA PRO L 108 10.83 35.39 17.14
C PRO L 108 9.53 34.64 17.39
N THR L 109 9.03 34.75 18.62
CA THR L 109 7.83 34.07 19.04
C THR L 109 6.62 34.99 19.03
N ASP L 110 6.77 36.22 18.50
CA ASP L 110 5.71 37.21 18.52
C ASP L 110 5.34 37.66 17.12
N ILE L 111 5.58 36.80 16.14
CA ILE L 111 5.13 37.06 14.76
C ILE L 111 4.12 36.01 14.33
N TYR L 112 3.27 36.42 13.41
CA TYR L 112 2.08 35.66 13.03
C TYR L 112 1.82 35.76 11.52
N ALA L 113 1.90 36.96 10.94
CA ALA L 113 1.61 37.11 9.49
C ALA L 113 2.45 36.14 8.67
N VAL L 114 1.85 35.46 7.70
CA VAL L 114 2.62 34.54 6.87
C VAL L 114 3.87 35.21 6.31
N HIS L 115 3.73 36.42 5.82
CA HIS L 115 4.89 37.13 5.26
C HIS L 115 6.03 37.29 6.26
N ASP L 116 5.71 37.63 7.50
CA ASP L 116 6.71 37.76 8.56
C ASP L 116 7.40 36.43 8.80
N HIS L 117 6.66 35.32 8.84
CA HIS L 117 7.31 34.02 8.99
C HIS L 117 8.16 33.66 7.77
N LEU L 118 7.66 33.90 6.57
CA LEU L 118 8.46 33.64 5.38
C LEU L 118 9.82 34.36 5.46
N VAL L 119 9.79 35.65 5.80
CA VAL L 119 11.05 36.43 5.83
C VAL L 119 11.97 35.84 6.89
N ALA L 120 11.44 35.56 8.08
CA ALA L 120 12.25 35.03 9.17
C ALA L 120 12.85 33.66 8.83
N LEU L 121 12.01 32.80 8.26
CA LEU L 121 12.45 31.49 7.82
C LEU L 121 13.52 31.55 6.74
N ILE L 122 13.38 32.46 5.78
CA ILE L 122 14.38 32.61 4.73
C ILE L 122 15.75 32.94 5.35
N GLU L 123 15.78 33.77 6.39
CA GLU L 123 17.04 34.09 7.06
CA GLU L 123 17.06 34.08 7.07
C GLU L 123 17.66 32.82 7.62
N ARG L 124 16.84 32.04 8.33
CA ARG L 124 17.35 30.84 9.01
C ARG L 124 17.69 29.73 8.04
N TYR L 125 16.81 29.46 7.08
CA TYR L 125 17.10 28.46 6.05
C TYR L 125 18.32 28.85 5.23
N GLY L 126 18.48 30.13 4.93
CA GLY L 126 19.66 30.58 4.21
C GLY L 126 20.94 30.27 4.98
N ASP L 127 20.91 30.55 6.28
CA ASP L 127 22.10 30.32 7.11
C ASP L 127 22.47 28.84 7.14
N VAL L 128 21.48 27.97 7.39
CA VAL L 128 21.75 26.56 7.44
C VAL L 128 22.15 26.02 6.06
N ALA L 129 21.43 26.39 5.02
CA ALA L 129 21.77 25.95 3.64
C ALA L 129 23.19 26.32 3.30
N ASN L 130 23.58 27.54 3.60
CA ASN L 130 24.96 27.97 3.31
C ASN L 130 26.02 27.23 4.14
N LEU L 131 25.72 26.99 5.42
CA LEU L 131 26.61 26.23 6.25
C LEU L 131 26.80 24.81 5.71
N VAL L 132 25.69 24.15 5.36
CA VAL L 132 25.78 22.75 4.96
C VAL L 132 26.50 22.64 3.63
N ARG L 133 26.22 23.57 2.72
CA ARG L 133 26.86 23.58 1.40
C ARG L 133 28.39 23.71 1.53
N LYS L 134 28.83 24.66 2.38
CA LYS L 134 30.26 24.81 2.68
C LYS L 134 30.86 23.53 3.25
N SER L 135 30.10 22.90 4.14
CA SER L 135 30.58 21.74 4.87
C SER L 135 30.85 20.55 3.96
N ILE L 136 30.19 20.48 2.79
CA ILE L 136 30.48 19.47 1.79
C ILE L 136 31.97 19.54 1.40
N LYS L 137 32.39 20.76 1.10
CA LYS L 137 33.77 21.03 0.66
C LYS L 137 34.74 20.80 1.81
N ASP L 138 34.38 21.24 3.01
CA ASP L 138 35.24 20.99 4.17
C ASP L 138 35.45 19.50 4.36
N ALA L 139 34.38 18.71 4.22
CA ALA L 139 34.52 17.28 4.31
C ALA L 139 35.33 16.66 3.20
N ASP L 140 35.09 17.09 1.97
CA ASP L 140 35.84 16.60 0.82
CA ASP L 140 35.85 16.61 0.82
C ASP L 140 37.35 16.92 0.99
N ASP L 141 37.67 18.11 1.46
CA ASP L 141 39.07 18.50 1.67
C ASP L 141 39.71 17.66 2.78
N ALA L 142 38.92 17.21 3.75
CA ALA L 142 39.42 16.36 4.82
C ALA L 142 39.55 14.87 4.42
N GLY L 143 39.09 14.54 3.21
CA GLY L 143 39.15 13.19 2.67
C GLY L 143 38.05 12.27 3.19
N ASP L 144 36.90 12.84 3.60
CA ASP L 144 35.81 12.04 4.13
C ASP L 144 34.64 12.14 3.11
N ASP L 145 34.68 11.25 2.14
CA ASP L 145 33.73 11.32 1.02
C ASP L 145 32.28 10.99 1.44
N ASP L 146 32.12 10.07 2.39
CA ASP L 146 30.79 9.70 2.86
C ASP L 146 30.16 10.89 3.60
N THR L 147 30.98 11.59 4.37
CA THR L 147 30.44 12.73 5.12
C THR L 147 30.11 13.84 4.11
N ALA L 148 30.97 14.05 3.13
CA ALA L 148 30.71 15.03 2.08
C ALA L 148 29.37 14.72 1.42
N ASP L 149 29.16 13.43 1.16
CA ASP L 149 27.94 12.99 0.50
C ASP L 149 26.68 13.24 1.34
N ILE L 150 26.79 12.98 2.64
CA ILE L 150 25.70 13.21 3.59
C ILE L 150 25.33 14.71 3.60
N PHE L 151 26.34 15.57 3.62
CA PHE L 151 26.06 16.99 3.51
C PHE L 151 25.51 17.40 2.14
N THR L 152 25.87 16.72 1.05
CA THR L 152 25.33 17.02 -0.27
C THR L 152 23.82 16.74 -0.31
N ALA L 153 23.41 15.60 0.24
CA ALA L 153 21.98 15.24 0.26
C ALA L 153 21.26 16.31 1.11
N ALA L 154 21.80 16.62 2.27
CA ALA L 154 21.20 17.67 3.12
C ALA L 154 21.14 19.04 2.43
N SER L 155 22.20 19.43 1.73
CA SER L 155 22.27 20.70 1.05
C SER L 155 21.26 20.75 -0.09
N ARG L 156 21.09 19.65 -0.80
CA ARG L 156 20.13 19.63 -1.88
C ARG L 156 18.72 19.89 -1.30
N SER L 157 18.40 19.27 -0.18
CA SER L 157 17.08 19.49 0.48
CA SER L 157 17.10 19.49 0.49
C SER L 157 16.95 20.95 0.96
N LEU L 158 18.00 21.47 1.59
CA LEU L 158 17.95 22.83 2.11
C LEU L 158 17.89 23.85 1.01
N ASP L 159 18.64 23.66 -0.08
CA ASP L 159 18.59 24.63 -1.19
C ASP L 159 17.22 24.66 -1.84
N LYS L 160 16.56 23.50 -1.88
CA LYS L 160 15.27 23.41 -2.50
C LYS L 160 14.23 24.05 -1.59
N ALA L 161 14.31 23.77 -0.30
CA ALA L 161 13.42 24.44 0.69
C ALA L 161 13.59 25.95 0.72
N LEU L 162 14.84 26.39 0.66
CA LEU L 162 15.10 27.82 0.59
C LEU L 162 14.39 28.46 -0.60
N TRP L 163 14.48 27.81 -1.76
CA TRP L 163 13.78 28.28 -2.96
C TRP L 163 12.24 28.29 -2.75
N PHE L 164 11.69 27.21 -2.21
CA PHE L 164 10.25 27.19 -1.95
C PHE L 164 9.88 28.40 -1.11
N LEU L 165 10.68 28.74 -0.12
CA LEU L 165 10.42 29.96 0.68
C LEU L 165 10.55 31.26 -0.10
N GLU L 166 11.69 31.44 -0.74
CA GLU L 166 11.98 32.66 -1.47
C GLU L 166 11.04 32.87 -2.64
N ALA L 167 10.58 31.78 -3.26
CA ALA L 167 9.71 31.90 -4.39
C ALA L 167 8.41 32.61 -4.00
N HIS L 168 8.02 32.50 -2.74
CA HIS L 168 6.79 33.16 -2.27
C HIS L 168 6.94 34.68 -2.19
N VAL L 169 8.17 35.15 -2.01
CA VAL L 169 8.43 36.59 -1.86
C VAL L 169 9.21 37.24 -3.02
N GLN L 170 9.67 36.46 -4.00
CA GLN L 170 10.48 37.00 -5.13
C GLN L 170 9.65 37.80 -6.17
N GLU L 171 8.33 37.66 -6.11
CA GLU L 171 7.41 38.51 -6.86
C GLU L 171 6.26 38.75 -5.87
N SER L 172 5.46 39.77 -6.13
CA SER L 172 4.40 40.19 -5.19
CA SER L 172 4.39 40.22 -5.21
C SER L 172 2.99 39.77 -5.62
N ASN L 173 2.87 39.17 -6.80
CA ASN L 173 1.58 38.68 -7.27
C ASN L 173 1.80 37.40 -8.06
#